data_8SFT
#
_entry.id   8SFT
#
_cell.length_a   83.277
_cell.length_b   159.906
_cell.length_c   163.311
_cell.angle_alpha   90.000
_cell.angle_beta   90.000
_cell.angle_gamma   90.000
#
_symmetry.space_group_name_H-M   'P 21 21 21'
#
loop_
_entity.id
_entity.type
_entity.pdbx_description
1 polymer 'UDP-glycosyltransferase 202A2'
2 non-polymer "URIDINE-5'-DIPHOSPHATE"
3 non-polymer 3,5,7-TRIHYDROXY-2-(4-HYDROXYPHENYL)-4H-CHROMEN-4-ONE
4 non-polymer 'SULFATE ION'
5 non-polymer 'UNKNOWN LIGAND'
6 water water
#
_entity_poly.entity_id   1
_entity_poly.type   'polypeptide(L)'
_entity_poly.pdbx_seq_one_letter_code
;MNPETMNENGKSLKILFTALFGPGHLNACLGIGSLLRKRGHQIYFAHFPRHRATIEKHGFLFISLLDYAEPEFPIVDMLP
DIGIIAKFAFERMHKLTPLELFRHASGKHTFAGMVNGSKGENYAMMKIVKEYKPDVCLADYLFNMPWMFTVDCPVIPVKS
VNPIELYNGPPALTGCSIHDPPSVREEIEQLARKSELELESELEKLFAHFNVPLVSYNYAQQLGIYIYPGPLDYKELGSP
KENWVRLDSSIRSTEISNFELPEKLKDKPGKLIYVSMGSLASAVTELLTMILTPLANSPHRFIVSTGPNGDSIKLYDNMW
GDKFINQVALLPKVDLFITHGGSNSLIEGLTAGKPLIAIPQFGDQLDNAQRIADLGLGVRLNLHEFSGEKLLKAIEDVLN
DEKINANVARVSEELKKSDSKDKVISLIEKLARDKKL
;
_entity_poly.pdbx_strand_id   A,B,C,D
#
loop_
_chem_comp.id
_chem_comp.type
_chem_comp.name
_chem_comp.formula
KMP non-polymer 3,5,7-TRIHYDROXY-2-(4-HYDROXYPHENYL)-4H-CHROMEN-4-ONE 'C15 H10 O6'
SO4 non-polymer 'SULFATE ION' 'O4 S -2'
UDP RNA linking URIDINE-5'-DIPHOSPHATE 'C9 H14 N2 O12 P2'
UNL non-polymer 'UNKNOWN LIGAND' ?
#
# COMPACT_ATOMS: atom_id res chain seq x y z
N LYS A 11 -16.28 28.14 23.21
CA LYS A 11 -15.25 27.97 22.16
C LYS A 11 -15.80 27.01 21.07
N SER A 12 -16.38 25.88 21.46
CA SER A 12 -16.89 24.81 20.58
C SER A 12 -18.35 25.10 20.17
N LEU A 13 -18.64 25.08 18.86
CA LEU A 13 -19.97 25.43 18.27
C LEU A 13 -20.76 24.17 17.87
N LYS A 14 -22.07 24.20 18.02
CA LYS A 14 -23.00 23.23 17.36
C LYS A 14 -23.32 23.78 15.96
N ILE A 15 -22.92 23.08 14.92
CA ILE A 15 -23.10 23.53 13.49
C ILE A 15 -23.91 22.48 12.73
N LEU A 16 -25.08 22.86 12.21
CA LEU A 16 -26.01 21.97 11.48
C LEU A 16 -25.91 22.24 9.98
N PHE A 17 -25.57 21.22 9.19
CA PHE A 17 -25.62 21.24 7.70
C PHE A 17 -26.90 20.54 7.21
N THR A 18 -27.39 20.97 6.06
CA THR A 18 -28.36 20.23 5.20
C THR A 18 -28.10 20.62 3.74
N ALA A 19 -28.69 19.91 2.80
CA ALA A 19 -28.48 20.07 1.34
C ALA A 19 -29.59 19.35 0.60
N LEU A 20 -29.76 19.59 -0.71
CA LEU A 20 -30.80 18.79 -1.39
C LEU A 20 -30.20 17.42 -1.69
N PHE A 21 -31.04 16.49 -2.16
CA PHE A 21 -30.70 15.05 -2.33
C PHE A 21 -29.39 14.84 -3.08
N GLY A 22 -29.12 15.68 -4.10
CA GLY A 22 -27.98 15.53 -5.01
C GLY A 22 -26.67 15.37 -4.25
N PRO A 23 -25.94 14.25 -4.46
CA PRO A 23 -24.59 14.06 -3.92
C PRO A 23 -23.62 15.24 -4.13
N GLY A 24 -23.77 15.98 -5.22
CA GLY A 24 -22.96 17.20 -5.47
C GLY A 24 -23.13 18.21 -4.36
N HIS A 25 -24.35 18.42 -3.89
CA HIS A 25 -24.68 19.40 -2.83
C HIS A 25 -24.16 18.88 -1.49
N LEU A 26 -24.41 17.61 -1.19
CA LEU A 26 -23.90 16.95 0.04
C LEU A 26 -22.36 17.02 0.08
N ASN A 27 -21.70 16.77 -1.03
CA ASN A 27 -20.21 16.60 -1.04
C ASN A 27 -19.59 17.94 -0.74
N ALA A 28 -20.08 19.00 -1.37
CA ALA A 28 -19.61 20.40 -1.14
C ALA A 28 -19.70 20.72 0.36
N CYS A 29 -20.79 20.32 1.01
CA CYS A 29 -21.01 20.57 2.46
C CYS A 29 -20.07 19.73 3.31
N LEU A 30 -19.80 18.47 2.91
CA LEU A 30 -18.90 17.56 3.65
C LEU A 30 -17.53 18.23 3.74
N GLY A 31 -17.06 18.80 2.63
CA GLY A 31 -15.79 19.57 2.57
C GLY A 31 -15.70 20.65 3.66
N ILE A 32 -16.72 21.50 3.79
CA ILE A 32 -16.72 22.59 4.81
C ILE A 32 -16.83 21.98 6.22
N GLY A 33 -17.68 20.98 6.39
CA GLY A 33 -17.81 20.24 7.65
C GLY A 33 -16.49 19.71 8.16
N SER A 34 -15.61 19.21 7.27
CA SER A 34 -14.25 18.70 7.62
C SER A 34 -13.46 19.84 8.27
N LEU A 35 -13.26 20.94 7.55
CA LEU A 35 -12.48 22.11 8.06
C LEU A 35 -12.98 22.50 9.45
N LEU A 36 -14.30 22.51 9.67
CA LEU A 36 -14.89 22.99 10.93
C LEU A 36 -14.67 21.99 12.07
N ARG A 37 -14.64 20.69 11.75
CA ARG A 37 -14.45 19.62 12.76
C ARG A 37 -13.02 19.67 13.29
N LYS A 38 -12.06 19.85 12.38
CA LYS A 38 -10.61 20.03 12.69
C LYS A 38 -10.41 21.17 13.71
N ARG A 39 -11.29 22.19 13.75
CA ARG A 39 -11.19 23.33 14.69
C ARG A 39 -11.97 23.03 15.98
N GLY A 40 -12.55 21.85 16.12
CA GLY A 40 -13.07 21.36 17.42
C GLY A 40 -14.55 21.63 17.61
N HIS A 41 -15.34 21.86 16.55
CA HIS A 41 -16.81 22.08 16.65
C HIS A 41 -17.59 20.76 16.47
N GLN A 42 -18.78 20.61 17.08
CA GLN A 42 -19.71 19.50 16.81
C GLN A 42 -20.52 19.76 15.52
N ILE A 43 -20.31 18.94 14.49
CA ILE A 43 -21.02 19.02 13.19
C ILE A 43 -22.23 18.06 13.19
N TYR A 44 -23.43 18.57 12.91
CA TYR A 44 -24.65 17.78 12.61
C TYR A 44 -24.97 17.95 11.12
N PHE A 45 -25.53 16.90 10.52
CA PHE A 45 -25.92 16.91 9.09
C PHE A 45 -27.33 16.33 8.94
N ALA A 46 -28.28 17.18 8.55
CA ALA A 46 -29.65 16.70 8.24
C ALA A 46 -29.74 16.32 6.76
N HIS A 47 -29.83 15.02 6.47
CA HIS A 47 -29.91 14.52 5.07
C HIS A 47 -30.69 13.20 5.03
N PHE A 48 -30.36 12.38 4.03
CA PHE A 48 -31.14 11.16 3.70
C PHE A 48 -30.36 9.91 4.11
N PRO A 49 -31.06 8.86 4.59
CA PRO A 49 -30.44 7.61 5.06
C PRO A 49 -29.37 6.97 4.15
N ARG A 50 -29.45 7.17 2.84
CA ARG A 50 -28.42 6.61 1.92
C ARG A 50 -27.08 7.34 2.08
N HIS A 51 -27.03 8.39 2.91
CA HIS A 51 -25.76 9.15 3.13
C HIS A 51 -25.30 9.09 4.58
N ARG A 52 -26.04 8.40 5.44
CA ARG A 52 -25.67 8.21 6.86
C ARG A 52 -24.20 7.74 6.96
N ALA A 53 -23.83 6.76 6.16
CA ALA A 53 -22.51 6.10 6.25
C ALA A 53 -21.41 7.15 6.02
N THR A 54 -21.46 7.90 4.94
CA THR A 54 -20.42 8.91 4.63
C THR A 54 -20.45 9.99 5.70
N ILE A 55 -21.64 10.40 6.10
CA ILE A 55 -21.79 11.49 7.08
C ILE A 55 -21.10 11.05 8.38
N GLU A 56 -21.36 9.82 8.85
CA GLU A 56 -20.85 9.34 10.16
C GLU A 56 -19.37 8.97 10.05
N LYS A 57 -18.90 8.58 8.87
CA LYS A 57 -17.48 8.25 8.60
C LYS A 57 -16.64 9.52 8.77
N HIS A 58 -17.15 10.68 8.32
CA HIS A 58 -16.46 12.00 8.46
C HIS A 58 -16.58 12.48 9.91
N GLY A 59 -17.41 11.86 10.72
CA GLY A 59 -17.51 12.12 12.17
C GLY A 59 -18.59 13.12 12.50
N PHE A 60 -19.55 13.34 11.60
CA PHE A 60 -20.68 14.27 11.83
C PHE A 60 -21.83 13.45 12.40
N LEU A 61 -22.70 14.06 13.21
CA LEU A 61 -23.92 13.40 13.71
C LEU A 61 -24.99 13.40 12.61
N PHE A 62 -25.54 12.24 12.27
CA PHE A 62 -26.55 12.10 11.19
C PHE A 62 -27.96 12.29 11.74
N ILE A 63 -28.74 13.14 11.08
CA ILE A 63 -30.19 13.35 11.34
C ILE A 63 -30.95 13.01 10.06
N SER A 64 -31.94 12.12 10.12
CA SER A 64 -32.78 11.75 8.95
C SER A 64 -33.88 12.79 8.75
N LEU A 65 -33.83 13.52 7.65
CA LEU A 65 -34.97 14.33 7.15
C LEU A 65 -36.28 13.53 7.26
N LEU A 66 -36.25 12.21 6.98
CA LEU A 66 -37.49 11.39 6.89
C LEU A 66 -38.17 11.25 8.27
N ASP A 67 -37.41 11.37 9.37
CA ASP A 67 -37.94 11.21 10.74
C ASP A 67 -38.73 12.44 11.20
N TYR A 68 -38.72 13.54 10.43
CA TYR A 68 -39.38 14.82 10.82
C TYR A 68 -40.42 15.23 9.76
N ALA A 69 -40.86 14.30 8.95
CA ALA A 69 -41.90 14.57 7.94
C ALA A 69 -43.25 14.89 8.59
N GLU A 70 -43.96 15.85 8.03
CA GLU A 70 -45.35 16.19 8.41
C GLU A 70 -46.24 15.20 7.65
N PRO A 71 -47.25 14.58 8.30
CA PRO A 71 -48.24 13.74 7.63
C PRO A 71 -48.85 14.30 6.33
N GLU A 72 -49.13 15.61 6.26
CA GLU A 72 -49.80 16.18 5.05
C GLU A 72 -48.76 16.57 4.00
N PHE A 73 -47.47 16.46 4.33
CA PHE A 73 -46.34 16.85 3.43
C PHE A 73 -45.23 15.80 3.48
N PRO A 74 -45.45 14.63 2.86
CA PRO A 74 -44.44 13.57 2.87
C PRO A 74 -43.20 13.96 2.07
N ILE A 75 -42.03 13.52 2.53
CA ILE A 75 -40.70 13.80 1.96
C ILE A 75 -40.23 12.48 1.33
N VAL A 76 -39.71 12.53 0.10
CA VAL A 76 -39.11 11.32 -0.50
C VAL A 76 -37.70 11.67 -0.95
N ASP A 77 -36.76 10.72 -0.94
CA ASP A 77 -35.42 11.00 -1.51
C ASP A 77 -35.60 10.75 -3.00
N MET A 78 -35.36 11.79 -3.80
CA MET A 78 -35.63 11.75 -5.25
C MET A 78 -34.46 11.19 -6.03
N LEU A 79 -33.40 10.73 -5.35
CA LEU A 79 -32.19 10.26 -6.09
C LEU A 79 -32.45 8.95 -6.85
N PRO A 80 -33.14 7.96 -6.28
CA PRO A 80 -33.44 6.73 -7.01
C PRO A 80 -34.34 6.92 -8.25
N ASP A 81 -34.96 8.08 -8.41
CA ASP A 81 -35.91 8.29 -9.53
C ASP A 81 -35.67 9.66 -10.19
N ILE A 82 -34.42 10.08 -10.32
CA ILE A 82 -34.09 11.40 -10.94
C ILE A 82 -33.89 11.20 -12.45
N GLY A 83 -33.71 9.96 -12.88
CA GLY A 83 -33.45 9.67 -14.31
C GLY A 83 -34.61 10.13 -15.19
N ILE A 84 -35.83 9.90 -14.75
CA ILE A 84 -37.02 10.38 -15.51
C ILE A 84 -36.76 11.84 -15.90
N ILE A 85 -36.49 12.69 -14.92
CA ILE A 85 -36.19 14.14 -15.18
C ILE A 85 -34.96 14.27 -16.10
N ALA A 86 -33.90 13.49 -15.86
CA ALA A 86 -32.60 13.63 -16.57
C ALA A 86 -32.68 13.05 -17.99
N LYS A 87 -33.56 12.07 -18.20
CA LYS A 87 -33.86 11.50 -19.55
C LYS A 87 -34.56 12.56 -20.42
N PHE A 88 -35.54 13.31 -19.88
CA PHE A 88 -36.22 14.43 -20.56
C PHE A 88 -35.17 15.47 -20.98
N ALA A 89 -34.30 15.92 -20.07
CA ALA A 89 -33.24 16.91 -20.38
C ALA A 89 -32.35 16.43 -21.53
N PHE A 90 -32.04 15.12 -21.58
CA PHE A 90 -31.16 14.45 -22.57
C PHE A 90 -31.84 14.47 -23.95
N GLU A 91 -33.08 13.98 -24.04
CA GLU A 91 -33.85 13.93 -25.32
C GLU A 91 -33.93 15.35 -25.91
N ARG A 92 -34.21 16.36 -25.08
CA ARG A 92 -34.33 17.76 -25.54
C ARG A 92 -32.97 18.27 -26.01
N MET A 93 -31.95 18.09 -25.17
CA MET A 93 -30.59 18.60 -25.50
C MET A 93 -30.02 17.87 -26.71
N HIS A 94 -30.44 16.63 -26.99
CA HIS A 94 -30.00 15.82 -28.17
C HIS A 94 -30.64 16.35 -29.46
N LYS A 95 -31.86 16.87 -29.40
CA LYS A 95 -32.65 17.33 -30.59
C LYS A 95 -32.41 18.83 -30.85
N LEU A 96 -32.26 19.65 -29.81
CA LEU A 96 -32.35 21.13 -29.90
C LEU A 96 -31.02 21.79 -29.55
N THR A 97 -30.70 22.92 -30.20
CA THR A 97 -29.58 23.83 -29.83
C THR A 97 -29.97 24.53 -28.53
N PRO A 98 -29.00 25.06 -27.73
CA PRO A 98 -29.33 25.79 -26.51
C PRO A 98 -30.31 26.98 -26.72
N LEU A 99 -30.26 27.63 -27.89
CA LEU A 99 -31.18 28.73 -28.29
C LEU A 99 -32.59 28.15 -28.52
N GLU A 100 -32.72 27.13 -29.38
CA GLU A 100 -33.99 26.39 -29.68
C GLU A 100 -34.63 25.87 -28.38
N LEU A 101 -33.85 25.36 -27.43
CA LEU A 101 -34.36 24.80 -26.16
C LEU A 101 -35.01 25.90 -25.31
N PHE A 102 -34.45 27.10 -25.34
CA PHE A 102 -34.93 28.26 -24.53
C PHE A 102 -36.23 28.80 -25.14
N ARG A 103 -36.30 28.89 -26.45
CA ARG A 103 -37.56 29.28 -27.15
C ARG A 103 -38.68 28.34 -26.69
N HIS A 104 -38.44 27.04 -26.78
CA HIS A 104 -39.43 25.99 -26.46
C HIS A 104 -39.87 26.13 -25.00
N ALA A 105 -38.91 26.35 -24.10
CA ALA A 105 -39.18 26.36 -22.64
C ALA A 105 -40.35 27.29 -22.33
N SER A 106 -40.52 28.33 -23.14
CA SER A 106 -41.73 29.18 -23.04
C SER A 106 -41.92 29.66 -21.60
N GLY A 107 -40.88 30.29 -21.03
CA GLY A 107 -40.98 30.90 -19.69
C GLY A 107 -41.06 29.86 -18.61
N LYS A 108 -40.74 28.61 -18.94
CA LYS A 108 -40.63 27.52 -17.95
C LYS A 108 -39.19 27.46 -17.44
N HIS A 109 -39.00 27.59 -16.13
CA HIS A 109 -37.63 27.66 -15.55
C HIS A 109 -37.11 26.25 -15.30
N THR A 110 -35.79 26.10 -15.45
CA THR A 110 -35.05 24.81 -15.30
C THR A 110 -35.49 24.05 -14.04
N PHE A 111 -35.65 24.70 -12.89
CA PHE A 111 -35.93 24.00 -11.60
C PHE A 111 -37.07 24.65 -10.80
N ALA A 112 -37.91 25.50 -11.39
CA ALA A 112 -39.15 26.03 -10.74
C ALA A 112 -40.12 24.89 -10.35
N GLY A 113 -40.14 23.77 -11.11
CA GLY A 113 -40.99 22.59 -10.80
C GLY A 113 -40.71 21.94 -9.44
N MET A 114 -39.49 22.07 -8.91
CA MET A 114 -39.09 21.53 -7.58
C MET A 114 -39.69 22.36 -6.44
N VAL A 115 -40.02 23.62 -6.70
CA VAL A 115 -40.23 24.61 -5.61
C VAL A 115 -41.45 24.17 -4.79
N ASN A 116 -42.54 23.83 -5.45
CA ASN A 116 -43.81 23.47 -4.76
C ASN A 116 -43.56 22.25 -3.86
N GLY A 117 -42.78 21.29 -4.34
CA GLY A 117 -42.45 20.03 -3.65
C GLY A 117 -41.55 20.19 -2.45
N SER A 118 -40.96 21.38 -2.23
CA SER A 118 -40.01 21.69 -1.11
C SER A 118 -40.71 21.83 0.26
N LYS A 119 -42.04 21.98 0.30
CA LYS A 119 -42.74 22.30 1.56
C LYS A 119 -42.33 21.30 2.65
N GLY A 120 -42.22 19.99 2.33
CA GLY A 120 -41.99 18.92 3.34
C GLY A 120 -40.65 19.07 4.05
N GLU A 121 -39.56 19.18 3.29
CA GLU A 121 -38.21 19.41 3.83
C GLU A 121 -38.24 20.65 4.73
N ASN A 122 -39.05 21.64 4.39
CA ASN A 122 -39.08 22.95 5.10
C ASN A 122 -39.66 22.73 6.49
N TYR A 123 -40.79 22.03 6.58
CA TYR A 123 -41.39 21.62 7.86
C TYR A 123 -40.34 20.85 8.66
N ALA A 124 -39.66 19.88 8.05
CA ALA A 124 -38.68 18.99 8.73
C ALA A 124 -37.56 19.85 9.34
N MET A 125 -36.98 20.75 8.57
CA MET A 125 -35.87 21.61 9.05
C MET A 125 -36.35 22.51 10.19
N MET A 126 -37.60 23.02 10.16
CA MET A 126 -38.12 23.84 11.29
C MET A 126 -38.10 23.00 12.57
N LYS A 127 -38.57 21.76 12.52
CA LYS A 127 -38.59 20.88 13.71
C LYS A 127 -37.16 20.50 14.14
N ILE A 128 -36.27 20.27 13.17
CA ILE A 128 -34.89 19.76 13.44
C ILE A 128 -34.11 20.88 14.13
N VAL A 129 -34.20 22.12 13.62
CA VAL A 129 -33.43 23.27 14.18
C VAL A 129 -34.00 23.61 15.57
N LYS A 130 -35.31 23.51 15.78
CA LYS A 130 -35.91 23.69 17.14
C LYS A 130 -35.34 22.64 18.12
N GLU A 131 -35.26 21.36 17.75
CA GLU A 131 -34.85 20.26 18.67
C GLU A 131 -33.35 20.34 18.99
N TYR A 132 -32.49 20.50 17.98
CA TYR A 132 -31.02 20.41 18.15
C TYR A 132 -30.39 21.77 18.54
N LYS A 133 -31.16 22.87 18.44
CA LYS A 133 -30.78 24.21 18.95
C LYS A 133 -29.33 24.52 18.55
N PRO A 134 -28.97 24.47 17.24
CA PRO A 134 -27.61 24.80 16.81
C PRO A 134 -27.30 26.30 16.87
N ASP A 135 -26.01 26.61 16.86
CA ASP A 135 -25.45 27.97 16.93
C ASP A 135 -25.46 28.60 15.54
N VAL A 136 -25.37 27.78 14.50
CA VAL A 136 -25.40 28.25 13.09
C VAL A 136 -25.82 27.08 12.20
N CYS A 137 -26.47 27.34 11.06
CA CYS A 137 -26.83 26.33 10.03
C CYS A 137 -26.16 26.71 8.71
N LEU A 138 -25.77 25.71 7.92
CA LEU A 138 -25.38 25.89 6.50
C LEU A 138 -26.27 24.98 5.64
N ALA A 139 -26.58 25.39 4.43
CA ALA A 139 -27.57 24.71 3.57
C ALA A 139 -27.17 24.90 2.11
N ASP A 140 -26.86 23.82 1.39
CA ASP A 140 -26.64 23.85 -0.08
C ASP A 140 -27.93 23.45 -0.80
N TYR A 141 -28.66 24.44 -1.25
CA TYR A 141 -29.93 24.33 -1.97
C TYR A 141 -29.79 25.00 -3.34
N LEU A 142 -30.74 24.79 -4.25
CA LEU A 142 -30.76 25.55 -5.53
C LEU A 142 -31.40 26.92 -5.33
N PHE A 143 -32.16 27.10 -4.23
CA PHE A 143 -32.92 28.33 -3.94
C PHE A 143 -33.20 28.40 -2.44
N ASN A 144 -33.28 29.62 -1.92
CA ASN A 144 -33.53 29.87 -0.50
C ASN A 144 -34.89 29.26 -0.14
N MET A 145 -35.01 28.85 1.12
CA MET A 145 -36.20 28.18 1.65
C MET A 145 -36.67 28.97 2.84
N PRO A 146 -37.99 29.07 3.08
CA PRO A 146 -38.50 29.82 4.22
C PRO A 146 -37.82 29.53 5.56
N TRP A 147 -37.54 28.26 5.90
CA TRP A 147 -37.04 27.92 7.28
C TRP A 147 -35.77 28.72 7.59
N MET A 148 -34.95 28.98 6.57
CA MET A 148 -33.66 29.73 6.71
C MET A 148 -33.90 31.14 7.31
N PHE A 149 -35.14 31.62 7.33
CA PHE A 149 -35.47 33.00 7.82
C PHE A 149 -36.41 32.97 9.01
N THR A 150 -36.80 31.81 9.52
CA THR A 150 -37.73 31.70 10.68
C THR A 150 -37.01 31.13 11.91
N VAL A 151 -35.95 30.37 11.71
CA VAL A 151 -35.21 29.68 12.83
C VAL A 151 -34.41 30.74 13.60
N ASP A 152 -34.07 30.48 14.86
CA ASP A 152 -33.40 31.44 15.76
C ASP A 152 -32.01 31.82 15.23
N CYS A 153 -31.19 30.81 14.88
CA CYS A 153 -29.76 30.98 14.53
C CYS A 153 -29.61 31.63 13.16
N PRO A 154 -28.41 32.17 12.86
CA PRO A 154 -28.08 32.56 11.50
C PRO A 154 -27.94 31.33 10.58
N VAL A 155 -28.14 31.55 9.28
CA VAL A 155 -28.12 30.46 8.27
C VAL A 155 -27.31 30.92 7.07
N ILE A 156 -26.29 30.17 6.70
CA ILE A 156 -25.36 30.49 5.59
C ILE A 156 -25.73 29.64 4.38
N PRO A 157 -26.28 30.22 3.32
CA PRO A 157 -26.47 29.46 2.08
C PRO A 157 -25.08 29.09 1.56
N VAL A 158 -24.91 27.82 1.18
CA VAL A 158 -23.69 27.30 0.49
C VAL A 158 -24.09 27.04 -0.96
N LYS A 159 -23.29 27.50 -1.90
CA LYS A 159 -23.60 27.35 -3.34
C LYS A 159 -22.42 26.59 -3.95
N SER A 160 -22.75 25.49 -4.62
CA SER A 160 -21.78 24.58 -5.24
C SER A 160 -21.97 24.60 -6.75
N VAL A 161 -23.11 25.12 -7.23
CA VAL A 161 -23.34 25.32 -8.69
C VAL A 161 -22.49 26.51 -9.16
N ASN A 162 -22.37 26.64 -10.47
CA ASN A 162 -21.70 27.77 -11.15
C ASN A 162 -22.25 29.07 -10.58
N PRO A 163 -21.38 30.01 -10.13
CA PRO A 163 -21.83 31.23 -9.48
C PRO A 163 -22.17 32.43 -10.37
N ILE A 164 -22.29 32.27 -11.69
CA ILE A 164 -22.59 33.42 -12.59
C ILE A 164 -23.90 34.09 -12.15
N GLU A 165 -24.84 33.31 -11.63
CA GLU A 165 -26.12 33.81 -11.06
C GLU A 165 -25.89 34.85 -9.95
N LEU A 166 -24.73 34.89 -9.28
CA LEU A 166 -24.45 35.88 -8.20
C LEU A 166 -23.99 37.22 -8.82
N TYR A 167 -23.80 37.29 -10.14
CA TYR A 167 -23.22 38.46 -10.84
C TYR A 167 -24.30 39.09 -11.73
N ASN A 168 -24.09 40.34 -12.15
CA ASN A 168 -24.84 41.02 -13.23
C ASN A 168 -24.07 40.81 -14.53
N GLY A 169 -24.44 39.78 -15.29
CA GLY A 169 -23.75 39.49 -16.57
C GLY A 169 -24.56 38.57 -17.46
N PRO A 170 -23.92 37.63 -18.20
CA PRO A 170 -24.65 36.67 -19.02
C PRO A 170 -25.68 35.95 -18.16
N PRO A 171 -26.90 35.68 -18.67
CA PRO A 171 -27.93 35.00 -17.91
C PRO A 171 -27.49 33.57 -17.55
N ALA A 172 -27.93 33.08 -16.39
CA ALA A 172 -27.49 31.78 -15.85
C ALA A 172 -28.28 30.63 -16.49
N LEU A 173 -27.69 29.45 -16.49
CA LEU A 173 -28.34 28.19 -16.96
C LEU A 173 -28.45 28.20 -18.49
N THR A 174 -27.57 28.95 -19.15
CA THR A 174 -27.76 29.31 -20.59
C THR A 174 -26.55 28.86 -21.40
N GLY A 175 -25.35 28.87 -20.80
CA GLY A 175 -24.12 28.44 -21.49
C GLY A 175 -23.56 29.52 -22.41
N CYS A 176 -23.70 30.78 -22.03
CA CYS A 176 -23.26 31.91 -22.89
C CYS A 176 -21.73 32.01 -22.85
N SER A 177 -21.14 32.50 -23.96
CA SER A 177 -19.66 32.62 -24.09
C SER A 177 -19.25 34.07 -23.91
N ILE A 178 -18.02 34.33 -23.45
CA ILE A 178 -17.41 35.70 -23.41
C ILE A 178 -17.13 36.17 -24.85
N HIS A 179 -17.09 35.25 -25.82
CA HIS A 179 -16.81 35.60 -27.23
C HIS A 179 -18.14 35.78 -27.98
N ASP A 180 -19.26 35.55 -27.30
CA ASP A 180 -20.58 35.61 -27.97
C ASP A 180 -20.85 37.06 -28.43
N PRO A 181 -21.32 37.27 -29.68
CA PRO A 181 -21.67 38.62 -30.15
C PRO A 181 -22.89 39.21 -29.41
N PRO A 182 -23.09 40.55 -29.28
CA PRO A 182 -24.30 41.04 -28.61
C PRO A 182 -25.63 40.55 -29.22
N SER A 183 -25.69 40.29 -30.54
CA SER A 183 -26.92 39.91 -31.29
C SER A 183 -27.47 38.57 -30.80
N VAL A 184 -26.63 37.52 -30.80
CA VAL A 184 -27.01 36.11 -30.42
C VAL A 184 -27.43 36.11 -28.94
N ARG A 185 -26.77 36.93 -28.12
CA ARG A 185 -26.94 37.03 -26.65
C ARG A 185 -28.21 37.79 -26.26
N GLU A 186 -28.67 38.77 -27.06
CA GLU A 186 -29.85 39.61 -26.73
C GLU A 186 -31.06 38.68 -26.55
N GLU A 187 -31.23 37.68 -27.42
CA GLU A 187 -32.43 36.79 -27.39
C GLU A 187 -32.40 35.86 -26.16
N ILE A 188 -31.31 35.09 -25.98
CA ILE A 188 -31.14 34.15 -24.82
C ILE A 188 -31.36 34.91 -23.51
N GLU A 189 -30.75 36.10 -23.38
CA GLU A 189 -30.90 37.03 -22.22
C GLU A 189 -32.40 37.28 -21.97
N GLN A 190 -33.16 37.54 -23.03
CA GLN A 190 -34.60 37.92 -23.00
C GLN A 190 -35.44 36.74 -22.50
N LEU A 191 -35.17 35.55 -23.04
CA LEU A 191 -35.89 34.29 -22.69
C LEU A 191 -35.62 33.91 -21.23
N ALA A 192 -34.38 34.06 -20.78
CA ALA A 192 -33.93 33.74 -19.40
C ALA A 192 -34.61 34.67 -18.39
N ARG A 193 -34.70 35.97 -18.68
CA ARG A 193 -35.40 36.95 -17.80
C ARG A 193 -36.87 36.53 -17.62
N LYS A 194 -37.48 36.02 -18.69
CA LYS A 194 -38.91 35.58 -18.70
C LYS A 194 -39.09 34.40 -17.74
N SER A 195 -38.19 33.42 -17.79
CA SER A 195 -38.30 32.19 -16.96
C SER A 195 -37.81 32.46 -15.52
N GLU A 196 -36.87 33.37 -15.30
CA GLU A 196 -36.43 33.79 -13.92
C GLU A 196 -37.65 34.27 -13.11
N LEU A 197 -38.67 34.86 -13.75
CA LEU A 197 -39.88 35.36 -13.04
C LEU A 197 -40.85 34.20 -12.76
N GLU A 198 -40.82 33.12 -13.55
CA GLU A 198 -41.54 31.88 -13.19
C GLU A 198 -40.99 31.31 -11.88
N LEU A 199 -39.67 31.36 -11.68
CA LEU A 199 -39.02 30.92 -10.42
C LEU A 199 -39.52 31.82 -9.26
N GLU A 200 -39.53 33.14 -9.47
CA GLU A 200 -39.91 34.12 -8.42
C GLU A 200 -41.38 33.85 -8.01
N SER A 201 -42.23 33.57 -9.01
CA SER A 201 -43.68 33.40 -8.76
C SER A 201 -43.89 32.10 -7.96
N GLU A 202 -43.13 31.06 -8.27
CA GLU A 202 -43.22 29.75 -7.56
C GLU A 202 -42.68 29.92 -6.12
N LEU A 203 -41.58 30.64 -5.95
CA LEU A 203 -41.01 30.86 -4.60
C LEU A 203 -42.00 31.68 -3.76
N GLU A 204 -42.70 32.64 -4.40
CA GLU A 204 -43.71 33.49 -3.72
C GLU A 204 -44.73 32.55 -3.04
N LYS A 205 -45.20 31.52 -3.76
CA LYS A 205 -46.23 30.58 -3.23
C LYS A 205 -45.66 29.81 -2.06
N LEU A 206 -44.41 29.35 -2.16
CA LEU A 206 -43.76 28.52 -1.12
C LEU A 206 -43.60 29.37 0.15
N PHE A 207 -43.12 30.61 -0.01
CA PHE A 207 -42.90 31.56 1.12
C PHE A 207 -44.26 31.94 1.74
N ALA A 208 -45.24 32.29 0.90
CA ALA A 208 -46.63 32.62 1.34
C ALA A 208 -47.19 31.47 2.18
N HIS A 209 -47.00 30.22 1.75
CA HIS A 209 -47.44 29.01 2.48
C HIS A 209 -46.99 29.10 3.94
N PHE A 210 -45.78 29.56 4.21
CA PHE A 210 -45.23 29.60 5.59
C PHE A 210 -45.29 31.00 6.22
N ASN A 211 -45.98 31.95 5.60
CA ASN A 211 -46.11 33.37 6.07
C ASN A 211 -44.74 33.99 6.31
N VAL A 212 -43.82 33.81 5.36
CA VAL A 212 -42.44 34.35 5.44
C VAL A 212 -42.26 35.31 4.28
N PRO A 213 -41.79 36.56 4.52
CA PRO A 213 -41.58 37.49 3.41
C PRO A 213 -40.56 36.91 2.42
N LEU A 214 -40.94 36.89 1.15
CA LEU A 214 -40.12 36.37 0.03
C LEU A 214 -38.82 37.17 -0.08
N VAL A 215 -37.69 36.48 -0.11
CA VAL A 215 -36.35 37.03 -0.42
C VAL A 215 -35.98 36.59 -1.83
N SER A 216 -34.93 37.18 -2.40
CA SER A 216 -34.32 36.71 -3.66
C SER A 216 -33.90 35.24 -3.48
N TYR A 217 -33.93 34.45 -4.56
CA TYR A 217 -33.65 33.00 -4.47
C TYR A 217 -32.20 32.74 -4.03
N ASN A 218 -31.28 33.69 -4.27
CA ASN A 218 -29.84 33.54 -3.92
C ASN A 218 -29.36 34.67 -3.02
N TYR A 219 -30.24 35.24 -2.22
CA TYR A 219 -29.91 36.20 -1.13
C TYR A 219 -29.14 35.48 -0.04
N ALA A 220 -28.11 36.16 0.47
CA ALA A 220 -27.44 35.85 1.75
C ALA A 220 -27.69 37.00 2.74
N GLN A 221 -28.34 36.69 3.87
CA GLN A 221 -28.71 37.73 4.87
C GLN A 221 -27.44 38.33 5.49
N GLN A 222 -26.47 37.47 5.80
CA GLN A 222 -25.26 37.90 6.55
C GLN A 222 -24.02 37.30 5.88
N LEU A 223 -23.99 35.98 5.73
CA LEU A 223 -22.86 35.28 5.07
C LEU A 223 -23.41 34.26 4.07
N GLY A 224 -22.91 34.31 2.84
CA GLY A 224 -23.05 33.21 1.88
C GLY A 224 -21.70 32.74 1.40
N ILE A 225 -21.52 31.43 1.24
CA ILE A 225 -20.25 30.82 0.76
C ILE A 225 -20.52 30.17 -0.58
N TYR A 226 -19.92 30.69 -1.65
CA TYR A 226 -19.94 29.99 -2.96
C TYR A 226 -18.57 29.35 -3.19
N ILE A 227 -18.59 28.18 -3.80
CA ILE A 227 -17.39 27.32 -3.99
C ILE A 227 -17.09 27.30 -5.48
N TYR A 228 -16.04 27.99 -5.88
CA TYR A 228 -15.59 28.03 -7.29
C TYR A 228 -14.10 28.43 -7.26
N PRO A 229 -13.25 27.92 -8.17
CA PRO A 229 -11.85 28.31 -8.17
C PRO A 229 -11.67 29.80 -8.55
N GLY A 230 -10.85 30.54 -7.79
CA GLY A 230 -10.53 31.96 -8.09
C GLY A 230 -10.22 32.18 -9.56
N PRO A 231 -9.29 31.42 -10.16
CA PRO A 231 -8.96 31.60 -11.57
C PRO A 231 -10.13 31.42 -12.55
N LEU A 232 -11.24 30.81 -12.14
CA LEU A 232 -12.43 30.60 -13.00
C LEU A 232 -13.56 31.58 -12.62
N ASP A 233 -13.48 32.20 -11.44
CA ASP A 233 -14.52 33.13 -10.92
C ASP A 233 -14.66 34.30 -11.90
N TYR A 234 -15.78 35.02 -11.85
CA TYR A 234 -16.25 35.93 -12.94
C TYR A 234 -15.75 37.36 -12.67
N LYS A 235 -14.43 37.55 -12.60
CA LYS A 235 -13.78 38.81 -12.14
C LYS A 235 -14.02 39.91 -13.18
N GLU A 236 -14.18 39.55 -14.45
CA GLU A 236 -14.58 40.45 -15.55
C GLU A 236 -16.03 40.96 -15.41
N LEU A 237 -16.84 40.45 -14.47
CA LEU A 237 -18.24 40.93 -14.26
C LEU A 237 -18.33 41.76 -12.97
N GLY A 238 -17.22 41.94 -12.25
CA GLY A 238 -17.20 42.73 -11.01
C GLY A 238 -17.22 41.86 -9.78
N SER A 239 -18.19 42.08 -8.90
CA SER A 239 -18.22 41.37 -7.60
C SER A 239 -19.50 40.54 -7.50
N PRO A 240 -19.52 39.47 -6.67
CA PRO A 240 -20.76 38.74 -6.41
C PRO A 240 -21.71 39.59 -5.54
N LYS A 241 -22.93 39.11 -5.34
CA LYS A 241 -23.94 39.83 -4.51
C LYS A 241 -23.41 40.00 -3.09
N GLU A 242 -24.06 40.85 -2.31
CA GLU A 242 -23.62 41.16 -0.93
C GLU A 242 -23.52 39.87 -0.12
N ASN A 243 -22.50 39.79 0.75
CA ASN A 243 -22.43 38.81 1.88
C ASN A 243 -21.90 37.48 1.34
N TRP A 244 -21.74 37.40 0.02
CA TRP A 244 -21.30 36.18 -0.68
C TRP A 244 -19.77 36.17 -0.76
N VAL A 245 -19.15 35.10 -0.25
CA VAL A 245 -17.66 34.99 -0.17
C VAL A 245 -17.22 33.69 -0.85
N ARG A 246 -16.08 33.72 -1.55
CA ARG A 246 -15.59 32.55 -2.33
C ARG A 246 -14.72 31.64 -1.47
N LEU A 247 -14.99 30.33 -1.51
CA LEU A 247 -14.11 29.23 -1.07
C LEU A 247 -13.61 28.53 -2.34
N ASP A 248 -12.30 28.48 -2.57
CA ASP A 248 -11.72 28.10 -3.88
C ASP A 248 -12.04 26.63 -4.16
N SER A 249 -12.12 25.79 -3.13
CA SER A 249 -12.54 24.37 -3.26
C SER A 249 -13.05 23.83 -1.92
N SER A 250 -13.81 22.74 -1.98
CA SER A 250 -14.43 22.11 -0.78
C SER A 250 -14.43 20.60 -0.97
N ILE A 251 -13.26 19.99 -1.17
CA ILE A 251 -13.15 18.54 -1.52
C ILE A 251 -13.08 17.75 -0.21
N ARG A 252 -14.06 16.84 -0.06
CA ARG A 252 -14.22 15.89 1.08
C ARG A 252 -12.94 15.06 1.28
N SER A 253 -12.73 14.57 2.49
CA SER A 253 -11.67 13.61 2.88
C SER A 253 -11.70 12.42 1.90
N THR A 254 -10.53 12.07 1.35
CA THR A 254 -10.32 10.88 0.48
C THR A 254 -10.68 9.61 1.27
N GLU A 255 -11.44 8.69 0.66
CA GLU A 255 -11.82 7.36 1.25
C GLU A 255 -10.58 6.47 1.39
N ILE A 256 -10.01 6.01 0.27
CA ILE A 256 -8.65 5.36 0.16
C ILE A 256 -7.71 6.41 -0.43
N SER A 257 -6.52 6.63 0.14
CA SER A 257 -5.51 7.58 -0.38
C SER A 257 -4.95 7.04 -1.71
N ASN A 258 -4.65 5.72 -1.75
CA ASN A 258 -4.15 5.01 -2.95
C ASN A 258 -5.29 4.22 -3.63
N PHE A 259 -5.31 4.28 -4.98
CA PHE A 259 -6.35 3.71 -5.88
C PHE A 259 -5.68 2.69 -6.80
N GLU A 260 -6.03 1.40 -6.65
CA GLU A 260 -5.44 0.32 -7.48
C GLU A 260 -6.18 0.34 -8.83
N LEU A 261 -5.43 0.49 -9.93
CA LEU A 261 -5.99 0.45 -11.31
C LEU A 261 -6.42 -0.99 -11.63
N PRO A 262 -7.50 -1.16 -12.42
CA PRO A 262 -7.93 -2.50 -12.82
C PRO A 262 -6.97 -3.16 -13.81
N GLU A 263 -6.78 -4.48 -13.64
CA GLU A 263 -5.74 -5.26 -14.38
C GLU A 263 -6.13 -5.32 -15.85
N LYS A 264 -7.40 -5.04 -16.16
CA LYS A 264 -7.88 -5.00 -17.57
C LYS A 264 -7.21 -3.87 -18.36
N LEU A 265 -7.01 -2.71 -17.73
CA LEU A 265 -6.52 -1.51 -18.47
C LEU A 265 -5.01 -1.35 -18.22
N LYS A 266 -4.44 -2.24 -17.41
CA LYS A 266 -2.99 -2.24 -17.08
C LYS A 266 -2.20 -2.89 -18.23
N ASP A 267 -1.00 -2.38 -18.49
CA ASP A 267 -0.15 -2.87 -19.61
C ASP A 267 -0.99 -2.87 -20.89
N LYS A 268 -1.79 -1.83 -21.08
CA LYS A 268 -2.58 -1.68 -22.33
C LYS A 268 -2.26 -0.33 -22.97
N PRO A 269 -2.36 -0.20 -24.30
CA PRO A 269 -1.90 1.01 -24.99
C PRO A 269 -2.86 2.19 -24.80
N GLY A 270 -2.30 3.40 -24.77
CA GLY A 270 -3.10 4.63 -24.86
C GLY A 270 -3.01 5.45 -23.58
N LYS A 271 -3.56 6.66 -23.62
CA LYS A 271 -3.78 7.49 -22.42
C LYS A 271 -4.89 6.85 -21.56
N LEU A 272 -4.99 7.30 -20.31
CA LEU A 272 -6.02 6.89 -19.35
C LEU A 272 -7.01 8.04 -19.18
N ILE A 273 -8.27 7.78 -19.49
CA ILE A 273 -9.36 8.78 -19.58
C ILE A 273 -10.48 8.36 -18.65
N TYR A 274 -10.89 9.24 -17.74
CA TYR A 274 -12.07 9.05 -16.86
C TYR A 274 -13.31 9.60 -17.56
N VAL A 275 -14.38 8.79 -17.53
CA VAL A 275 -15.74 9.13 -18.04
C VAL A 275 -16.75 8.98 -16.90
N SER A 276 -17.29 10.10 -16.42
CA SER A 276 -18.51 10.12 -15.58
C SER A 276 -19.45 11.24 -16.05
N MET A 277 -20.75 11.01 -15.95
CA MET A 277 -21.78 12.02 -16.29
C MET A 277 -22.47 12.48 -15.01
N GLY A 278 -21.88 12.16 -13.85
CA GLY A 278 -22.24 12.80 -12.57
C GLY A 278 -23.06 11.89 -11.67
N SER A 279 -23.82 12.51 -10.75
CA SER A 279 -24.62 11.79 -9.73
C SER A 279 -26.04 11.54 -10.25
N LEU A 280 -26.43 12.28 -11.28
CA LEU A 280 -27.85 12.46 -11.69
C LEU A 280 -28.02 12.01 -13.14
N ALA A 281 -27.30 12.65 -14.07
CA ALA A 281 -27.40 12.37 -15.52
C ALA A 281 -26.93 10.94 -15.82
N SER A 282 -26.10 10.36 -14.95
CA SER A 282 -25.53 8.98 -15.10
C SER A 282 -26.65 7.95 -15.14
N ALA A 283 -27.85 8.29 -14.67
CA ALA A 283 -29.03 7.38 -14.64
C ALA A 283 -29.49 7.12 -16.06
N VAL A 284 -29.17 8.01 -17.00
CA VAL A 284 -29.66 7.91 -18.40
C VAL A 284 -28.72 6.98 -19.17
N THR A 285 -29.08 5.71 -19.35
CA THR A 285 -28.22 4.70 -20.02
C THR A 285 -28.00 5.12 -21.47
N GLU A 286 -28.99 5.75 -22.10
CA GLU A 286 -28.89 6.13 -23.54
C GLU A 286 -27.76 7.14 -23.73
N LEU A 287 -27.49 7.96 -22.72
CA LEU A 287 -26.43 9.01 -22.77
C LEU A 287 -25.05 8.34 -22.75
N LEU A 288 -24.79 7.55 -21.72
CA LEU A 288 -23.52 6.78 -21.59
C LEU A 288 -23.31 5.90 -22.83
N THR A 289 -24.33 5.18 -23.29
CA THR A 289 -24.23 4.31 -24.50
C THR A 289 -23.81 5.14 -25.73
N MET A 290 -24.35 6.35 -25.87
CA MET A 290 -24.08 7.26 -27.01
C MET A 290 -22.60 7.65 -26.98
N ILE A 291 -22.08 7.88 -25.77
CA ILE A 291 -20.68 8.33 -25.54
C ILE A 291 -19.72 7.13 -25.69
N LEU A 292 -20.04 5.97 -25.13
CA LEU A 292 -19.08 4.84 -25.02
C LEU A 292 -18.92 4.11 -26.36
N THR A 293 -19.99 4.00 -27.16
CA THR A 293 -19.99 3.19 -28.40
C THR A 293 -18.81 3.63 -29.30
N PRO A 294 -18.69 4.92 -29.68
CA PRO A 294 -17.55 5.38 -30.46
C PRO A 294 -16.16 5.26 -29.82
N LEU A 295 -16.07 5.26 -28.49
CA LEU A 295 -14.78 5.21 -27.76
C LEU A 295 -14.21 3.79 -27.83
N ALA A 296 -15.01 2.82 -28.23
CA ALA A 296 -14.54 1.44 -28.52
C ALA A 296 -13.33 1.49 -29.46
N ASN A 297 -13.30 2.48 -30.35
CA ASN A 297 -12.26 2.59 -31.41
C ASN A 297 -11.47 3.89 -31.24
N SER A 298 -11.44 4.44 -30.02
CA SER A 298 -10.46 5.49 -29.65
C SER A 298 -9.22 4.81 -29.05
N PRO A 299 -8.00 5.15 -29.51
CA PRO A 299 -6.81 4.33 -29.24
C PRO A 299 -6.26 4.53 -27.82
N HIS A 300 -7.15 4.50 -26.82
CA HIS A 300 -6.80 4.87 -25.42
C HIS A 300 -7.53 3.95 -24.44
N ARG A 301 -7.44 4.28 -23.16
CA ARG A 301 -8.06 3.45 -22.08
C ARG A 301 -9.03 4.32 -21.28
N PHE A 302 -10.20 3.75 -20.95
CA PHE A 302 -11.29 4.49 -20.28
C PHE A 302 -11.66 3.82 -18.96
N ILE A 303 -11.69 4.58 -17.87
CA ILE A 303 -12.36 4.18 -16.60
C ILE A 303 -13.70 4.93 -16.53
N VAL A 304 -14.80 4.20 -16.36
CA VAL A 304 -16.18 4.74 -16.57
C VAL A 304 -16.95 4.57 -15.27
N SER A 305 -17.54 5.66 -14.78
CA SER A 305 -18.63 5.64 -13.78
C SER A 305 -19.91 5.35 -14.56
N THR A 306 -20.52 4.17 -14.35
CA THR A 306 -21.62 3.67 -15.21
C THR A 306 -22.99 4.05 -14.63
N GLY A 307 -23.04 4.51 -13.38
CA GLY A 307 -24.30 5.00 -12.79
C GLY A 307 -25.16 3.88 -12.23
N PRO A 308 -26.35 4.24 -11.71
CA PRO A 308 -27.24 3.31 -11.02
C PRO A 308 -27.73 2.14 -11.89
N ASN A 309 -27.82 2.34 -13.20
CA ASN A 309 -28.21 1.33 -14.21
C ASN A 309 -26.99 0.82 -14.98
N GLY A 310 -25.78 0.97 -14.43
CA GLY A 310 -24.52 0.65 -15.11
C GLY A 310 -24.41 -0.84 -15.49
N ASP A 311 -25.08 -1.73 -14.78
CA ASP A 311 -24.92 -3.20 -15.00
C ASP A 311 -25.39 -3.53 -16.42
N SER A 312 -26.32 -2.74 -16.99
CA SER A 312 -26.88 -3.00 -18.35
C SER A 312 -26.19 -2.15 -19.42
N ILE A 313 -24.99 -1.63 -19.19
CA ILE A 313 -24.26 -0.78 -20.16
C ILE A 313 -23.09 -1.59 -20.68
N LYS A 314 -22.90 -1.66 -22.00
CA LYS A 314 -21.82 -2.48 -22.60
C LYS A 314 -20.49 -1.74 -22.43
N LEU A 315 -19.47 -2.43 -21.92
CA LEU A 315 -18.05 -1.96 -21.87
C LEU A 315 -17.25 -2.78 -22.88
N TYR A 316 -16.30 -2.13 -23.55
CA TYR A 316 -15.42 -2.76 -24.57
C TYR A 316 -14.05 -3.04 -23.96
N ASP A 317 -13.15 -3.59 -24.77
CA ASP A 317 -11.87 -4.20 -24.30
C ASP A 317 -10.99 -3.12 -23.68
N ASN A 318 -11.18 -1.87 -24.09
CA ASN A 318 -10.34 -0.73 -23.63
C ASN A 318 -11.05 0.02 -22.49
N MET A 319 -12.08 -0.55 -21.87
CA MET A 319 -12.85 0.12 -20.79
C MET A 319 -12.96 -0.79 -19.55
N TRP A 320 -12.84 -0.17 -18.39
CA TRP A 320 -13.26 -0.75 -17.07
C TRP A 320 -14.21 0.23 -16.40
N GLY A 321 -15.18 -0.26 -15.63
CA GLY A 321 -16.19 0.60 -14.98
C GLY A 321 -16.93 -0.07 -13.84
N ASP A 322 -17.44 0.74 -12.91
CA ASP A 322 -18.40 0.33 -11.87
C ASP A 322 -19.48 1.42 -11.75
N LYS A 323 -20.58 1.09 -11.06
CA LYS A 323 -21.72 2.01 -10.85
C LYS A 323 -21.19 3.27 -10.17
N PHE A 324 -20.35 3.11 -9.15
CA PHE A 324 -19.72 4.17 -8.36
C PHE A 324 -18.19 3.96 -8.39
N ILE A 325 -17.44 5.06 -8.57
CA ILE A 325 -15.95 5.08 -8.64
C ILE A 325 -15.48 5.99 -7.52
N ASN A 326 -14.35 5.71 -6.88
CA ASN A 326 -13.75 6.68 -5.95
C ASN A 326 -13.03 7.73 -6.83
N GLN A 327 -13.79 8.76 -7.21
CA GLN A 327 -13.43 9.82 -8.18
C GLN A 327 -12.23 10.63 -7.69
N VAL A 328 -12.19 10.98 -6.42
CA VAL A 328 -11.10 11.86 -5.89
C VAL A 328 -9.78 11.08 -5.89
N ALA A 329 -9.80 9.82 -5.47
CA ALA A 329 -8.61 8.94 -5.48
C ALA A 329 -8.18 8.65 -6.90
N LEU A 330 -9.12 8.46 -7.82
CA LEU A 330 -8.82 8.05 -9.21
C LEU A 330 -8.15 9.21 -9.97
N LEU A 331 -8.62 10.45 -9.80
CA LEU A 331 -8.33 11.53 -10.79
C LEU A 331 -6.83 11.75 -10.97
N PRO A 332 -5.99 11.73 -9.90
CA PRO A 332 -4.53 11.83 -10.04
C PRO A 332 -3.86 10.88 -11.07
N LYS A 333 -4.44 9.70 -11.30
CA LYS A 333 -3.84 8.64 -12.16
C LYS A 333 -4.28 8.78 -13.61
N VAL A 334 -5.27 9.62 -13.92
CA VAL A 334 -5.76 9.75 -15.34
C VAL A 334 -5.11 10.95 -16.02
N ASP A 335 -5.32 11.09 -17.32
CA ASP A 335 -4.69 12.09 -18.21
C ASP A 335 -5.73 13.12 -18.67
N LEU A 336 -7.02 12.81 -18.50
CA LEU A 336 -8.16 13.55 -19.15
C LEU A 336 -9.48 13.07 -18.59
N PHE A 337 -10.42 13.98 -18.35
CA PHE A 337 -11.71 13.74 -17.67
C PHE A 337 -12.82 14.16 -18.64
N ILE A 338 -13.61 13.20 -19.13
CA ILE A 338 -14.85 13.50 -19.91
C ILE A 338 -16.02 13.62 -18.95
N THR A 339 -16.53 14.85 -18.78
CA THR A 339 -17.45 15.25 -17.67
C THR A 339 -18.74 15.84 -18.26
N HIS A 340 -19.74 16.06 -17.39
CA HIS A 340 -21.07 16.59 -17.77
C HIS A 340 -21.14 18.09 -17.48
N GLY A 341 -20.16 18.59 -16.72
CA GLY A 341 -20.08 20.01 -16.38
C GLY A 341 -20.50 20.28 -14.95
N GLY A 342 -20.56 19.22 -14.13
CA GLY A 342 -20.86 19.41 -12.71
C GLY A 342 -19.72 20.15 -12.04
N SER A 343 -20.04 20.95 -11.03
CA SER A 343 -19.10 21.87 -10.37
C SER A 343 -18.10 21.06 -9.56
N ASN A 344 -18.56 20.08 -8.78
CA ASN A 344 -17.62 19.29 -7.93
C ASN A 344 -16.62 18.56 -8.83
N SER A 345 -17.08 18.01 -9.94
CA SER A 345 -16.21 17.29 -10.92
C SER A 345 -15.19 18.25 -11.55
N LEU A 346 -15.63 19.47 -11.88
CA LEU A 346 -14.77 20.53 -12.44
C LEU A 346 -13.64 20.80 -11.43
N ILE A 347 -13.99 21.05 -10.19
CA ILE A 347 -13.02 21.45 -9.14
C ILE A 347 -12.10 20.27 -8.81
N GLU A 348 -12.67 19.06 -8.67
CA GLU A 348 -11.91 17.81 -8.41
C GLU A 348 -10.90 17.60 -9.54
N GLY A 349 -11.34 17.74 -10.79
CA GLY A 349 -10.49 17.61 -11.98
C GLY A 349 -9.36 18.62 -11.98
N LEU A 350 -9.65 19.90 -11.79
CA LEU A 350 -8.62 20.96 -11.94
C LEU A 350 -7.66 20.88 -10.74
N THR A 351 -8.15 20.50 -9.57
CA THR A 351 -7.26 20.26 -8.39
C THR A 351 -6.23 19.19 -8.77
N ALA A 352 -6.67 18.10 -9.38
CA ALA A 352 -5.78 17.01 -9.85
C ALA A 352 -4.94 17.45 -11.06
N GLY A 353 -5.27 18.56 -11.70
CA GLY A 353 -4.51 19.08 -12.84
C GLY A 353 -4.84 18.38 -14.15
N LYS A 354 -6.08 17.95 -14.33
CA LYS A 354 -6.53 17.24 -15.56
C LYS A 354 -7.40 18.17 -16.40
N PRO A 355 -7.17 18.22 -17.73
CA PRO A 355 -8.07 18.94 -18.64
C PRO A 355 -9.41 18.19 -18.80
N LEU A 356 -10.45 18.89 -19.25
CA LEU A 356 -11.85 18.41 -19.25
C LEU A 356 -12.47 18.51 -20.65
N ILE A 357 -13.20 17.48 -21.07
CA ILE A 357 -14.18 17.57 -22.19
C ILE A 357 -15.56 17.53 -21.55
N ALA A 358 -16.28 18.66 -21.59
CA ALA A 358 -17.57 18.87 -20.91
C ALA A 358 -18.69 18.67 -21.92
N ILE A 359 -19.60 17.75 -21.63
CA ILE A 359 -20.82 17.46 -22.42
C ILE A 359 -22.02 17.83 -21.53
N PRO A 360 -22.42 19.12 -21.43
CA PRO A 360 -23.40 19.54 -20.45
C PRO A 360 -24.80 19.00 -20.74
N GLN A 361 -25.56 18.76 -19.67
CA GLN A 361 -26.86 18.04 -19.74
C GLN A 361 -27.99 19.00 -19.33
N PHE A 362 -27.86 19.68 -18.20
CA PHE A 362 -28.90 20.63 -17.71
C PHE A 362 -28.28 21.65 -16.75
N GLY A 363 -28.83 22.87 -16.74
CA GLY A 363 -28.64 23.84 -15.66
C GLY A 363 -27.27 24.50 -15.71
N ASP A 364 -26.59 24.53 -14.55
CA ASP A 364 -25.29 25.22 -14.39
C ASP A 364 -24.24 24.47 -15.21
N GLN A 365 -24.52 23.21 -15.54
CA GLN A 365 -23.55 22.43 -16.36
C GLN A 365 -23.22 23.20 -17.66
N LEU A 366 -24.19 23.88 -18.28
CA LEU A 366 -23.93 24.65 -19.52
C LEU A 366 -22.98 25.81 -19.21
N ASP A 367 -23.14 26.45 -18.05
CA ASP A 367 -22.31 27.61 -17.66
C ASP A 367 -20.88 27.14 -17.44
N ASN A 368 -20.72 26.01 -16.72
CA ASN A 368 -19.39 25.42 -16.40
C ASN A 368 -18.74 24.95 -17.71
N ALA A 369 -19.47 24.31 -18.61
CA ALA A 369 -18.90 23.82 -19.89
C ALA A 369 -18.33 25.02 -20.66
N GLN A 370 -19.08 26.10 -20.74
CA GLN A 370 -18.67 27.27 -21.54
C GLN A 370 -17.48 27.94 -20.85
N ARG A 371 -17.44 27.91 -19.53
CA ARG A 371 -16.30 28.46 -18.76
C ARG A 371 -15.02 27.65 -19.05
N ILE A 372 -15.14 26.33 -19.11
CA ILE A 372 -14.00 25.43 -19.44
C ILE A 372 -13.46 25.84 -20.81
N ALA A 373 -14.34 25.99 -21.81
CA ALA A 373 -14.00 26.40 -23.19
C ALA A 373 -13.36 27.79 -23.19
N ASP A 374 -14.03 28.76 -22.56
CA ASP A 374 -13.67 30.21 -22.60
C ASP A 374 -12.31 30.45 -21.95
N LEU A 375 -11.90 29.59 -21.01
CA LEU A 375 -10.69 29.83 -20.19
C LEU A 375 -9.60 28.79 -20.51
N GLY A 376 -9.77 28.05 -21.61
CA GLY A 376 -8.72 27.17 -22.15
C GLY A 376 -8.35 26.05 -21.21
N LEU A 377 -9.35 25.41 -20.60
CA LEU A 377 -9.13 24.34 -19.60
C LEU A 377 -9.71 23.03 -20.14
N GLY A 378 -10.01 23.01 -21.44
CA GLY A 378 -10.69 21.88 -22.10
C GLY A 378 -11.68 22.38 -23.15
N VAL A 379 -12.53 21.48 -23.65
CA VAL A 379 -13.52 21.86 -24.71
C VAL A 379 -14.95 21.50 -24.28
N ARG A 380 -15.92 22.19 -24.86
CA ARG A 380 -17.36 21.94 -24.73
C ARG A 380 -17.82 21.16 -25.95
N LEU A 381 -18.56 20.07 -25.72
CA LEU A 381 -19.16 19.23 -26.78
C LEU A 381 -20.65 19.18 -26.57
N ASN A 382 -21.43 19.70 -27.52
CA ASN A 382 -22.89 19.81 -27.38
C ASN A 382 -23.52 18.52 -27.89
N LEU A 383 -24.59 18.06 -27.25
CA LEU A 383 -25.32 16.83 -27.63
C LEU A 383 -25.96 16.97 -29.02
N HIS A 384 -26.39 18.17 -29.41
CA HIS A 384 -27.10 18.33 -30.72
C HIS A 384 -26.13 18.06 -31.87
N GLU A 385 -24.85 18.36 -31.66
CA GLU A 385 -23.80 18.24 -32.72
C GLU A 385 -23.06 16.91 -32.55
N PHE A 386 -23.39 16.12 -31.53
CA PHE A 386 -22.52 15.02 -31.07
C PHE A 386 -22.34 14.00 -32.21
N SER A 387 -21.09 13.59 -32.42
CA SER A 387 -20.74 12.41 -33.26
C SER A 387 -19.57 11.68 -32.62
N GLY A 388 -19.37 10.42 -32.99
CA GLY A 388 -18.14 9.70 -32.61
C GLY A 388 -16.90 10.35 -33.20
N GLU A 389 -17.07 10.98 -34.36
CA GLU A 389 -15.94 11.67 -35.04
C GLU A 389 -15.50 12.86 -34.17
N LYS A 390 -16.45 13.69 -33.71
CA LYS A 390 -16.14 14.96 -33.00
C LYS A 390 -15.61 14.65 -31.60
N LEU A 391 -16.13 13.61 -30.93
CA LEU A 391 -15.67 13.21 -29.57
C LEU A 391 -14.23 12.68 -29.67
N LEU A 392 -13.94 11.79 -30.64
CA LEU A 392 -12.57 11.21 -30.80
C LEU A 392 -11.57 12.31 -31.14
N LYS A 393 -11.96 13.31 -31.93
CA LYS A 393 -11.12 14.49 -32.28
C LYS A 393 -10.95 15.38 -31.03
N ALA A 394 -12.01 15.68 -30.29
CA ALA A 394 -11.92 16.42 -29.01
C ALA A 394 -10.84 15.78 -28.09
N ILE A 395 -10.81 14.45 -28.03
CA ILE A 395 -9.85 13.71 -27.18
C ILE A 395 -8.44 14.01 -27.69
N GLU A 396 -8.18 13.82 -28.98
CA GLU A 396 -6.83 14.00 -29.59
C GLU A 396 -6.42 15.49 -29.43
N ASP A 397 -7.31 16.43 -29.75
CA ASP A 397 -7.01 17.89 -29.67
C ASP A 397 -6.57 18.24 -28.24
N VAL A 398 -7.31 17.80 -27.22
CA VAL A 398 -7.06 18.23 -25.82
C VAL A 398 -5.83 17.51 -25.25
N LEU A 399 -5.65 16.21 -25.54
CA LEU A 399 -4.45 15.43 -25.15
C LEU A 399 -3.16 16.13 -25.63
N ASN A 400 -3.17 16.74 -26.82
CA ASN A 400 -1.96 17.26 -27.53
C ASN A 400 -1.84 18.79 -27.44
N ASP A 401 -2.80 19.48 -26.81
CA ASP A 401 -2.83 20.96 -26.75
C ASP A 401 -2.02 21.42 -25.52
N GLU A 402 -0.81 21.94 -25.75
CA GLU A 402 0.12 22.37 -24.69
C GLU A 402 -0.42 23.59 -23.95
N LYS A 403 -1.11 24.47 -24.66
CA LYS A 403 -1.69 25.72 -24.08
C LYS A 403 -2.75 25.33 -23.02
N ILE A 404 -3.68 24.43 -23.36
CA ILE A 404 -4.71 23.91 -22.41
C ILE A 404 -4.02 23.24 -21.20
N ASN A 405 -3.07 22.33 -21.46
CA ASN A 405 -2.40 21.55 -20.39
C ASN A 405 -1.60 22.52 -19.49
N ALA A 406 -1.06 23.61 -20.03
CA ALA A 406 -0.40 24.69 -19.25
C ALA A 406 -1.40 25.45 -18.37
N ASN A 407 -2.53 25.87 -18.94
CA ASN A 407 -3.60 26.61 -18.21
C ASN A 407 -4.07 25.79 -17.00
N VAL A 408 -4.31 24.50 -17.21
CA VAL A 408 -4.85 23.59 -16.17
C VAL A 408 -3.83 23.48 -15.04
N ALA A 409 -2.55 23.28 -15.38
CA ALA A 409 -1.44 23.17 -14.40
C ALA A 409 -1.38 24.42 -13.53
N ARG A 410 -1.53 25.58 -14.16
CA ARG A 410 -1.50 26.91 -13.50
C ARG A 410 -2.64 27.00 -12.48
N VAL A 411 -3.87 26.67 -12.89
CA VAL A 411 -5.08 26.66 -12.01
C VAL A 411 -4.87 25.60 -10.91
N SER A 412 -4.37 24.44 -11.26
CA SER A 412 -4.04 23.37 -10.29
C SER A 412 -3.19 23.96 -9.16
N GLU A 413 -2.15 24.72 -9.53
CA GLU A 413 -1.21 25.31 -8.54
C GLU A 413 -1.93 26.35 -7.68
N GLU A 414 -2.79 27.18 -8.29
CA GLU A 414 -3.56 28.24 -7.57
C GLU A 414 -4.49 27.58 -6.56
N LEU A 415 -5.08 26.43 -6.90
CA LEU A 415 -6.03 25.67 -6.03
C LEU A 415 -5.28 25.04 -4.85
N LYS A 416 -4.11 24.43 -5.08
CA LYS A 416 -3.27 23.79 -4.00
C LYS A 416 -2.78 24.87 -3.01
N LYS A 417 -2.36 26.03 -3.51
CA LYS A 417 -1.73 27.09 -2.68
C LYS A 417 -2.82 27.95 -2.00
N SER A 418 -4.06 27.90 -2.45
CA SER A 418 -5.18 28.73 -1.92
C SER A 418 -5.22 28.71 -0.38
N ASP A 419 -5.51 29.86 0.22
CA ASP A 419 -5.76 30.01 1.69
C ASP A 419 -7.12 30.68 1.90
N SER A 420 -7.98 30.65 0.88
CA SER A 420 -9.38 31.11 0.92
C SER A 420 -10.09 30.46 2.12
N LYS A 421 -9.73 29.22 2.49
CA LYS A 421 -10.40 28.49 3.61
C LYS A 421 -10.26 29.28 4.91
N ASP A 422 -9.18 30.06 5.07
CA ASP A 422 -8.84 30.70 6.37
C ASP A 422 -9.86 31.79 6.66
N LYS A 423 -10.08 32.70 5.71
CA LYS A 423 -11.09 33.79 5.80
C LYS A 423 -12.48 33.17 6.06
N VAL A 424 -12.86 32.17 5.27
CA VAL A 424 -14.22 31.56 5.31
C VAL A 424 -14.45 30.93 6.68
N ILE A 425 -13.49 30.21 7.23
CA ILE A 425 -13.67 29.60 8.59
C ILE A 425 -13.90 30.72 9.62
N SER A 426 -13.14 31.81 9.55
CA SER A 426 -13.22 32.93 10.54
C SER A 426 -14.64 33.51 10.52
N LEU A 427 -15.14 33.81 9.33
CA LEU A 427 -16.50 34.36 9.09
C LEU A 427 -17.57 33.41 9.67
N ILE A 428 -17.45 32.10 9.46
CA ILE A 428 -18.47 31.13 9.99
C ILE A 428 -18.46 31.21 11.52
N GLU A 429 -17.27 31.23 12.11
CA GLU A 429 -17.08 31.26 13.57
C GLU A 429 -17.58 32.60 14.14
N LYS A 430 -17.20 33.72 13.51
CA LYS A 430 -17.65 35.07 13.91
C LYS A 430 -19.18 35.10 13.89
N LEU A 431 -19.80 34.66 12.78
CA LEU A 431 -21.28 34.76 12.59
C LEU A 431 -21.96 33.92 13.64
N ALA A 432 -21.45 32.70 13.86
CA ALA A 432 -21.99 31.75 14.84
C ALA A 432 -21.93 32.35 16.24
N ARG A 433 -20.83 33.01 16.59
CA ARG A 433 -20.65 33.51 17.98
C ARG A 433 -21.33 34.88 18.13
N ASP A 434 -21.17 35.76 17.15
CA ASP A 434 -21.66 37.15 17.28
C ASP A 434 -23.09 37.26 16.74
N LYS A 435 -23.49 36.31 15.89
CA LYS A 435 -24.83 36.28 15.27
C LYS A 435 -24.97 37.47 14.30
N LYS A 436 -23.82 38.06 13.93
CA LYS A 436 -23.79 39.14 12.91
C LYS A 436 -22.37 39.26 12.35
N LEU A 437 -22.22 40.01 11.24
CA LEU A 437 -20.85 40.28 10.71
C LEU A 437 -20.58 41.79 10.70
N GLY B 10 4.62 -26.92 -19.37
CA GLY B 10 4.80 -25.45 -19.15
C GLY B 10 4.18 -24.61 -20.27
N LYS B 11 2.92 -24.84 -20.65
CA LYS B 11 2.14 -23.97 -21.57
C LYS B 11 1.14 -23.12 -20.77
N SER B 12 0.62 -22.04 -21.38
CA SER B 12 -0.47 -21.16 -20.87
C SER B 12 -1.84 -21.79 -21.19
N LEU B 13 -2.71 -21.91 -20.17
CA LEU B 13 -4.04 -22.57 -20.26
C LEU B 13 -5.17 -21.54 -20.35
N LYS B 14 -6.21 -21.82 -21.14
CA LYS B 14 -7.51 -21.11 -21.05
C LYS B 14 -8.33 -21.81 -19.95
N ILE B 15 -8.64 -21.10 -18.87
CA ILE B 15 -9.38 -21.64 -17.70
C ILE B 15 -10.66 -20.83 -17.50
N LEU B 16 -11.82 -21.49 -17.58
CA LEU B 16 -13.15 -20.85 -17.42
C LEU B 16 -13.71 -21.18 -16.04
N PHE B 17 -14.01 -20.13 -15.25
CA PHE B 17 -14.75 -20.23 -13.97
C PHE B 17 -16.22 -19.84 -14.18
N THR B 18 -17.09 -20.42 -13.35
CA THR B 18 -18.47 -19.95 -13.10
C THR B 18 -18.83 -20.33 -11.67
N ALA B 19 -19.91 -19.76 -11.15
CA ALA B 19 -20.40 -19.99 -9.78
C ALA B 19 -21.88 -19.61 -9.70
N LEU B 20 -22.58 -19.95 -8.63
CA LEU B 20 -23.95 -19.44 -8.55
C LEU B 20 -23.87 -17.99 -8.04
N PHE B 21 -25.01 -17.30 -8.07
CA PHE B 21 -25.14 -15.85 -7.84
C PHE B 21 -24.44 -15.41 -6.56
N GLY B 22 -24.50 -16.23 -5.51
CA GLY B 22 -24.01 -15.90 -4.16
C GLY B 22 -22.59 -15.37 -4.19
N PRO B 23 -22.34 -14.14 -3.72
CA PRO B 23 -20.98 -13.60 -3.57
C PRO B 23 -19.98 -14.54 -2.88
N GLY B 24 -20.43 -15.35 -1.93
CA GLY B 24 -19.58 -16.36 -1.26
C GLY B 24 -19.01 -17.34 -2.27
N HIS B 25 -19.80 -17.79 -3.24
CA HIS B 25 -19.35 -18.76 -4.28
C HIS B 25 -18.40 -18.07 -5.26
N LEU B 26 -18.75 -16.86 -5.70
CA LEU B 26 -17.90 -16.05 -6.60
C LEU B 26 -16.56 -15.77 -5.92
N ASN B 27 -16.57 -15.42 -4.64
CA ASN B 27 -15.36 -14.92 -3.95
C ASN B 27 -14.36 -16.07 -3.83
N ALA B 28 -14.84 -17.24 -3.44
CA ALA B 28 -14.04 -18.47 -3.34
C ALA B 28 -13.33 -18.70 -4.67
N CYS B 29 -14.05 -18.53 -5.80
CA CYS B 29 -13.51 -18.78 -7.16
C CYS B 29 -12.50 -17.70 -7.53
N LEU B 30 -12.74 -16.45 -7.14
CA LEU B 30 -11.81 -15.32 -7.43
C LEU B 30 -10.45 -15.66 -6.82
N GLY B 31 -10.44 -16.18 -5.58
CA GLY B 31 -9.25 -16.67 -4.88
C GLY B 31 -8.43 -17.65 -5.75
N ILE B 32 -9.05 -18.68 -6.29
CA ILE B 32 -8.35 -19.70 -7.11
C ILE B 32 -7.93 -19.06 -8.45
N GLY B 33 -8.78 -18.26 -9.06
CA GLY B 33 -8.46 -17.51 -10.28
C GLY B 33 -7.18 -16.69 -10.15
N SER B 34 -6.96 -16.06 -8.98
CA SER B 34 -5.74 -15.26 -8.69
C SER B 34 -4.52 -16.19 -8.79
N LEU B 35 -4.48 -17.25 -7.98
CA LEU B 35 -3.36 -18.23 -7.98
C LEU B 35 -3.01 -18.61 -9.44
N LEU B 36 -4.01 -18.90 -10.26
CA LEU B 36 -3.81 -19.44 -11.62
C LEU B 36 -3.31 -18.35 -12.58
N ARG B 37 -3.74 -17.10 -12.39
CA ARG B 37 -3.29 -15.95 -13.21
C ARG B 37 -1.80 -15.68 -13.00
N LYS B 38 -1.36 -15.72 -11.74
CA LYS B 38 0.04 -15.55 -11.30
C LYS B 38 0.94 -16.61 -11.97
N ARG B 39 0.42 -17.77 -12.37
CA ARG B 39 1.20 -18.83 -13.10
C ARG B 39 1.10 -18.63 -14.61
N GLY B 40 0.45 -17.56 -15.09
CA GLY B 40 0.50 -17.16 -16.50
C GLY B 40 -0.62 -17.71 -17.36
N HIS B 41 -1.74 -18.17 -16.77
CA HIS B 41 -2.91 -18.70 -17.54
C HIS B 41 -3.93 -17.59 -17.83
N GLN B 42 -4.67 -17.68 -18.94
CA GLN B 42 -5.85 -16.83 -19.24
C GLN B 42 -7.08 -17.31 -18.46
N ILE B 43 -7.55 -16.52 -17.52
CA ILE B 43 -8.77 -16.79 -16.71
C ILE B 43 -9.99 -16.10 -17.36
N TYR B 44 -11.04 -16.91 -17.57
CA TYR B 44 -12.33 -16.38 -18.06
C TYR B 44 -13.33 -16.72 -16.97
N PHE B 45 -14.22 -15.78 -16.63
CA PHE B 45 -15.27 -16.01 -15.60
C PHE B 45 -16.65 -15.73 -16.19
N ALA B 46 -17.49 -16.76 -16.27
CA ALA B 46 -18.89 -16.55 -16.72
C ALA B 46 -19.76 -16.30 -15.48
N HIS B 47 -20.25 -15.07 -15.34
CA HIS B 47 -21.07 -14.70 -14.17
C HIS B 47 -22.08 -13.61 -14.56
N PHE B 48 -22.59 -12.87 -13.58
CA PHE B 48 -23.63 -11.85 -13.79
C PHE B 48 -22.97 -10.48 -13.87
N PRO B 49 -23.59 -9.56 -14.66
CA PRO B 49 -23.09 -8.18 -14.83
C PRO B 49 -22.76 -7.41 -13.54
N ARG B 50 -23.52 -7.64 -12.49
CA ARG B 50 -23.29 -7.05 -11.13
C ARG B 50 -21.85 -7.34 -10.68
N HIS B 51 -21.14 -8.33 -11.23
CA HIS B 51 -19.78 -8.74 -10.75
C HIS B 51 -18.68 -8.51 -11.79
N ARG B 52 -19.05 -7.94 -12.95
CA ARG B 52 -18.12 -7.62 -14.04
C ARG B 52 -16.94 -6.83 -13.47
N ALA B 53 -17.21 -5.83 -12.64
CA ALA B 53 -16.21 -4.87 -12.17
C ALA B 53 -15.15 -5.64 -11.39
N THR B 54 -15.56 -6.44 -10.40
CA THR B 54 -14.58 -7.16 -9.55
C THR B 54 -13.87 -8.24 -10.38
N ILE B 55 -14.57 -8.88 -11.31
CA ILE B 55 -13.97 -9.91 -12.18
C ILE B 55 -12.89 -9.26 -13.04
N GLU B 56 -13.18 -8.09 -13.65
CA GLU B 56 -12.24 -7.44 -14.61
C GLU B 56 -11.10 -6.75 -13.84
N LYS B 57 -11.35 -6.33 -12.60
CA LYS B 57 -10.34 -5.69 -11.71
C LYS B 57 -9.28 -6.72 -11.38
N HIS B 58 -9.64 -7.99 -11.16
CA HIS B 58 -8.70 -9.11 -10.88
C HIS B 58 -7.97 -9.53 -12.16
N GLY B 59 -8.43 -9.04 -13.31
CA GLY B 59 -7.77 -9.27 -14.61
C GLY B 59 -8.29 -10.49 -15.34
N PHE B 60 -9.48 -10.97 -15.00
CA PHE B 60 -10.11 -12.12 -15.67
C PHE B 60 -10.99 -11.54 -16.77
N LEU B 61 -11.19 -12.27 -17.86
CA LEU B 61 -12.13 -11.87 -18.94
C LEU B 61 -13.57 -12.18 -18.48
N PHE B 62 -14.44 -11.18 -18.50
CA PHE B 62 -15.83 -11.31 -18.02
C PHE B 62 -16.72 -11.76 -19.17
N ILE B 63 -17.50 -12.81 -18.94
CA ILE B 63 -18.54 -13.32 -19.87
C ILE B 63 -19.86 -13.24 -19.12
N SER B 64 -20.86 -12.58 -19.70
CA SER B 64 -22.22 -12.49 -19.13
C SER B 64 -23.00 -13.76 -19.43
N LEU B 65 -23.34 -14.55 -18.41
CA LEU B 65 -24.36 -15.60 -18.50
C LEU B 65 -25.58 -15.08 -19.28
N LEU B 66 -26.00 -13.82 -19.12
CA LEU B 66 -27.25 -13.27 -19.73
C LEU B 66 -27.15 -13.19 -21.27
N ASP B 67 -25.93 -13.08 -21.81
CA ASP B 67 -25.69 -12.97 -23.26
C ASP B 67 -25.79 -14.32 -23.95
N TYR B 68 -25.90 -15.42 -23.20
CA TYR B 68 -25.93 -16.80 -23.73
C TYR B 68 -27.20 -17.52 -23.29
N ALA B 69 -28.16 -16.81 -22.72
CA ALA B 69 -29.45 -17.39 -22.31
C ALA B 69 -30.19 -17.90 -23.54
N GLU B 70 -30.88 -19.01 -23.40
CA GLU B 70 -31.85 -19.52 -24.37
C GLU B 70 -33.14 -18.74 -24.15
N PRO B 71 -33.81 -18.23 -25.20
CA PRO B 71 -35.09 -17.51 -25.04
C PRO B 71 -36.15 -18.24 -24.19
N GLU B 72 -36.27 -19.55 -24.37
CA GLU B 72 -37.28 -20.38 -23.68
C GLU B 72 -36.86 -20.69 -22.24
N PHE B 73 -35.59 -20.42 -21.87
CA PHE B 73 -34.99 -20.70 -20.54
C PHE B 73 -34.20 -19.50 -20.05
N PRO B 74 -34.90 -18.44 -19.59
CA PRO B 74 -34.23 -17.23 -19.12
C PRO B 74 -33.39 -17.51 -17.87
N ILE B 75 -32.34 -16.74 -17.69
CA ILE B 75 -31.50 -16.72 -16.45
C ILE B 75 -31.90 -15.48 -15.66
N VAL B 76 -32.30 -15.66 -14.41
CA VAL B 76 -32.51 -14.52 -13.44
C VAL B 76 -31.32 -14.51 -12.46
N ASP B 77 -30.67 -13.34 -12.21
CA ASP B 77 -29.81 -13.12 -11.02
C ASP B 77 -30.75 -13.11 -9.81
N MET B 78 -30.65 -14.10 -8.93
CA MET B 78 -31.59 -14.38 -7.83
C MET B 78 -31.30 -13.48 -6.62
N LEU B 79 -30.16 -12.77 -6.62
CA LEU B 79 -29.60 -12.05 -5.45
C LEU B 79 -30.53 -10.93 -4.99
N PRO B 80 -31.10 -10.09 -5.89
CA PRO B 80 -32.04 -9.06 -5.47
C PRO B 80 -33.28 -9.57 -4.70
N ASP B 81 -33.72 -10.82 -4.94
CA ASP B 81 -35.01 -11.35 -4.41
C ASP B 81 -34.74 -12.54 -3.47
N ILE B 82 -33.51 -12.70 -2.99
CA ILE B 82 -33.14 -13.79 -2.02
C ILE B 82 -33.75 -13.53 -0.63
N GLY B 83 -34.18 -12.28 -0.37
CA GLY B 83 -34.67 -11.82 0.93
C GLY B 83 -35.96 -12.51 1.36
N ILE B 84 -36.83 -12.85 0.40
CA ILE B 84 -38.11 -13.58 0.66
C ILE B 84 -37.79 -14.96 1.28
N ILE B 85 -36.89 -15.73 0.68
CA ILE B 85 -36.48 -17.09 1.15
C ILE B 85 -35.80 -16.98 2.53
N ALA B 86 -34.93 -16.01 2.74
CA ALA B 86 -34.09 -15.86 3.95
C ALA B 86 -34.93 -15.35 5.14
N LYS B 87 -36.00 -14.60 4.87
CA LYS B 87 -36.99 -14.15 5.88
C LYS B 87 -37.75 -15.37 6.45
N PHE B 88 -38.20 -16.28 5.59
CA PHE B 88 -38.89 -17.53 5.99
C PHE B 88 -37.96 -18.36 6.90
N ALA B 89 -36.71 -18.58 6.48
CA ALA B 89 -35.68 -19.31 7.27
C ALA B 89 -35.51 -18.69 8.66
N PHE B 90 -35.53 -17.35 8.75
CA PHE B 90 -35.33 -16.53 9.98
C PHE B 90 -36.50 -16.78 10.93
N GLU B 91 -37.75 -16.59 10.45
CA GLU B 91 -38.97 -16.72 11.30
C GLU B 91 -39.00 -18.13 11.89
N ARG B 92 -38.75 -19.15 11.06
CA ARG B 92 -38.68 -20.58 11.47
C ARG B 92 -37.58 -20.75 12.53
N MET B 93 -36.34 -20.34 12.25
CA MET B 93 -35.16 -20.48 13.15
C MET B 93 -35.33 -19.70 14.46
N HIS B 94 -36.10 -18.61 14.43
CA HIS B 94 -36.40 -17.75 15.61
C HIS B 94 -37.40 -18.46 16.54
N LYS B 95 -38.32 -19.27 16.03
CA LYS B 95 -39.38 -19.96 16.80
C LYS B 95 -38.92 -21.37 17.24
N LEU B 96 -38.17 -22.09 16.40
CA LEU B 96 -37.96 -23.56 16.53
C LEU B 96 -36.48 -23.90 16.78
N THR B 97 -36.20 -24.97 17.53
CA THR B 97 -34.85 -25.57 17.72
C THR B 97 -34.44 -26.25 16.41
N PRO B 98 -33.13 -26.48 16.14
CA PRO B 98 -32.70 -27.21 14.94
C PRO B 98 -33.39 -28.57 14.71
N LEU B 99 -33.72 -29.30 15.79
CA LEU B 99 -34.45 -30.59 15.75
C LEU B 99 -35.91 -30.34 15.32
N GLU B 100 -36.62 -29.46 16.03
CA GLU B 100 -38.01 -29.02 15.73
C GLU B 100 -38.13 -28.50 14.28
N LEU B 101 -37.13 -27.76 13.77
CA LEU B 101 -37.14 -27.18 12.40
C LEU B 101 -37.12 -28.32 11.37
N PHE B 102 -36.41 -29.41 11.65
CA PHE B 102 -36.25 -30.55 10.71
C PHE B 102 -37.56 -31.36 10.68
N ARG B 103 -38.23 -31.52 11.82
CA ARG B 103 -39.61 -32.08 11.90
C ARG B 103 -40.53 -31.24 11.01
N HIS B 104 -40.67 -29.96 11.34
CA HIS B 104 -41.51 -28.96 10.61
C HIS B 104 -41.28 -29.05 9.09
N ALA B 105 -40.02 -29.21 8.68
CA ALA B 105 -39.63 -29.19 7.26
C ALA B 105 -40.21 -30.43 6.55
N SER B 106 -40.24 -31.56 7.26
CA SER B 106 -41.04 -32.74 6.84
C SER B 106 -40.57 -33.24 5.47
N GLY B 107 -39.25 -33.41 5.30
CA GLY B 107 -38.69 -33.99 4.07
C GLY B 107 -38.48 -32.93 3.00
N LYS B 108 -38.73 -31.67 3.35
CA LYS B 108 -38.37 -30.53 2.47
C LYS B 108 -36.89 -30.19 2.66
N HIS B 109 -36.14 -30.16 1.56
CA HIS B 109 -34.67 -29.98 1.61
C HIS B 109 -34.35 -28.49 1.53
N THR B 110 -33.21 -28.09 2.10
CA THR B 110 -32.77 -26.68 2.26
C THR B 110 -32.71 -25.97 0.91
N PHE B 111 -32.19 -26.58 -0.16
CA PHE B 111 -31.97 -25.87 -1.45
C PHE B 111 -32.47 -26.66 -2.68
N ALA B 112 -33.27 -27.72 -2.53
CA ALA B 112 -33.83 -28.48 -3.69
C ALA B 112 -34.72 -27.58 -4.59
N GLY B 113 -35.38 -26.55 -4.05
CA GLY B 113 -36.23 -25.60 -4.83
C GLY B 113 -35.46 -24.81 -5.89
N MET B 114 -34.13 -24.64 -5.78
CA MET B 114 -33.31 -23.96 -6.80
C MET B 114 -33.16 -24.79 -8.07
N VAL B 115 -33.26 -26.12 -7.93
CA VAL B 115 -32.73 -27.07 -8.95
C VAL B 115 -33.45 -26.84 -10.27
N ASN B 116 -34.78 -26.76 -10.24
CA ASN B 116 -35.60 -26.66 -11.48
C ASN B 116 -35.21 -25.38 -12.23
N GLY B 117 -34.96 -24.28 -11.48
CA GLY B 117 -34.62 -22.96 -12.01
C GLY B 117 -33.25 -22.87 -12.67
N SER B 118 -32.39 -23.89 -12.50
CA SER B 118 -31.00 -23.97 -13.04
C SER B 118 -30.93 -24.27 -14.55
N LYS B 119 -32.02 -24.63 -15.21
CA LYS B 119 -31.96 -25.07 -16.64
C LYS B 119 -31.27 -23.98 -17.49
N GLY B 120 -31.58 -22.70 -17.24
CA GLY B 120 -31.09 -21.57 -18.07
C GLY B 120 -29.57 -21.43 -18.02
N GLU B 121 -28.98 -21.37 -16.81
CA GLU B 121 -27.51 -21.31 -16.61
C GLU B 121 -26.87 -22.45 -17.39
N ASN B 122 -27.55 -23.60 -17.42
CA ASN B 122 -26.98 -24.83 -17.98
C ASN B 122 -26.86 -24.68 -19.50
N TYR B 123 -27.92 -24.23 -20.15
CA TYR B 123 -27.89 -23.90 -21.60
C TYR B 123 -26.75 -22.90 -21.85
N ALA B 124 -26.67 -21.84 -21.04
CA ALA B 124 -25.66 -20.76 -21.22
C ALA B 124 -24.25 -21.34 -21.17
N MET B 125 -23.95 -22.15 -20.16
CA MET B 125 -22.60 -22.74 -19.98
C MET B 125 -22.28 -23.67 -21.15
N MET B 126 -23.23 -24.41 -21.70
CA MET B 126 -22.98 -25.28 -22.88
C MET B 126 -22.51 -24.40 -24.04
N LYS B 127 -23.19 -23.28 -24.31
CA LYS B 127 -22.81 -22.36 -25.42
C LYS B 127 -21.48 -21.68 -25.13
N ILE B 128 -21.23 -21.31 -23.87
CA ILE B 128 -20.02 -20.52 -23.49
C ILE B 128 -18.81 -21.43 -23.65
N VAL B 129 -18.89 -22.67 -23.18
CA VAL B 129 -17.73 -23.62 -23.24
C VAL B 129 -17.46 -24.00 -24.70
N LYS B 130 -18.49 -24.15 -25.52
CA LYS B 130 -18.32 -24.41 -26.98
C LYS B 130 -17.61 -23.23 -27.63
N GLU B 131 -17.99 -21.98 -27.37
CA GLU B 131 -17.43 -20.77 -28.05
C GLU B 131 -15.98 -20.52 -27.61
N TYR B 132 -15.71 -20.51 -26.31
CA TYR B 132 -14.40 -20.07 -25.75
C TYR B 132 -13.38 -21.22 -25.70
N LYS B 133 -13.84 -22.46 -25.92
CA LYS B 133 -12.97 -23.66 -26.10
C LYS B 133 -11.89 -23.64 -25.01
N PRO B 134 -12.26 -23.59 -23.71
CA PRO B 134 -11.27 -23.67 -22.64
C PRO B 134 -10.69 -25.08 -22.48
N ASP B 135 -9.54 -25.14 -21.83
CA ASP B 135 -8.74 -26.35 -21.53
C ASP B 135 -9.28 -27.03 -20.29
N VAL B 136 -9.88 -26.27 -19.38
CA VAL B 136 -10.49 -26.81 -18.13
C VAL B 136 -11.50 -25.79 -17.61
N CYS B 137 -12.55 -26.24 -16.91
CA CYS B 137 -13.56 -25.36 -16.25
C CYS B 137 -13.56 -25.64 -14.76
N LEU B 138 -13.82 -24.62 -13.94
CA LEU B 138 -14.14 -24.78 -12.50
C LEU B 138 -15.48 -24.13 -12.22
N ALA B 139 -16.25 -24.66 -11.28
CA ALA B 139 -17.64 -24.23 -11.04
C ALA B 139 -17.94 -24.42 -9.57
N ASP B 140 -18.25 -23.32 -8.85
CA ASP B 140 -18.74 -23.37 -7.45
C ASP B 140 -20.27 -23.29 -7.46
N TYR B 141 -20.89 -24.45 -7.35
CA TYR B 141 -22.35 -24.67 -7.29
C TYR B 141 -22.69 -25.39 -5.99
N LEU B 142 -23.96 -25.39 -5.58
CA LEU B 142 -24.43 -26.17 -4.42
C LEU B 142 -24.63 -27.65 -4.83
N PHE B 143 -24.76 -27.93 -6.13
CA PHE B 143 -25.02 -29.27 -6.69
C PHE B 143 -24.51 -29.34 -8.13
N ASN B 144 -24.13 -30.53 -8.57
CA ASN B 144 -23.60 -30.73 -9.93
C ASN B 144 -24.71 -30.41 -10.93
N MET B 145 -24.32 -29.96 -12.10
CA MET B 145 -25.22 -29.49 -13.17
C MET B 145 -24.89 -30.28 -14.42
N PRO B 146 -25.88 -30.64 -15.26
CA PRO B 146 -25.63 -31.43 -16.44
C PRO B 146 -24.46 -30.96 -17.33
N TRP B 147 -24.29 -29.66 -17.58
CA TRP B 147 -23.28 -29.17 -18.57
C TRP B 147 -21.89 -29.68 -18.19
N MET B 148 -21.62 -29.82 -16.89
CA MET B 148 -20.31 -30.31 -16.35
C MET B 148 -19.98 -31.71 -16.91
N PHE B 149 -20.94 -32.43 -17.49
CA PHE B 149 -20.76 -33.81 -18.00
C PHE B 149 -21.01 -33.91 -19.50
N THR B 150 -21.29 -32.81 -20.20
CA THR B 150 -21.55 -32.85 -21.66
C THR B 150 -20.44 -32.13 -22.41
N VAL B 151 -19.75 -31.17 -21.80
CA VAL B 151 -18.77 -30.29 -22.51
C VAL B 151 -17.49 -31.10 -22.77
N ASP B 152 -16.65 -30.70 -23.71
CA ASP B 152 -15.43 -31.45 -24.14
C ASP B 152 -14.42 -31.52 -23.01
N CYS B 153 -14.11 -30.38 -22.37
CA CYS B 153 -13.02 -30.29 -21.35
C CYS B 153 -13.43 -30.95 -20.04
N PRO B 154 -12.44 -31.28 -19.19
CA PRO B 154 -12.73 -31.63 -17.80
C PRO B 154 -13.27 -30.43 -17.00
N VAL B 155 -14.02 -30.73 -15.95
CA VAL B 155 -14.69 -29.72 -15.11
C VAL B 155 -14.48 -30.08 -13.64
N ILE B 156 -13.97 -29.13 -12.86
CA ILE B 156 -13.63 -29.33 -11.43
C ILE B 156 -14.71 -28.65 -10.60
N PRO B 157 -15.56 -29.39 -9.90
CA PRO B 157 -16.45 -28.77 -8.94
C PRO B 157 -15.59 -28.12 -7.84
N VAL B 158 -15.91 -26.89 -7.47
CA VAL B 158 -15.31 -26.15 -6.33
C VAL B 158 -16.39 -26.04 -5.26
N LYS B 159 -16.06 -26.34 -4.02
CA LYS B 159 -17.04 -26.36 -2.92
C LYS B 159 -16.52 -25.39 -1.86
N SER B 160 -17.34 -24.42 -1.48
CA SER B 160 -16.98 -23.34 -0.53
C SER B 160 -17.87 -23.47 0.72
N VAL B 161 -18.96 -24.22 0.63
CA VAL B 161 -19.79 -24.55 1.83
C VAL B 161 -19.03 -25.55 2.71
N ASN B 162 -19.50 -25.71 3.94
CA ASN B 162 -19.00 -26.72 4.91
C ASN B 162 -18.91 -28.08 4.24
N PRO B 163 -17.73 -28.74 4.27
CA PRO B 163 -17.53 -30.01 3.56
C PRO B 163 -17.93 -31.31 4.30
N ILE B 164 -18.68 -31.23 5.41
CA ILE B 164 -19.13 -32.47 6.12
C ILE B 164 -19.92 -33.36 5.15
N GLU B 165 -20.65 -32.77 4.20
CA GLU B 165 -21.37 -33.50 3.14
C GLU B 165 -20.44 -34.40 2.32
N LEU B 166 -19.13 -34.16 2.27
CA LEU B 166 -18.17 -35.03 1.53
C LEU B 166 -17.81 -36.29 2.33
N TYR B 167 -18.25 -36.39 3.59
CA TYR B 167 -17.85 -37.45 4.53
C TYR B 167 -19.07 -38.32 4.83
N ASN B 168 -18.82 -39.56 5.29
CA ASN B 168 -19.84 -40.47 5.86
C ASN B 168 -19.83 -40.26 7.38
N GLY B 169 -20.71 -39.40 7.87
CA GLY B 169 -20.78 -39.09 9.31
C GLY B 169 -22.09 -38.40 9.67
N PRO B 170 -22.08 -37.42 10.60
CA PRO B 170 -23.27 -36.62 10.86
C PRO B 170 -23.84 -36.08 9.54
N PRO B 171 -25.17 -35.99 9.37
CA PRO B 171 -25.74 -35.44 8.14
C PRO B 171 -25.45 -33.94 8.00
N ALA B 172 -25.47 -33.45 6.77
CA ALA B 172 -25.15 -32.03 6.47
C ALA B 172 -26.36 -31.15 6.76
N LEU B 173 -26.11 -29.86 7.01
CA LEU B 173 -27.15 -28.81 7.09
C LEU B 173 -27.88 -28.93 8.43
N THR B 174 -27.31 -29.71 9.36
CA THR B 174 -28.01 -30.15 10.60
C THR B 174 -27.36 -29.49 11.83
N GLY B 175 -26.06 -29.19 11.75
CA GLY B 175 -25.35 -28.54 12.87
C GLY B 175 -25.08 -29.49 14.03
N CYS B 176 -24.90 -30.78 13.71
CA CYS B 176 -24.67 -31.81 14.75
C CYS B 176 -23.34 -31.56 15.46
N SER B 177 -23.26 -31.91 16.74
CA SER B 177 -22.06 -31.69 17.59
C SER B 177 -21.29 -33.01 17.71
N ILE B 178 -19.97 -32.95 17.93
CA ILE B 178 -19.12 -34.14 18.27
C ILE B 178 -19.48 -34.61 19.69
N HIS B 179 -20.08 -33.75 20.52
CA HIS B 179 -20.52 -34.05 21.92
C HIS B 179 -22.02 -34.42 21.92
N ASP B 180 -22.62 -34.71 20.76
CA ASP B 180 -24.04 -35.14 20.67
C ASP B 180 -24.10 -36.62 21.03
N PRO B 181 -24.98 -37.07 21.95
CA PRO B 181 -25.18 -38.49 22.20
C PRO B 181 -25.84 -39.19 21.01
N PRO B 182 -25.72 -40.52 20.87
CA PRO B 182 -26.34 -41.24 19.76
C PRO B 182 -27.87 -41.07 19.63
N SER B 183 -28.59 -40.86 20.75
CA SER B 183 -30.07 -40.82 20.81
C SER B 183 -30.61 -39.62 20.01
N VAL B 184 -30.12 -38.41 20.32
CA VAL B 184 -30.56 -37.12 19.68
C VAL B 184 -30.23 -37.16 18.18
N ARG B 185 -29.11 -37.81 17.83
CA ARG B 185 -28.55 -37.91 16.45
C ARG B 185 -29.32 -38.91 15.59
N GLU B 186 -29.89 -39.98 16.16
CA GLU B 186 -30.63 -41.02 15.38
C GLU B 186 -31.79 -40.35 14.62
N GLU B 187 -32.45 -39.35 15.21
CA GLU B 187 -33.62 -38.71 14.54
C GLU B 187 -33.19 -37.77 13.41
N ILE B 188 -32.28 -36.83 13.67
CA ILE B 188 -31.91 -35.82 12.63
C ILE B 188 -31.40 -36.54 11.39
N GLU B 189 -30.64 -37.63 11.54
CA GLU B 189 -30.13 -38.39 10.38
C GLU B 189 -31.30 -38.89 9.54
N GLN B 190 -32.34 -39.39 10.20
CA GLN B 190 -33.52 -39.93 9.48
C GLN B 190 -34.21 -38.76 8.76
N LEU B 191 -34.39 -37.64 9.45
CA LEU B 191 -35.11 -36.50 8.84
C LEU B 191 -34.33 -36.01 7.62
N ALA B 192 -33.01 -36.21 7.61
CA ALA B 192 -32.17 -35.71 6.51
C ALA B 192 -32.19 -36.70 5.34
N ARG B 193 -32.03 -37.99 5.63
CA ARG B 193 -32.07 -39.02 4.58
C ARG B 193 -33.37 -38.85 3.81
N LYS B 194 -34.40 -38.35 4.49
CA LYS B 194 -35.72 -38.15 3.85
C LYS B 194 -35.61 -36.96 2.87
N SER B 195 -35.01 -35.86 3.30
CA SER B 195 -34.93 -34.61 2.49
C SER B 195 -33.82 -34.73 1.43
N GLU B 196 -32.73 -35.45 1.70
CA GLU B 196 -31.63 -35.69 0.71
C GLU B 196 -32.22 -36.32 -0.56
N LEU B 197 -33.28 -37.13 -0.44
CA LEU B 197 -33.89 -37.81 -1.61
C LEU B 197 -34.83 -36.86 -2.35
N GLU B 198 -35.37 -35.84 -1.69
CA GLU B 198 -36.09 -34.74 -2.39
C GLU B 198 -35.10 -34.03 -3.33
N LEU B 199 -33.86 -33.79 -2.89
CA LEU B 199 -32.79 -33.18 -3.73
C LEU B 199 -32.52 -34.10 -4.92
N GLU B 200 -32.36 -35.41 -4.68
CA GLU B 200 -31.99 -36.40 -5.73
C GLU B 200 -33.09 -36.40 -6.79
N SER B 201 -34.34 -36.36 -6.35
CA SER B 201 -35.51 -36.45 -7.27
C SER B 201 -35.56 -35.19 -8.13
N GLU B 202 -35.25 -34.03 -7.55
CA GLU B 202 -35.25 -32.74 -8.28
C GLU B 202 -34.08 -32.70 -9.28
N LEU B 203 -32.91 -33.18 -8.87
CA LEU B 203 -31.74 -33.25 -9.78
C LEU B 203 -32.03 -34.18 -10.95
N GLU B 204 -32.76 -35.28 -10.68
CA GLU B 204 -33.16 -36.27 -11.71
C GLU B 204 -33.90 -35.51 -12.82
N LYS B 205 -34.82 -34.61 -12.47
CA LYS B 205 -35.65 -33.87 -13.47
C LYS B 205 -34.76 -32.94 -14.30
N LEU B 206 -33.80 -32.28 -13.64
CA LEU B 206 -32.90 -31.32 -14.33
C LEU B 206 -32.01 -32.09 -15.32
N PHE B 207 -31.44 -33.21 -14.87
CA PHE B 207 -30.56 -34.07 -15.71
C PHE B 207 -31.37 -34.69 -16.86
N ALA B 208 -32.55 -35.22 -16.55
CA ALA B 208 -33.50 -35.81 -17.55
C ALA B 208 -33.77 -34.78 -18.65
N HIS B 209 -34.02 -33.52 -18.26
CA HIS B 209 -34.29 -32.44 -19.24
C HIS B 209 -33.22 -32.42 -20.31
N PHE B 210 -31.94 -32.63 -19.95
CA PHE B 210 -30.81 -32.51 -20.91
C PHE B 210 -30.31 -33.88 -21.39
N ASN B 211 -31.01 -34.97 -21.09
CA ASN B 211 -30.62 -36.36 -21.47
C ASN B 211 -29.21 -36.68 -20.97
N VAL B 212 -28.92 -36.32 -19.73
CA VAL B 212 -27.59 -36.56 -19.09
C VAL B 212 -27.81 -37.50 -17.92
N PRO B 213 -27.05 -38.60 -17.84
CA PRO B 213 -27.21 -39.52 -16.71
C PRO B 213 -26.92 -38.78 -15.40
N LEU B 214 -27.84 -38.91 -14.46
CA LEU B 214 -27.78 -38.28 -13.14
C LEU B 214 -26.58 -38.83 -12.39
N VAL B 215 -25.75 -37.92 -11.86
CA VAL B 215 -24.64 -38.25 -10.93
C VAL B 215 -25.05 -37.77 -9.53
N SER B 216 -24.32 -38.21 -8.51
CA SER B 216 -24.45 -37.70 -7.14
C SER B 216 -24.26 -36.18 -7.16
N TYR B 217 -24.91 -35.45 -6.26
CA TYR B 217 -24.94 -33.97 -6.31
C TYR B 217 -23.55 -33.40 -6.02
N ASN B 218 -22.67 -34.16 -5.34
CA ASN B 218 -21.31 -33.71 -4.96
C ASN B 218 -20.25 -34.70 -5.45
N TYR B 219 -20.52 -35.40 -6.56
CA TYR B 219 -19.56 -36.22 -7.30
C TYR B 219 -18.51 -35.33 -7.95
N ALA B 220 -17.26 -35.79 -7.87
CA ALA B 220 -16.14 -35.32 -8.71
C ALA B 220 -15.68 -36.46 -9.63
N GLN B 221 -15.75 -36.24 -10.95
CA GLN B 221 -15.40 -37.29 -11.93
C GLN B 221 -13.88 -37.57 -11.90
N GLN B 222 -13.07 -36.51 -11.87
CA GLN B 222 -11.60 -36.63 -11.96
C GLN B 222 -10.93 -35.81 -10.85
N LEU B 223 -11.47 -34.62 -10.58
CA LEU B 223 -10.89 -33.75 -9.52
C LEU B 223 -11.97 -32.84 -8.94
N GLY B 224 -11.99 -32.71 -7.61
CA GLY B 224 -12.80 -31.71 -6.89
C GLY B 224 -11.98 -30.96 -5.86
N ILE B 225 -12.23 -29.65 -5.72
CA ILE B 225 -11.50 -28.80 -4.74
C ILE B 225 -12.52 -28.32 -3.72
N TYR B 226 -12.40 -28.74 -2.47
CA TYR B 226 -13.18 -28.12 -1.36
C TYR B 226 -12.25 -27.20 -0.57
N ILE B 227 -12.79 -26.07 -0.13
CA ILE B 227 -12.04 -25.00 0.57
C ILE B 227 -12.52 -25.00 2.02
N TYR B 228 -11.67 -25.44 2.92
CA TYR B 228 -11.91 -25.40 4.38
C TYR B 228 -10.57 -25.48 5.08
N PRO B 229 -10.38 -24.87 6.25
CA PRO B 229 -9.10 -24.96 6.97
C PRO B 229 -8.80 -26.40 7.42
N GLY B 230 -7.58 -26.89 7.20
CA GLY B 230 -7.09 -28.19 7.70
C GLY B 230 -7.49 -28.41 9.16
N PRO B 231 -7.17 -27.49 10.08
CA PRO B 231 -7.50 -27.66 11.49
C PRO B 231 -9.00 -27.83 11.79
N LEU B 232 -9.89 -27.45 10.86
CA LEU B 232 -11.35 -27.55 11.05
C LEU B 232 -11.91 -28.73 10.24
N ASP B 233 -11.15 -29.27 9.29
CA ASP B 233 -11.60 -30.37 8.39
C ASP B 233 -11.90 -31.59 9.25
N TYR B 234 -12.68 -32.52 8.72
CA TYR B 234 -13.40 -33.57 9.51
C TYR B 234 -12.54 -34.84 9.58
N LYS B 235 -11.35 -34.74 10.19
CA LYS B 235 -10.30 -35.81 10.18
C LYS B 235 -10.78 -36.98 11.04
N GLU B 236 -11.62 -36.72 12.05
CA GLU B 236 -12.30 -37.74 12.89
C GLU B 236 -13.32 -38.56 12.08
N LEU B 237 -13.66 -38.20 10.84
CA LEU B 237 -14.66 -38.96 10.02
C LEU B 237 -13.95 -39.73 8.91
N GLY B 238 -12.61 -39.62 8.81
CA GLY B 238 -11.85 -40.34 7.78
C GLY B 238 -11.49 -39.44 6.62
N SER B 239 -11.93 -39.81 5.42
CA SER B 239 -11.53 -39.19 4.13
C SER B 239 -12.78 -38.72 3.40
N PRO B 240 -12.68 -37.59 2.66
CA PRO B 240 -13.75 -37.18 1.78
C PRO B 240 -13.92 -38.16 0.61
N LYS B 241 -15.00 -37.96 -0.15
CA LYS B 241 -15.31 -38.82 -1.32
C LYS B 241 -14.14 -38.83 -2.29
N GLU B 242 -14.17 -39.77 -3.24
CA GLU B 242 -13.04 -39.92 -4.17
C GLU B 242 -12.79 -38.67 -5.00
N ASN B 243 -11.53 -38.31 -5.19
CA ASN B 243 -11.08 -37.25 -6.13
C ASN B 243 -11.13 -35.83 -5.54
N TRP B 244 -11.68 -35.68 -4.34
CA TRP B 244 -11.81 -34.39 -3.63
C TRP B 244 -10.52 -34.07 -2.88
N VAL B 245 -10.05 -32.84 -3.02
CA VAL B 245 -8.76 -32.33 -2.48
C VAL B 245 -9.04 -31.03 -1.73
N ARG B 246 -8.39 -30.82 -0.58
CA ARG B 246 -8.60 -29.61 0.25
C ARG B 246 -7.66 -28.47 -0.16
N LEU B 247 -8.21 -27.27 -0.32
CA LEU B 247 -7.50 -25.96 -0.36
C LEU B 247 -7.82 -25.23 0.95
N ASP B 248 -6.82 -24.90 1.76
CA ASP B 248 -7.02 -24.51 3.18
C ASP B 248 -7.74 -23.17 3.23
N SER B 249 -7.53 -22.31 2.24
CA SER B 249 -8.23 -21.00 2.13
C SER B 249 -8.17 -20.50 0.68
N SER B 250 -9.08 -19.60 0.32
CA SER B 250 -9.17 -19.05 -1.06
C SER B 250 -9.59 -17.59 -0.99
N ILE B 251 -8.81 -16.76 -0.31
CA ILE B 251 -9.17 -15.33 -0.04
C ILE B 251 -8.69 -14.49 -1.22
N ARG B 252 -9.64 -13.82 -1.88
CA ARG B 252 -9.45 -12.88 -3.04
C ARG B 252 -8.43 -11.79 -2.69
N SER B 253 -7.80 -11.21 -3.71
CA SER B 253 -6.94 -10.00 -3.60
C SER B 253 -7.68 -8.90 -2.84
N THR B 254 -7.04 -8.32 -1.81
CA THR B 254 -7.54 -7.16 -1.03
C THR B 254 -7.74 -5.97 -1.97
N GLU B 255 -8.87 -5.25 -1.88
CA GLU B 255 -9.18 -4.01 -2.67
C GLU B 255 -8.24 -2.86 -2.23
N ILE B 256 -8.42 -2.34 -1.01
CA ILE B 256 -7.48 -1.41 -0.30
C ILE B 256 -6.77 -2.25 0.76
N SER B 257 -5.44 -2.17 0.87
CA SER B 257 -4.65 -2.88 1.90
C SER B 257 -4.96 -2.29 3.28
N ASN B 258 -5.03 -0.95 3.37
CA ASN B 258 -5.33 -0.18 4.62
C ASN B 258 -6.81 0.26 4.64
N PHE B 259 -7.43 0.18 5.83
CA PHE B 259 -8.88 0.46 6.11
C PHE B 259 -8.96 1.57 7.16
N GLU B 260 -9.49 2.73 6.77
CA GLU B 260 -9.64 3.93 7.64
C GLU B 260 -10.84 3.70 8.56
N LEU B 261 -10.65 3.79 9.88
CA LEU B 261 -11.75 3.66 10.87
C LEU B 261 -12.63 4.90 10.83
N PRO B 262 -13.95 4.76 11.02
CA PRO B 262 -14.85 5.91 11.01
C PRO B 262 -14.69 6.78 12.26
N GLU B 263 -14.78 8.10 12.08
CA GLU B 263 -14.55 9.12 13.12
C GLU B 263 -15.61 9.00 14.22
N LYS B 264 -16.82 8.54 13.88
CA LYS B 264 -17.90 8.31 14.87
C LYS B 264 -17.41 7.39 15.99
N LEU B 265 -16.48 6.47 15.71
CA LEU B 265 -16.02 5.41 16.68
C LEU B 265 -14.63 5.71 17.26
N LYS B 266 -13.89 6.72 16.78
CA LYS B 266 -12.64 7.22 17.43
C LYS B 266 -12.96 7.72 18.85
N ASP B 267 -12.05 7.45 19.80
CA ASP B 267 -12.16 7.89 21.22
C ASP B 267 -13.55 7.53 21.76
N LYS B 268 -14.02 6.31 21.47
CA LYS B 268 -15.16 5.67 22.19
C LYS B 268 -14.60 4.46 22.94
N PRO B 269 -15.24 4.03 24.06
CA PRO B 269 -14.68 2.98 24.89
C PRO B 269 -14.89 1.58 24.27
N GLY B 270 -14.11 0.61 24.77
CA GLY B 270 -14.33 -0.83 24.55
C GLY B 270 -13.55 -1.36 23.36
N LYS B 271 -13.71 -2.65 23.12
CA LYS B 271 -13.13 -3.33 21.95
C LYS B 271 -13.90 -2.94 20.68
N LEU B 272 -13.31 -3.30 19.54
CA LEU B 272 -13.89 -3.13 18.18
C LEU B 272 -14.41 -4.49 17.69
N ILE B 273 -15.71 -4.54 17.36
CA ILE B 273 -16.45 -5.77 16.99
C ILE B 273 -17.09 -5.57 15.61
N TYR B 274 -16.83 -6.49 14.68
CA TYR B 274 -17.49 -6.56 13.36
C TYR B 274 -18.74 -7.42 13.45
N VAL B 275 -19.86 -6.92 12.90
CA VAL B 275 -21.17 -7.64 12.80
C VAL B 275 -21.55 -7.76 11.32
N SER B 276 -21.71 -8.97 10.81
CA SER B 276 -22.19 -9.23 9.42
C SER B 276 -22.98 -10.54 9.38
N MET B 277 -24.19 -10.52 8.83
CA MET B 277 -24.94 -11.77 8.55
C MET B 277 -24.73 -12.23 7.10
N GLY B 278 -23.70 -11.74 6.41
CA GLY B 278 -23.26 -12.28 5.11
C GLY B 278 -23.81 -11.53 3.91
N SER B 279 -23.89 -12.18 2.75
CA SER B 279 -24.38 -11.60 1.46
C SER B 279 -25.87 -11.94 1.23
N LEU B 280 -26.48 -12.84 1.99
CA LEU B 280 -27.84 -13.38 1.73
C LEU B 280 -28.78 -13.06 2.89
N ALA B 281 -28.47 -13.54 4.09
CA ALA B 281 -29.32 -13.39 5.29
C ALA B 281 -29.41 -11.91 5.71
N SER B 282 -28.43 -11.10 5.32
CA SER B 282 -28.34 -9.65 5.60
C SER B 282 -29.55 -8.91 5.04
N ALA B 283 -30.27 -9.52 4.09
CA ALA B 283 -31.46 -8.90 3.46
C ALA B 283 -32.60 -8.83 4.47
N VAL B 284 -32.54 -9.64 5.52
CA VAL B 284 -33.63 -9.71 6.53
C VAL B 284 -33.43 -8.61 7.57
N THR B 285 -34.15 -7.50 7.47
CA THR B 285 -33.96 -6.32 8.38
C THR B 285 -34.32 -6.72 9.81
N GLU B 286 -35.30 -7.61 9.97
CA GLU B 286 -35.82 -8.07 11.29
C GLU B 286 -34.66 -8.72 12.05
N LEU B 287 -33.76 -9.42 11.35
CA LEU B 287 -32.63 -10.17 11.94
C LEU B 287 -31.59 -9.19 12.49
N LEU B 288 -31.10 -8.29 11.65
CA LEU B 288 -30.13 -7.24 12.07
C LEU B 288 -30.73 -6.42 13.20
N THR B 289 -31.99 -6.00 13.13
CA THR B 289 -32.59 -5.15 14.19
C THR B 289 -32.59 -5.89 15.53
N MET B 290 -32.72 -7.22 15.49
CA MET B 290 -32.82 -8.07 16.71
C MET B 290 -31.44 -8.23 17.36
N ILE B 291 -30.39 -8.24 16.54
CA ILE B 291 -28.99 -8.35 17.03
C ILE B 291 -28.47 -6.98 17.44
N LEU B 292 -28.87 -5.91 16.75
CA LEU B 292 -28.29 -4.58 17.02
C LEU B 292 -28.95 -3.91 18.24
N THR B 293 -30.26 -4.12 18.46
CA THR B 293 -31.02 -3.41 19.52
C THR B 293 -30.30 -3.58 20.86
N PRO B 294 -30.05 -4.82 21.34
CA PRO B 294 -29.32 -5.01 22.60
C PRO B 294 -27.87 -4.52 22.62
N LEU B 295 -27.18 -4.45 21.47
CA LEU B 295 -25.75 -4.04 21.40
C LEU B 295 -25.64 -2.53 21.63
N ALA B 296 -26.76 -1.80 21.56
CA ALA B 296 -26.82 -0.37 21.95
C ALA B 296 -26.18 -0.18 23.33
N ASN B 297 -26.24 -1.23 24.15
CA ASN B 297 -25.85 -1.18 25.58
C ASN B 297 -24.72 -2.18 25.86
N SER B 298 -23.95 -2.56 24.83
CA SER B 298 -22.70 -3.34 25.04
C SER B 298 -21.50 -2.38 25.05
N PRO B 299 -20.64 -2.41 26.10
CA PRO B 299 -19.64 -1.35 26.31
C PRO B 299 -18.47 -1.42 25.33
N HIS B 300 -18.78 -1.54 24.03
CA HIS B 300 -17.79 -1.81 22.96
C HIS B 300 -18.25 -1.11 21.67
N ARG B 301 -17.38 -1.09 20.66
CA ARG B 301 -17.66 -0.36 19.39
C ARG B 301 -17.95 -1.38 18.28
N PHE B 302 -18.97 -1.11 17.46
CA PHE B 302 -19.44 -2.04 16.42
C PHE B 302 -19.31 -1.42 15.03
N ILE B 303 -18.67 -2.13 14.10
CA ILE B 303 -18.79 -1.85 12.65
C ILE B 303 -19.72 -2.90 12.04
N VAL B 304 -20.76 -2.47 11.34
CA VAL B 304 -21.89 -3.34 10.92
C VAL B 304 -22.02 -3.31 9.40
N SER B 305 -22.04 -4.50 8.78
CA SER B 305 -22.53 -4.68 7.41
C SER B 305 -24.07 -4.74 7.49
N THR B 306 -24.77 -3.75 6.95
CA THR B 306 -26.22 -3.56 7.15
C THR B 306 -27.03 -4.21 6.03
N GLY B 307 -26.40 -4.63 4.95
CA GLY B 307 -27.07 -5.39 3.88
C GLY B 307 -27.79 -4.49 2.90
N PRO B 308 -28.46 -5.08 1.88
CA PRO B 308 -29.09 -4.32 0.81
C PRO B 308 -30.22 -3.39 1.28
N ASN B 309 -30.87 -3.70 2.40
CA ASN B 309 -31.91 -2.85 3.05
C ASN B 309 -31.36 -2.17 4.30
N GLY B 310 -30.05 -1.97 4.38
CA GLY B 310 -29.35 -1.34 5.51
C GLY B 310 -29.83 0.06 5.83
N ASP B 311 -30.26 0.83 4.85
CA ASP B 311 -30.58 2.26 5.10
C ASP B 311 -31.81 2.39 6.01
N SER B 312 -32.63 1.33 6.12
CA SER B 312 -33.80 1.37 7.03
C SER B 312 -33.51 0.69 8.38
N ILE B 313 -32.26 0.48 8.76
CA ILE B 313 -31.90 -0.20 10.04
C ILE B 313 -31.31 0.84 10.97
N LYS B 314 -31.78 0.90 12.22
CA LYS B 314 -31.31 1.90 13.21
C LYS B 314 -29.90 1.51 13.67
N LEU B 315 -28.96 2.46 13.66
CA LEU B 315 -27.63 2.36 14.30
C LEU B 315 -27.58 3.30 15.49
N TYR B 316 -26.91 2.89 16.56
CA TYR B 316 -26.78 3.62 17.84
C TYR B 316 -25.40 4.27 17.91
N ASP B 317 -25.16 4.98 19.01
CA ASP B 317 -24.03 5.93 19.14
C ASP B 317 -22.70 5.17 19.07
N ASN B 318 -22.72 3.88 19.43
CA ASN B 318 -21.50 3.02 19.45
C ASN B 318 -21.38 2.19 18.16
N MET B 319 -22.12 2.52 17.10
CA MET B 319 -22.12 1.74 15.85
C MET B 319 -21.89 2.65 14.65
N TRP B 320 -21.09 2.17 13.71
CA TRP B 320 -20.97 2.67 12.32
C TRP B 320 -21.26 1.51 11.38
N GLY B 321 -21.84 1.79 10.21
CA GLY B 321 -22.18 0.73 9.24
C GLY B 321 -22.58 1.25 7.89
N ASP B 322 -22.35 0.38 6.89
CA ASP B 322 -22.75 0.68 5.49
C ASP B 322 -23.31 -0.64 4.91
N LYS B 323 -24.05 -0.59 3.82
CA LYS B 323 -24.70 -1.75 3.17
C LYS B 323 -23.63 -2.80 2.86
N PHE B 324 -22.48 -2.40 2.31
CA PHE B 324 -21.34 -3.29 2.00
C PHE B 324 -20.06 -2.77 2.66
N ILE B 325 -19.26 -3.66 3.26
CA ILE B 325 -18.02 -3.31 4.01
C ILE B 325 -16.87 -4.03 3.34
N ASN B 326 -15.67 -3.45 3.27
CA ASN B 326 -14.47 -4.22 2.83
C ASN B 326 -14.03 -5.03 4.05
N GLN B 327 -14.64 -6.22 4.17
CA GLN B 327 -14.51 -7.20 5.27
C GLN B 327 -13.05 -7.67 5.40
N VAL B 328 -12.35 -7.93 4.30
CA VAL B 328 -10.98 -8.51 4.38
C VAL B 328 -10.03 -7.45 4.94
N ALA B 329 -10.19 -6.20 4.52
CA ALA B 329 -9.37 -5.07 5.03
C ALA B 329 -9.62 -4.84 6.52
N LEU B 330 -10.88 -4.90 6.97
CA LEU B 330 -11.26 -4.47 8.33
C LEU B 330 -10.86 -5.53 9.36
N LEU B 331 -11.05 -6.80 9.02
CA LEU B 331 -11.03 -7.90 10.02
C LEU B 331 -9.74 -7.82 10.87
N PRO B 332 -8.56 -7.55 10.27
CA PRO B 332 -7.33 -7.36 11.05
C PRO B 332 -7.42 -6.37 12.21
N LYS B 333 -8.29 -5.35 12.10
CA LYS B 333 -8.29 -4.19 13.04
C LYS B 333 -9.34 -4.38 14.13
N VAL B 334 -10.03 -5.52 14.13
CA VAL B 334 -11.16 -5.77 15.07
C VAL B 334 -10.75 -6.82 16.10
N ASP B 335 -11.57 -7.01 17.14
CA ASP B 335 -11.19 -7.84 18.31
C ASP B 335 -12.08 -9.09 18.36
N LEU B 336 -13.11 -9.11 17.53
CA LEU B 336 -14.20 -10.13 17.55
C LEU B 336 -15.13 -9.93 16.34
N PHE B 337 -15.61 -11.02 15.76
CA PHE B 337 -16.48 -11.08 14.56
C PHE B 337 -17.77 -11.79 14.94
N ILE B 338 -18.88 -11.06 14.98
CA ILE B 338 -20.23 -11.68 15.16
C ILE B 338 -20.76 -12.07 13.78
N THR B 339 -20.91 -13.38 13.55
CA THR B 339 -21.03 -13.96 12.19
C THR B 339 -22.30 -14.82 12.09
N HIS B 340 -22.56 -15.34 10.88
CA HIS B 340 -23.78 -16.13 10.58
C HIS B 340 -23.38 -17.59 10.31
N GLY B 341 -22.10 -17.83 10.10
CA GLY B 341 -21.58 -19.20 9.93
C GLY B 341 -21.22 -19.48 8.49
N GLY B 342 -21.18 -18.43 7.68
CA GLY B 342 -20.73 -18.52 6.27
C GLY B 342 -19.27 -18.91 6.19
N SER B 343 -18.91 -19.71 5.19
CA SER B 343 -17.59 -20.40 5.15
C SER B 343 -16.49 -19.41 4.77
N ASN B 344 -16.79 -18.45 3.90
CA ASN B 344 -15.78 -17.42 3.54
C ASN B 344 -15.51 -16.51 4.74
N SER B 345 -16.56 -16.12 5.48
CA SER B 345 -16.44 -15.27 6.69
C SER B 345 -15.65 -16.01 7.78
N LEU B 346 -15.92 -17.30 7.96
CA LEU B 346 -15.23 -18.16 8.94
C LEU B 346 -13.73 -18.11 8.61
N ILE B 347 -13.39 -18.39 7.35
CA ILE B 347 -11.97 -18.53 6.93
C ILE B 347 -11.30 -17.15 7.00
N GLU B 348 -11.95 -16.10 6.51
CA GLU B 348 -11.43 -14.71 6.52
C GLU B 348 -11.14 -14.31 7.98
N GLY B 349 -12.08 -14.59 8.90
CA GLY B 349 -11.97 -14.29 10.33
C GLY B 349 -10.80 -15.03 10.95
N LEU B 350 -10.70 -16.35 10.73
CA LEU B 350 -9.67 -17.15 11.43
C LEU B 350 -8.29 -16.82 10.86
N THR B 351 -8.21 -16.53 9.55
CA THR B 351 -6.94 -16.07 8.92
C THR B 351 -6.47 -14.79 9.65
N ALA B 352 -7.37 -13.85 9.91
CA ALA B 352 -7.08 -12.59 10.64
C ALA B 352 -6.81 -12.87 12.13
N GLY B 353 -7.14 -14.07 12.63
CA GLY B 353 -6.86 -14.42 14.02
C GLY B 353 -7.92 -13.88 14.97
N LYS B 354 -9.18 -13.76 14.52
CA LYS B 354 -10.29 -13.21 15.33
C LYS B 354 -11.20 -14.34 15.76
N PRO B 355 -11.61 -14.35 17.05
CA PRO B 355 -12.63 -15.29 17.51
C PRO B 355 -14.02 -14.91 16.98
N LEU B 356 -14.96 -15.86 16.96
CA LEU B 356 -16.27 -15.73 16.28
C LEU B 356 -17.43 -16.00 17.25
N ILE B 357 -18.49 -15.20 17.18
CA ILE B 357 -19.83 -15.59 17.70
C ILE B 357 -20.70 -15.86 16.48
N ALA B 358 -21.03 -17.13 16.25
CA ALA B 358 -21.82 -17.60 15.07
C ALA B 358 -23.30 -17.69 15.45
N ILE B 359 -24.13 -17.00 14.70
CA ILE B 359 -25.63 -16.99 14.80
C ILE B 359 -26.14 -17.56 13.49
N PRO B 360 -26.14 -18.91 13.34
CA PRO B 360 -26.46 -19.59 12.09
C PRO B 360 -27.90 -19.30 11.62
N GLN B 361 -28.09 -19.17 10.31
CA GLN B 361 -29.40 -18.76 9.74
C GLN B 361 -29.99 -19.93 8.95
N PHE B 362 -29.18 -20.55 8.08
CA PHE B 362 -29.64 -21.67 7.22
C PHE B 362 -28.45 -22.47 6.70
N GLY B 363 -28.69 -23.75 6.42
CA GLY B 363 -27.83 -24.57 5.55
C GLY B 363 -26.53 -24.96 6.23
N ASP B 364 -25.42 -24.81 5.52
CA ASP B 364 -24.09 -25.16 6.09
C ASP B 364 -23.70 -24.23 7.24
N GLN B 365 -24.35 -23.08 7.33
CA GLN B 365 -24.08 -22.15 8.46
C GLN B 365 -24.22 -22.89 9.81
N LEU B 366 -25.18 -23.80 9.95
CA LEU B 366 -25.39 -24.57 11.21
C LEU B 366 -24.16 -25.47 11.43
N ASP B 367 -23.62 -26.06 10.36
CA ASP B 367 -22.47 -26.99 10.46
C ASP B 367 -21.24 -26.19 10.91
N ASN B 368 -21.02 -25.04 10.29
CA ASN B 368 -19.88 -24.14 10.60
C ASN B 368 -20.03 -23.61 12.02
N ALA B 369 -21.22 -23.19 12.45
CA ALA B 369 -21.43 -22.67 13.82
C ALA B 369 -21.04 -23.75 14.83
N GLN B 370 -21.49 -24.99 14.61
CA GLN B 370 -21.25 -26.07 15.59
C GLN B 370 -19.76 -26.42 15.58
N ARG B 371 -19.11 -26.29 14.42
CA ARG B 371 -17.65 -26.54 14.32
C ARG B 371 -16.88 -25.49 15.13
N ILE B 372 -17.30 -24.23 15.07
CA ILE B 372 -16.66 -23.12 15.83
C ILE B 372 -16.78 -23.47 17.31
N ALA B 373 -17.97 -23.87 17.78
CA ALA B 373 -18.25 -24.28 19.17
C ALA B 373 -17.38 -25.48 19.56
N ASP B 374 -17.43 -26.54 18.76
CA ASP B 374 -16.81 -27.86 19.07
C ASP B 374 -15.28 -27.72 19.16
N LEU B 375 -14.65 -26.79 18.45
CA LEU B 375 -13.16 -26.68 18.44
C LEU B 375 -12.70 -25.45 19.26
N GLY B 376 -13.60 -24.84 20.03
CA GLY B 376 -13.23 -23.77 20.96
C GLY B 376 -12.69 -22.56 20.23
N LEU B 377 -13.33 -22.19 19.12
CA LEU B 377 -12.87 -21.08 18.25
C LEU B 377 -13.86 -19.92 18.39
N GLY B 378 -14.80 -20.06 19.33
CA GLY B 378 -15.84 -19.08 19.59
C GLY B 378 -17.10 -19.75 20.10
N VAL B 379 -18.24 -19.04 20.04
CA VAL B 379 -19.52 -19.55 20.60
C VAL B 379 -20.58 -19.64 19.49
N ARG B 380 -21.44 -20.66 19.55
CA ARG B 380 -22.71 -20.69 18.79
C ARG B 380 -23.84 -20.12 19.66
N LEU B 381 -24.47 -19.05 19.20
CA LEU B 381 -25.71 -18.47 19.82
C LEU B 381 -26.87 -18.65 18.84
N ASN B 382 -27.82 -19.51 19.20
CA ASN B 382 -28.98 -19.86 18.33
C ASN B 382 -30.10 -18.82 18.53
N LEU B 383 -30.94 -18.63 17.51
CA LEU B 383 -31.93 -17.52 17.51
C LEU B 383 -33.11 -17.89 18.41
N HIS B 384 -33.35 -19.18 18.61
CA HIS B 384 -34.49 -19.66 19.44
C HIS B 384 -34.19 -19.36 20.92
N GLU B 385 -32.92 -19.44 21.30
CA GLU B 385 -32.49 -19.13 22.70
C GLU B 385 -32.20 -17.63 22.82
N PHE B 386 -32.20 -16.92 21.69
CA PHE B 386 -31.52 -15.60 21.62
C PHE B 386 -32.12 -14.66 22.66
N SER B 387 -31.25 -13.91 23.36
CA SER B 387 -31.65 -12.74 24.17
C SER B 387 -30.57 -11.64 24.02
N GLY B 388 -30.89 -10.42 24.43
CA GLY B 388 -29.86 -9.37 24.58
C GLY B 388 -28.89 -9.71 25.71
N GLU B 389 -29.40 -10.36 26.76
CA GLU B 389 -28.54 -10.75 27.90
C GLU B 389 -27.49 -11.76 27.41
N LYS B 390 -27.89 -12.78 26.66
CA LYS B 390 -27.00 -13.90 26.26
C LYS B 390 -25.98 -13.42 25.22
N LEU B 391 -26.37 -12.51 24.33
CA LEU B 391 -25.47 -11.96 23.29
C LEU B 391 -24.40 -11.12 23.98
N LEU B 392 -24.81 -10.21 24.89
CA LEU B 392 -23.87 -9.32 25.62
C LEU B 392 -22.90 -10.15 26.46
N LYS B 393 -23.37 -11.25 27.06
CA LYS B 393 -22.54 -12.18 27.87
C LYS B 393 -21.59 -12.96 26.94
N ALA B 394 -22.07 -13.49 25.82
CA ALA B 394 -21.23 -14.17 24.80
C ALA B 394 -20.07 -13.24 24.40
N ILE B 395 -20.33 -11.94 24.25
CA ILE B 395 -19.27 -10.97 23.86
C ILE B 395 -18.21 -10.89 24.96
N GLU B 396 -18.64 -10.71 26.21
CA GLU B 396 -17.70 -10.57 27.37
C GLU B 396 -16.93 -11.89 27.53
N ASP B 397 -17.63 -13.03 27.50
CA ASP B 397 -17.02 -14.37 27.68
C ASP B 397 -15.92 -14.56 26.64
N VAL B 398 -16.19 -14.28 25.36
CA VAL B 398 -15.24 -14.60 24.26
C VAL B 398 -14.08 -13.59 24.23
N LEU B 399 -14.35 -12.30 24.48
CA LEU B 399 -13.26 -11.28 24.62
C LEU B 399 -12.23 -11.66 25.70
N ASN B 400 -12.67 -12.29 26.79
CA ASN B 400 -11.85 -12.56 28.02
C ASN B 400 -11.37 -14.03 28.09
N ASP B 401 -11.76 -14.88 27.16
CA ASP B 401 -11.47 -16.34 27.19
C ASP B 401 -10.09 -16.57 26.53
N GLU B 402 -9.08 -16.83 27.35
CA GLU B 402 -7.67 -16.99 26.91
C GLU B 402 -7.52 -18.26 26.07
N LYS B 403 -8.28 -19.31 26.43
CA LYS B 403 -8.25 -20.62 25.73
C LYS B 403 -8.73 -20.43 24.29
N ILE B 404 -9.87 -19.77 24.08
CA ILE B 404 -10.42 -19.50 22.71
C ILE B 404 -9.42 -18.63 21.94
N ASN B 405 -8.92 -17.55 22.53
CA ASN B 405 -8.01 -16.60 21.82
C ASN B 405 -6.71 -17.34 21.44
N ALA B 406 -6.25 -18.29 22.27
CA ALA B 406 -5.10 -19.17 21.96
C ALA B 406 -5.42 -20.11 20.77
N ASN B 407 -6.55 -20.81 20.82
CA ASN B 407 -6.99 -21.76 19.76
C ASN B 407 -7.02 -21.04 18.39
N VAL B 408 -7.61 -19.85 18.36
CA VAL B 408 -7.78 -19.06 17.12
C VAL B 408 -6.40 -18.71 16.56
N ALA B 409 -5.49 -18.23 17.40
CA ALA B 409 -4.10 -17.85 17.03
C ALA B 409 -3.38 -19.06 16.40
N ARG B 410 -3.57 -20.25 16.99
CA ARG B 410 -3.00 -21.53 16.51
C ARG B 410 -3.50 -21.82 15.08
N VAL B 411 -4.82 -21.77 14.88
CA VAL B 411 -5.48 -22.02 13.57
C VAL B 411 -5.04 -20.92 12.59
N SER B 412 -5.01 -19.67 13.06
CA SER B 412 -4.54 -18.53 12.26
C SER B 412 -3.18 -18.89 11.65
N GLU B 413 -2.26 -19.40 12.48
CA GLU B 413 -0.89 -19.72 12.04
C GLU B 413 -0.93 -20.86 11.01
N GLU B 414 -1.73 -21.90 11.23
CA GLU B 414 -1.83 -23.07 10.32
C GLU B 414 -2.34 -22.60 8.95
N LEU B 415 -3.29 -21.65 8.93
CA LEU B 415 -3.87 -21.08 7.69
C LEU B 415 -2.83 -20.25 6.93
N LYS B 416 -2.09 -19.36 7.61
CA LYS B 416 -1.05 -18.49 7.00
C LYS B 416 0.09 -19.34 6.41
N LYS B 417 0.51 -20.41 7.11
CA LYS B 417 1.71 -21.20 6.73
C LYS B 417 1.33 -22.24 5.68
N SER B 418 0.05 -22.55 5.51
CA SER B 418 -0.44 -23.56 4.53
C SER B 418 0.22 -23.38 3.16
N ASP B 419 0.55 -24.50 2.50
CA ASP B 419 1.03 -24.55 1.09
C ASP B 419 0.15 -25.54 0.33
N SER B 420 -1.06 -25.78 0.83
CA SER B 420 -2.11 -26.61 0.17
C SER B 420 -2.31 -26.16 -1.28
N LYS B 421 -2.15 -24.86 -1.57
CA LYS B 421 -2.33 -24.33 -2.94
C LYS B 421 -1.40 -25.03 -3.94
N ASP B 422 -0.24 -25.55 -3.51
CA ASP B 422 0.82 -26.06 -4.42
C ASP B 422 0.31 -27.34 -5.11
N LYS B 423 -0.13 -28.30 -4.31
CA LYS B 423 -0.71 -29.58 -4.78
C LYS B 423 -1.90 -29.29 -5.70
N VAL B 424 -2.81 -28.42 -5.25
CA VAL B 424 -4.09 -28.14 -5.95
C VAL B 424 -3.78 -27.53 -7.33
N ILE B 425 -2.86 -26.57 -7.42
CA ILE B 425 -2.50 -25.97 -8.72
C ILE B 425 -1.93 -27.05 -9.65
N SER B 426 -1.08 -27.95 -9.16
CA SER B 426 -0.46 -29.03 -9.98
C SER B 426 -1.55 -29.90 -10.60
N LEU B 427 -2.47 -30.36 -9.77
CA LEU B 427 -3.63 -31.19 -10.18
C LEU B 427 -4.47 -30.45 -11.26
N ILE B 428 -4.75 -29.16 -11.10
CA ILE B 428 -5.55 -28.41 -12.10
C ILE B 428 -4.81 -28.41 -13.43
N GLU B 429 -3.50 -28.14 -13.40
CA GLU B 429 -2.62 -28.06 -14.60
C GLU B 429 -2.50 -29.44 -15.25
N LYS B 430 -2.24 -30.49 -14.44
CA LYS B 430 -2.14 -31.88 -14.93
C LYS B 430 -3.45 -32.24 -15.65
N LEU B 431 -4.60 -32.00 -14.99
CA LEU B 431 -5.91 -32.44 -15.51
C LEU B 431 -6.20 -31.68 -16.82
N ALA B 432 -5.89 -30.39 -16.83
CA ALA B 432 -6.09 -29.51 -17.99
C ALA B 432 -5.27 -30.02 -19.17
N ARG B 433 -4.05 -30.49 -18.93
CA ARG B 433 -3.14 -30.85 -20.05
C ARG B 433 -3.37 -32.31 -20.46
N ASP B 434 -3.51 -33.20 -19.49
CA ASP B 434 -3.55 -34.65 -19.77
C ASP B 434 -5.01 -35.09 -19.95
N LYS B 435 -5.95 -34.22 -19.58
CA LYS B 435 -7.41 -34.49 -19.73
C LYS B 435 -7.76 -35.68 -18.84
N LYS B 436 -6.82 -36.04 -17.95
CA LYS B 436 -6.99 -37.11 -16.93
C LYS B 436 -6.02 -36.83 -15.78
N LEU B 437 -6.30 -37.40 -14.60
CA LEU B 437 -5.36 -37.38 -13.45
C LEU B 437 -4.98 -38.83 -13.12
N LYS C 11 8.75 16.58 35.91
CA LYS C 11 7.94 15.47 35.32
C LYS C 11 8.75 14.81 34.19
N SER C 12 9.37 15.61 33.31
CA SER C 12 10.11 15.15 32.11
C SER C 12 11.59 14.91 32.45
N LEU C 13 12.12 13.72 32.11
CA LEU C 13 13.51 13.29 32.44
C LEU C 13 14.44 13.39 31.22
N LYS C 14 15.71 13.74 31.43
CA LYS C 14 16.78 13.53 30.43
C LYS C 14 17.30 12.09 30.64
N ILE C 15 17.14 11.23 29.66
CA ILE C 15 17.57 9.80 29.72
C ILE C 15 18.58 9.52 28.61
N LEU C 16 19.79 9.12 28.98
CA LEU C 16 20.88 8.82 28.04
C LEU C 16 21.04 7.30 27.91
N PHE C 17 20.92 6.78 26.67
CA PHE C 17 21.27 5.38 26.31
C PHE C 17 22.64 5.32 25.66
N THR C 18 23.29 4.16 25.80
CA THR C 18 24.44 3.74 24.97
C THR C 18 24.44 2.22 24.96
N ALA C 19 25.25 1.63 24.07
CA ALA C 19 25.35 0.17 23.89
C ALA C 19 26.63 -0.17 23.17
N LEU C 20 27.04 -1.43 23.11
CA LEU C 20 28.22 -1.71 22.30
C LEU C 20 27.80 -1.76 20.83
N PHE C 21 28.77 -1.81 19.92
CA PHE C 21 28.61 -1.62 18.46
C PHE C 21 27.49 -2.52 17.91
N GLY C 22 27.37 -3.75 18.43
CA GLY C 22 26.40 -4.75 17.95
C GLY C 22 24.99 -4.16 17.83
N PRO C 23 24.41 -4.17 16.61
CA PRO C 23 22.99 -3.84 16.42
C PRO C 23 22.00 -4.50 17.39
N GLY C 24 22.28 -5.73 17.84
CA GLY C 24 21.46 -6.45 18.83
C GLY C 24 21.36 -5.66 20.12
N HIS C 25 22.46 -5.07 20.57
CA HIS C 25 22.52 -4.29 21.83
C HIS C 25 21.79 -2.94 21.63
N LEU C 26 22.05 -2.28 20.52
CA LEU C 26 21.35 -1.02 20.14
C LEU C 26 19.85 -1.26 20.05
N ASN C 27 19.43 -2.36 19.43
CA ASN C 27 18.00 -2.59 19.08
C ASN C 27 17.23 -2.76 20.38
N ALA C 28 17.76 -3.56 21.30
CA ALA C 28 17.16 -3.81 22.63
C ALA C 28 16.91 -2.46 23.32
N CYS C 29 17.88 -1.54 23.24
CA CYS C 29 17.80 -0.20 23.86
C CYS C 29 16.78 0.68 23.14
N LEU C 30 16.69 0.60 21.81
CA LEU C 30 15.73 1.39 21.00
C LEU C 30 14.31 1.07 21.50
N GLY C 31 14.03 -0.22 21.73
CA GLY C 31 12.77 -0.69 22.33
C GLY C 31 12.40 0.04 23.61
N ILE C 32 13.31 0.12 24.57
CA ILE C 32 13.05 0.78 25.88
C ILE C 32 12.93 2.29 25.66
N GLY C 33 13.79 2.87 24.84
CA GLY C 33 13.73 4.31 24.47
C GLY C 33 12.36 4.71 23.94
N SER C 34 11.70 3.85 23.15
CA SER C 34 10.34 4.11 22.61
C SER C 34 9.36 4.27 23.77
N LEU C 35 9.24 3.25 24.63
CA LEU C 35 8.33 3.29 25.80
C LEU C 35 8.53 4.60 26.57
N LEU C 36 9.77 5.01 26.80
CA LEU C 36 10.09 6.19 27.64
C LEU C 36 9.73 7.49 26.94
N ARG C 37 9.85 7.55 25.60
CA ARG C 37 9.54 8.77 24.80
C ARG C 37 8.03 9.02 24.85
N LYS C 38 7.24 7.96 24.72
CA LYS C 38 5.75 7.97 24.79
C LYS C 38 5.30 8.57 26.13
N ARG C 39 6.10 8.46 27.20
CA ARG C 39 5.78 9.03 28.54
C ARG C 39 6.31 10.45 28.69
N GLY C 40 6.90 11.02 27.63
CA GLY C 40 7.19 12.46 27.56
C GLY C 40 8.59 12.84 28.01
N HIS C 41 9.55 11.90 28.04
CA HIS C 41 10.95 12.17 28.44
C HIS C 41 11.82 12.49 27.21
N GLN C 42 12.88 13.30 27.37
CA GLN C 42 13.93 13.53 26.35
C GLN C 42 14.93 12.37 26.34
N ILE C 43 14.95 11.59 25.27
CA ILE C 43 15.89 10.44 25.08
C ILE C 43 17.11 10.91 24.29
N TYR C 44 18.30 10.65 24.85
CA TYR C 44 19.56 10.92 24.13
C TYR C 44 20.20 9.55 23.96
N PHE C 45 20.83 9.31 22.81
CA PHE C 45 21.49 8.01 22.57
C PHE C 45 22.93 8.27 22.11
N ALA C 46 23.91 7.78 22.86
CA ALA C 46 25.32 7.91 22.45
C ALA C 46 25.75 6.64 21.73
N HIS C 47 26.08 6.75 20.44
CA HIS C 47 26.43 5.55 19.65
C HIS C 47 27.35 5.94 18.50
N PHE C 48 27.39 5.12 17.45
CA PHE C 48 28.25 5.37 16.27
C PHE C 48 27.37 5.94 15.15
N PRO C 49 27.99 6.79 14.30
CA PRO C 49 27.32 7.43 13.16
C PRO C 49 26.54 6.49 12.22
N ARG C 50 26.97 5.25 12.06
CA ARG C 50 26.23 4.26 11.23
C ARG C 50 24.79 4.09 11.75
N HIS C 51 24.46 4.52 12.97
CA HIS C 51 23.11 4.30 13.57
C HIS C 51 22.37 5.62 13.84
N ARG C 52 22.98 6.74 13.46
CA ARG C 52 22.38 8.09 13.62
C ARG C 52 20.98 8.10 13.03
N ALA C 53 20.84 7.55 11.81
CA ALA C 53 19.58 7.60 11.05
C ALA C 53 18.49 6.93 11.87
N THR C 54 18.68 5.70 12.30
CA THR C 54 17.64 4.94 13.05
C THR C 54 17.39 5.65 14.39
N ILE C 55 18.43 6.12 15.04
CA ILE C 55 18.28 6.76 16.36
C ILE C 55 17.41 8.01 16.19
N GLU C 56 17.68 8.84 15.16
CA GLU C 56 16.97 10.13 14.98
C GLU C 56 15.56 9.89 14.41
N LYS C 57 15.38 8.79 13.66
CA LYS C 57 14.07 8.40 13.09
C LYS C 57 13.11 8.05 14.23
N HIS C 58 13.60 7.41 15.30
CA HIS C 58 12.79 7.05 16.51
C HIS C 58 12.59 8.30 17.38
N GLY C 59 13.28 9.39 17.07
CA GLY C 59 13.08 10.71 17.71
C GLY C 59 13.97 10.92 18.91
N PHE C 60 15.08 10.19 19.01
CA PHE C 60 16.06 10.35 20.11
C PHE C 60 17.13 11.30 19.60
N LEU C 61 17.78 12.05 20.49
CA LEU C 61 18.89 12.94 20.10
C LEU C 61 20.15 12.10 19.95
N PHE C 62 20.83 12.19 18.81
CA PHE C 62 22.02 11.34 18.52
C PHE C 62 23.27 12.07 19.00
N ILE C 63 24.12 11.36 19.76
CA ILE C 63 25.47 11.83 20.19
C ILE C 63 26.47 10.83 19.63
N SER C 64 27.48 11.31 18.90
CA SER C 64 28.56 10.47 18.36
C SER C 64 29.61 10.23 19.46
N LEU C 65 29.75 8.98 19.87
CA LEU C 65 30.92 8.53 20.68
C LEU C 65 32.21 9.12 20.07
N LEU C 66 32.34 9.19 18.74
CA LEU C 66 33.60 9.62 18.06
C LEU C 66 33.93 11.10 18.33
N ASP C 67 32.94 11.94 18.63
CA ASP C 67 33.14 13.39 18.89
C ASP C 67 33.68 13.63 20.31
N TYR C 68 33.75 12.61 21.16
CA TYR C 68 34.17 12.75 22.58
C TYR C 68 35.38 11.85 22.88
N ALA C 69 36.08 11.40 21.84
CA ALA C 69 37.26 10.53 22.03
C ALA C 69 38.37 11.31 22.76
N GLU C 70 39.11 10.61 23.59
CA GLU C 70 40.42 11.06 24.12
C GLU C 70 41.45 10.89 23.00
N PRO C 71 42.31 11.90 22.70
CA PRO C 71 43.30 11.76 21.63
C PRO C 71 44.20 10.52 21.73
N GLU C 72 44.63 10.16 22.94
CA GLU C 72 45.56 9.03 23.19
C GLU C 72 44.80 7.68 23.15
N PHE C 73 43.46 7.70 23.15
CA PHE C 73 42.58 6.50 23.17
C PHE C 73 41.44 6.68 22.17
N PRO C 74 41.75 6.48 20.87
CA PRO C 74 40.74 6.50 19.83
C PRO C 74 39.71 5.40 20.06
N ILE C 75 38.51 5.63 19.56
CA ILE C 75 37.42 4.63 19.49
C ILE C 75 37.41 4.10 18.06
N VAL C 76 37.60 2.79 17.92
CA VAL C 76 37.37 2.12 16.62
C VAL C 76 36.05 1.36 16.79
N ASP C 77 35.09 1.66 15.89
CA ASP C 77 33.86 0.88 15.63
C ASP C 77 34.32 -0.50 15.17
N MET C 78 34.06 -1.56 15.93
CA MET C 78 34.60 -2.92 15.66
C MET C 78 33.74 -3.71 14.68
N LEU C 79 32.65 -3.13 14.21
CA LEU C 79 31.68 -3.85 13.33
C LEU C 79 32.28 -4.13 11.95
N PRO C 80 32.99 -3.19 11.29
CA PRO C 80 33.65 -3.47 10.02
C PRO C 80 34.68 -4.62 10.05
N ASP C 81 35.27 -4.93 11.20
CA ASP C 81 36.38 -5.92 11.32
C ASP C 81 35.94 -7.09 12.21
N ILE C 82 34.64 -7.26 12.48
CA ILE C 82 34.12 -8.34 13.39
C ILE C 82 34.18 -9.68 12.65
N GLY C 83 34.28 -9.67 11.32
CA GLY C 83 34.29 -10.87 10.48
C GLY C 83 35.50 -11.76 10.73
N ILE C 84 36.64 -11.17 11.06
CA ILE C 84 37.90 -11.88 11.42
C ILE C 84 37.66 -12.75 12.66
N ILE C 85 37.11 -12.19 13.73
CA ILE C 85 36.80 -12.87 15.02
C ILE C 85 35.76 -13.98 14.79
N ALA C 86 34.71 -13.72 14.00
CA ALA C 86 33.55 -14.61 13.81
C ALA C 86 33.92 -15.78 12.87
N LYS C 87 34.87 -15.56 11.97
CA LYS C 87 35.44 -16.62 11.08
C LYS C 87 36.24 -17.62 11.92
N PHE C 88 37.06 -17.16 12.86
CA PHE C 88 37.82 -18.03 13.81
C PHE C 88 36.80 -18.89 14.59
N ALA C 89 35.78 -18.30 15.19
CA ALA C 89 34.71 -19.01 15.95
C ALA C 89 34.07 -20.10 15.09
N PHE C 90 33.84 -19.80 13.80
CA PHE C 90 33.19 -20.70 12.80
C PHE C 90 34.09 -21.92 12.53
N GLU C 91 35.36 -21.70 12.16
CA GLU C 91 36.27 -22.84 11.83
C GLU C 91 36.36 -23.75 13.06
N ARG C 92 36.59 -23.18 14.24
CA ARG C 92 36.64 -23.93 15.51
C ARG C 92 35.35 -24.75 15.68
N MET C 93 34.18 -24.09 15.65
CA MET C 93 32.84 -24.72 15.90
C MET C 93 32.50 -25.75 14.81
N HIS C 94 33.05 -25.60 13.60
CA HIS C 94 32.86 -26.51 12.44
C HIS C 94 33.65 -27.81 12.64
N LYS C 95 34.82 -27.75 13.30
CA LYS C 95 35.73 -28.91 13.50
C LYS C 95 35.41 -29.62 14.84
N LEU C 96 35.06 -28.88 15.89
CA LEU C 96 35.08 -29.36 17.29
C LEU C 96 33.68 -29.37 17.91
N THR C 97 33.40 -30.34 18.80
CA THR C 97 32.17 -30.41 19.63
C THR C 97 32.26 -29.31 20.68
N PRO C 98 31.15 -28.86 21.30
CA PRO C 98 31.19 -27.89 22.40
C PRO C 98 32.15 -28.26 23.56
N LEU C 99 32.29 -29.55 23.87
CA LEU C 99 33.23 -30.08 24.91
C LEU C 99 34.68 -29.89 24.42
N GLU C 100 35.01 -30.41 23.23
CA GLU C 100 36.35 -30.29 22.57
C GLU C 100 36.76 -28.83 22.45
N LEU C 101 35.82 -27.92 22.12
CA LEU C 101 36.11 -26.47 21.92
C LEU C 101 36.55 -25.84 23.25
N PHE C 102 35.93 -26.27 24.36
CA PHE C 102 36.19 -25.68 25.70
C PHE C 102 37.55 -26.18 26.21
N ARG C 103 37.90 -27.45 25.94
CA ARG C 103 39.27 -27.98 26.20
C ARG C 103 40.27 -27.10 25.47
N HIS C 104 40.19 -27.05 24.14
CA HIS C 104 41.14 -26.23 23.34
C HIS C 104 41.20 -24.80 23.88
N ALA C 105 40.05 -24.21 24.21
CA ALA C 105 40.02 -22.80 24.66
C ALA C 105 41.07 -22.59 25.76
N SER C 106 41.21 -23.58 26.65
CA SER C 106 42.18 -23.68 27.78
C SER C 106 42.25 -22.36 28.57
N GLY C 107 41.11 -21.96 29.13
CA GLY C 107 40.97 -20.75 29.98
C GLY C 107 41.01 -19.43 29.20
N LYS C 108 40.91 -19.46 27.87
CA LYS C 108 40.67 -18.27 27.00
C LYS C 108 39.16 -18.07 26.93
N HIS C 109 38.66 -16.92 27.39
CA HIS C 109 37.20 -16.61 27.49
C HIS C 109 36.68 -16.05 26.16
N THR C 110 35.39 -16.22 25.90
CA THR C 110 34.69 -15.88 24.64
C THR C 110 34.90 -14.40 24.27
N PHE C 111 34.79 -13.45 25.20
CA PHE C 111 34.83 -12.00 24.87
C PHE C 111 35.77 -11.17 25.79
N ALA C 112 36.66 -11.80 26.54
CA ALA C 112 37.72 -11.11 27.29
C ALA C 112 38.64 -10.28 26.37
N GLY C 113 38.86 -10.71 25.12
CA GLY C 113 39.68 -9.99 24.11
C GLY C 113 39.20 -8.56 23.80
N MET C 114 37.89 -8.25 23.94
CA MET C 114 37.42 -6.87 23.60
C MET C 114 37.59 -5.94 24.79
N VAL C 115 37.87 -6.48 25.99
CA VAL C 115 37.88 -5.63 27.23
C VAL C 115 38.94 -4.53 27.08
N ASN C 116 40.16 -4.87 26.67
CA ASN C 116 41.28 -3.91 26.62
C ASN C 116 40.91 -2.77 25.66
N GLY C 117 40.26 -3.10 24.52
CA GLY C 117 39.90 -2.14 23.47
C GLY C 117 38.83 -1.15 23.88
N SER C 118 38.11 -1.39 25.00
CA SER C 118 37.00 -0.55 25.52
C SER C 118 37.44 0.79 26.14
N LYS C 119 38.73 1.02 26.39
CA LYS C 119 39.18 2.24 27.13
C LYS C 119 38.58 3.51 26.48
N GLY C 120 38.56 3.59 25.13
CA GLY C 120 38.15 4.80 24.39
C GLY C 120 36.70 5.16 24.64
N GLU C 121 35.77 4.20 24.44
CA GLU C 121 34.32 4.38 24.72
C GLU C 121 34.16 4.91 26.14
N ASN C 122 35.00 4.43 27.05
CA ASN C 122 34.85 4.73 28.49
C ASN C 122 35.15 6.21 28.73
N TYR C 123 36.27 6.69 28.19
CA TYR C 123 36.62 8.13 28.22
C TYR C 123 35.46 8.93 27.64
N ALA C 124 34.94 8.51 26.46
CA ALA C 124 33.89 9.25 25.74
C ALA C 124 32.63 9.36 26.62
N MET C 125 32.19 8.26 27.20
CA MET C 125 30.96 8.28 28.04
C MET C 125 31.17 9.16 29.28
N MET C 126 32.36 9.20 29.88
CA MET C 126 32.61 10.10 31.04
C MET C 126 32.37 11.55 30.59
N LYS C 127 32.92 11.95 29.44
CA LYS C 127 32.75 13.34 28.92
C LYS C 127 31.30 13.60 28.54
N ILE C 128 30.62 12.61 27.96
CA ILE C 128 29.24 12.77 27.42
C ILE C 128 28.29 12.97 28.59
N VAL C 129 28.42 12.15 29.63
CA VAL C 129 27.50 12.22 30.81
C VAL C 129 27.76 13.54 31.57
N LYS C 130 29.02 13.99 31.67
CA LYS C 130 29.36 15.30 32.29
C LYS C 130 28.69 16.44 31.49
N GLU C 131 28.76 16.47 30.16
CA GLU C 131 28.26 17.60 29.34
C GLU C 131 26.71 17.62 29.33
N TYR C 132 26.05 16.48 29.10
CA TYR C 132 24.58 16.41 28.91
C TYR C 132 23.84 16.31 30.26
N LYS C 133 24.54 16.02 31.36
CA LYS C 133 24.00 16.04 32.74
C LYS C 133 22.65 15.32 32.76
N PRO C 134 22.55 14.06 32.31
CA PRO C 134 21.28 13.32 32.33
C PRO C 134 20.86 12.88 33.74
N ASP C 135 19.57 12.57 33.88
CA ASP C 135 18.91 12.17 35.15
C ASP C 135 19.16 10.68 35.40
N VAL C 136 19.31 9.91 34.35
CA VAL C 136 19.60 8.45 34.43
C VAL C 136 20.24 8.02 33.11
N CYS C 137 21.10 7.00 33.13
CA CYS C 137 21.71 6.37 31.93
C CYS C 137 21.26 4.91 31.88
N LEU C 138 21.10 4.37 30.67
CA LEU C 138 21.00 2.92 30.44
C LEU C 138 22.09 2.51 29.46
N ALA C 139 22.63 1.31 29.61
CA ALA C 139 23.78 0.84 28.82
C ALA C 139 23.65 -0.66 28.61
N ASP C 140 23.55 -1.09 27.34
CA ASP C 140 23.61 -2.54 26.98
C ASP C 140 25.03 -2.88 26.54
N TYR C 141 25.78 -3.52 27.44
CA TYR C 141 27.15 -3.96 27.15
C TYR C 141 27.26 -5.45 27.49
N LEU C 142 28.38 -6.08 27.14
CA LEU C 142 28.61 -7.52 27.45
C LEU C 142 29.21 -7.64 28.85
N PHE C 143 29.70 -6.53 29.40
CA PHE C 143 30.34 -6.52 30.73
C PHE C 143 30.26 -5.10 31.28
N ASN C 144 30.29 -4.96 32.59
CA ASN C 144 30.14 -3.62 33.20
C ASN C 144 31.36 -2.77 32.85
N MET C 145 31.20 -1.45 32.83
CA MET C 145 32.30 -0.54 32.39
C MET C 145 32.56 0.50 33.48
N PRO C 146 33.82 0.91 33.68
CA PRO C 146 34.18 1.86 34.75
C PRO C 146 33.35 3.16 34.79
N TRP C 147 32.95 3.72 33.65
CA TRP C 147 32.22 5.02 33.67
C TRP C 147 30.88 4.87 34.40
N MET C 148 30.25 3.69 34.32
CA MET C 148 28.93 3.41 34.94
C MET C 148 28.99 3.62 36.48
N PHE C 149 30.20 3.69 37.05
CA PHE C 149 30.40 3.80 38.52
C PHE C 149 31.09 5.12 38.92
N THR C 150 31.41 6.00 37.99
CA THR C 150 32.08 7.29 38.29
C THR C 150 31.15 8.47 38.02
N VAL C 151 30.15 8.31 37.14
CA VAL C 151 29.26 9.44 36.70
C VAL C 151 28.28 9.74 37.83
N ASP C 152 27.72 10.95 37.90
CA ASP C 152 26.86 11.35 39.06
C ASP C 152 25.52 10.60 39.06
N CYS C 153 24.87 10.47 37.92
CA CYS C 153 23.51 9.85 37.85
C CYS C 153 23.59 8.35 38.10
N PRO C 154 22.45 7.72 38.44
CA PRO C 154 22.35 6.26 38.40
C PRO C 154 22.45 5.72 36.97
N VAL C 155 22.87 4.46 36.87
CA VAL C 155 23.10 3.79 35.56
C VAL C 155 22.51 2.40 35.64
N ILE C 156 21.62 2.08 34.70
CA ILE C 156 20.90 0.79 34.64
C ILE C 156 21.55 -0.05 33.56
N PRO C 157 22.25 -1.15 33.91
CA PRO C 157 22.71 -2.09 32.89
C PRO C 157 21.46 -2.69 32.25
N VAL C 158 21.43 -2.73 30.91
CA VAL C 158 20.42 -3.47 30.11
C VAL C 158 21.09 -4.69 29.53
N LYS C 159 20.48 -5.86 29.67
CA LYS C 159 21.07 -7.13 29.20
C LYS C 159 20.10 -7.71 28.18
N SER C 160 20.59 -8.02 26.99
CA SER C 160 19.81 -8.52 25.85
C SER C 160 20.28 -9.94 25.52
N VAL C 161 21.45 -10.34 26.02
CA VAL C 161 21.96 -11.73 25.83
C VAL C 161 21.18 -12.66 26.75
N ASN C 162 21.32 -13.96 26.52
CA ASN C 162 20.71 -15.02 27.37
C ASN C 162 21.02 -14.74 28.83
N PRO C 163 20.01 -14.70 29.72
CA PRO C 163 20.24 -14.34 31.12
C PRO C 163 20.63 -15.47 32.09
N ILE C 164 21.01 -16.65 31.61
CA ILE C 164 21.42 -17.77 32.51
C ILE C 164 22.61 -17.30 33.36
N GLU C 165 23.46 -16.41 32.83
CA GLU C 165 24.59 -15.82 33.58
C GLU C 165 24.10 -15.07 34.83
N LEU C 166 22.85 -14.63 34.92
CA LEU C 166 22.30 -13.94 36.13
C LEU C 166 21.91 -14.95 37.22
N TYR C 167 21.97 -16.26 36.94
CA TYR C 167 21.48 -17.33 37.83
C TYR C 167 22.68 -18.12 38.37
N ASN C 168 22.46 -18.84 39.47
CA ASN C 168 23.38 -19.90 39.96
C ASN C 168 22.94 -21.23 39.36
N GLY C 169 23.50 -21.60 38.21
CA GLY C 169 23.08 -22.77 37.43
C GLY C 169 24.22 -23.24 36.53
N PRO C 170 23.89 -23.88 35.38
CA PRO C 170 24.87 -24.27 34.39
C PRO C 170 25.69 -23.06 33.92
N PRO C 171 26.98 -23.25 33.56
CA PRO C 171 27.85 -22.14 33.17
C PRO C 171 27.35 -21.46 31.88
N ALA C 172 27.59 -20.15 31.77
CA ALA C 172 27.15 -19.37 30.59
C ALA C 172 28.09 -19.63 29.41
N LEU C 173 27.59 -19.40 28.20
CA LEU C 173 28.38 -19.47 26.94
C LEU C 173 28.77 -20.92 26.67
N THR C 174 27.96 -21.87 27.17
CA THR C 174 28.32 -23.31 27.12
C THR C 174 27.23 -24.11 26.39
N GLY C 175 25.96 -23.74 26.61
CA GLY C 175 24.85 -24.44 25.93
C GLY C 175 24.53 -25.77 26.57
N CYS C 176 24.55 -25.81 27.90
CA CYS C 176 24.17 -26.97 28.73
C CYS C 176 22.65 -27.18 28.57
N SER C 177 22.21 -28.44 28.52
CA SER C 177 20.79 -28.86 28.43
C SER C 177 20.27 -29.16 29.84
N ILE C 178 18.96 -29.03 30.08
CA ILE C 178 18.28 -29.49 31.33
C ILE C 178 18.28 -31.04 31.37
N HIS C 179 18.45 -31.71 30.23
CA HIS C 179 18.51 -33.19 30.08
C HIS C 179 19.97 -33.67 30.05
N ASP C 180 20.93 -32.80 30.40
CA ASP C 180 22.38 -33.17 30.44
C ASP C 180 22.62 -33.94 31.73
N PRO C 181 23.28 -35.13 31.68
CA PRO C 181 23.64 -35.85 32.90
C PRO C 181 24.71 -35.10 33.70
N PRO C 182 24.82 -35.34 35.03
CA PRO C 182 25.82 -34.64 35.85
C PRO C 182 27.27 -34.85 35.39
N SER C 183 27.60 -35.99 34.77
CA SER C 183 28.99 -36.37 34.36
C SER C 183 29.52 -35.42 33.28
N VAL C 184 28.76 -35.24 32.19
CA VAL C 184 29.08 -34.37 31.02
C VAL C 184 29.25 -32.91 31.51
N ARG C 185 28.41 -32.50 32.46
CA ARG C 185 28.29 -31.12 33.00
C ARG C 185 29.42 -30.80 33.98
N GLU C 186 29.96 -31.78 34.72
CA GLU C 186 31.03 -31.54 35.74
C GLU C 186 32.22 -30.89 35.04
N GLU C 187 32.60 -31.41 33.85
CA GLU C 187 33.82 -30.97 33.11
C GLU C 187 33.63 -29.54 32.58
N ILE C 188 32.57 -29.30 31.79
CA ILE C 188 32.23 -27.99 31.17
C ILE C 188 32.18 -26.93 32.28
N GLU C 189 31.53 -27.22 33.40
CA GLU C 189 31.46 -26.32 34.60
C GLU C 189 32.88 -25.90 35.01
N GLN C 190 33.82 -26.85 35.04
CA GLN C 190 35.22 -26.67 35.50
C GLN C 190 35.96 -25.74 34.53
N LEU C 191 35.83 -26.00 33.23
CA LEU C 191 36.50 -25.25 32.13
C LEU C 191 35.97 -23.82 32.09
N ALA C 192 34.66 -23.62 32.25
CA ALA C 192 33.98 -22.32 32.25
C ALA C 192 34.45 -21.46 33.44
N ARG C 193 34.57 -22.04 34.63
CA ARG C 193 35.06 -21.32 35.84
C ARG C 193 36.49 -20.80 35.57
N LYS C 194 37.29 -21.58 34.85
CA LYS C 194 38.70 -21.26 34.52
C LYS C 194 38.72 -20.03 33.60
N SER C 195 37.87 -19.98 32.58
CA SER C 195 37.85 -18.87 31.60
C SER C 195 37.12 -17.64 32.16
N GLU C 196 36.11 -17.81 33.03
CA GLU C 196 35.43 -16.69 33.74
C GLU C 196 36.47 -15.82 34.49
N LEU C 197 37.57 -16.41 34.98
CA LEU C 197 38.62 -15.65 35.71
C LEU C 197 39.54 -14.92 34.72
N GLU C 198 39.68 -15.40 33.49
CA GLU C 198 40.36 -14.61 32.41
C GLU C 198 39.58 -13.32 32.17
N LEU C 199 38.23 -13.38 32.18
CA LEU C 199 37.39 -12.16 32.01
C LEU C 199 37.65 -11.22 33.18
N GLU C 200 37.64 -11.76 34.42
CA GLU C 200 37.78 -10.95 35.65
C GLU C 200 39.14 -10.25 35.61
N SER C 201 40.18 -10.96 35.19
CA SER C 201 41.57 -10.43 35.18
C SER C 201 41.67 -9.29 34.15
N GLU C 202 41.02 -9.44 33.00
CA GLU C 202 41.02 -8.40 31.94
C GLU C 202 40.21 -7.18 32.40
N LEU C 203 39.07 -7.41 33.05
CA LEU C 203 38.25 -6.28 33.57
C LEU C 203 39.03 -5.54 34.65
N GLU C 204 39.80 -6.27 35.46
CA GLU C 204 40.64 -5.68 36.53
C GLU C 204 41.55 -4.63 35.90
N LYS C 205 42.18 -4.95 34.77
CA LYS C 205 43.15 -4.02 34.09
C LYS C 205 42.39 -2.78 33.58
N LEU C 206 41.20 -2.97 33.03
CA LEU C 206 40.41 -1.86 32.46
C LEU C 206 39.99 -0.93 33.60
N PHE C 207 39.49 -1.50 34.70
CA PHE C 207 39.05 -0.74 35.89
C PHE C 207 40.26 -0.04 36.54
N ALA C 208 41.37 -0.75 36.72
CA ALA C 208 42.66 -0.21 37.25
C ALA C 208 43.06 1.02 36.45
N HIS C 209 43.01 0.92 35.11
CA HIS C 209 43.35 2.05 34.20
C HIS C 209 42.63 3.32 34.64
N PHE C 210 41.36 3.24 35.06
CA PHE C 210 40.53 4.42 35.41
C PHE C 210 40.44 4.64 36.93
N ASN C 211 41.18 3.89 37.75
CA ASN C 211 41.17 4.04 39.24
C ASN C 211 39.74 3.83 39.75
N VAL C 212 39.06 2.79 39.26
CA VAL C 212 37.68 2.45 39.67
C VAL C 212 37.69 1.05 40.26
N PRO C 213 37.15 0.86 41.49
CA PRO C 213 37.09 -0.46 42.07
C PRO C 213 36.29 -1.42 41.16
N LEU C 214 36.90 -2.54 40.84
CA LEU C 214 36.31 -3.59 40.00
C LEU C 214 35.06 -4.16 40.65
N VAL C 215 33.97 -4.19 39.90
CA VAL C 215 32.68 -4.86 40.26
C VAL C 215 32.57 -6.13 39.44
N SER C 216 31.62 -6.99 39.79
CA SER C 216 31.26 -8.18 38.99
C SER C 216 30.84 -7.68 37.60
N TYR C 217 31.08 -8.49 36.57
CA TYR C 217 30.86 -8.06 35.16
C TYR C 217 29.36 -7.85 34.92
N ASN C 218 28.46 -8.47 35.68
CA ASN C 218 26.99 -8.36 35.50
C ASN C 218 26.29 -7.90 36.80
N TYR C 219 26.99 -7.13 37.63
CA TYR C 219 26.41 -6.43 38.80
C TYR C 219 25.47 -5.32 38.33
N ALA C 220 24.35 -5.19 39.03
CA ALA C 220 23.41 -4.06 38.91
C ALA C 220 23.39 -3.32 40.24
N GLN C 221 23.92 -2.10 40.31
CA GLN C 221 24.07 -1.41 41.61
C GLN C 221 22.68 -1.16 42.24
N GLN C 222 21.74 -0.64 41.45
CA GLN C 222 20.42 -0.21 41.98
C GLN C 222 19.31 -0.88 41.19
N LEU C 223 19.40 -0.86 39.86
CA LEU C 223 18.40 -1.46 38.94
C LEU C 223 19.11 -2.03 37.71
N GLY C 224 18.86 -3.30 37.39
CA GLY C 224 19.23 -3.85 36.08
C GLY C 224 18.03 -4.43 35.37
N ILE C 225 17.95 -4.25 34.05
CA ILE C 225 16.82 -4.78 33.22
C ILE C 225 17.38 -5.83 32.27
N TYR C 226 16.99 -7.08 32.43
CA TYR C 226 17.29 -8.12 31.42
C TYR C 226 16.03 -8.40 30.60
N ILE C 227 16.22 -8.63 29.30
CA ILE C 227 15.15 -8.81 28.30
C ILE C 227 15.14 -10.26 27.87
N TYR C 228 14.16 -11.02 28.31
CA TYR C 228 13.93 -12.42 27.90
C TYR C 228 12.45 -12.72 28.13
N PRO C 229 11.81 -13.58 27.33
CA PRO C 229 10.41 -13.92 27.56
C PRO C 229 10.21 -14.69 28.89
N GLY C 230 9.19 -14.32 29.68
CA GLY C 230 8.80 -15.04 30.90
C GLY C 230 8.79 -16.57 30.67
N PRO C 231 8.06 -17.07 29.66
CA PRO C 231 7.99 -18.51 29.42
C PRO C 231 9.34 -19.21 29.17
N LEU C 232 10.39 -18.44 28.83
CA LEU C 232 11.74 -19.02 28.55
C LEU C 232 12.69 -18.78 29.72
N ASP C 233 12.35 -17.85 30.63
CA ASP C 233 13.23 -17.45 31.76
C ASP C 233 13.52 -18.68 32.64
N TYR C 234 14.57 -18.63 33.46
CA TYR C 234 15.17 -19.81 34.12
C TYR C 234 14.54 -20.00 35.52
N LYS C 235 13.22 -20.24 35.57
CA LYS C 235 12.42 -20.28 36.83
C LYS C 235 12.82 -21.52 37.65
N GLU C 236 13.28 -22.59 36.99
CA GLU C 236 13.84 -23.81 37.61
C GLU C 236 15.17 -23.53 38.33
N LEU C 237 15.81 -22.37 38.16
CA LEU C 237 17.10 -22.05 38.83
C LEU C 237 16.88 -21.04 39.96
N GLY C 238 15.64 -20.61 40.21
CA GLY C 238 15.32 -19.66 41.28
C GLY C 238 15.19 -18.24 40.79
N SER C 239 16.04 -17.35 41.31
CA SER C 239 15.88 -15.90 41.08
C SER C 239 17.13 -15.34 40.41
N PRO C 240 17.03 -14.29 39.58
CA PRO C 240 18.20 -13.62 39.03
C PRO C 240 18.96 -12.92 40.18
N LYS C 241 20.13 -12.35 39.85
CA LYS C 241 20.93 -11.59 40.83
C LYS C 241 20.13 -10.38 41.32
N GLU C 242 20.69 -9.67 42.30
CA GLU C 242 20.01 -8.52 42.97
C GLU C 242 19.73 -7.44 41.94
N ASN C 243 18.60 -6.74 42.10
CA ASN C 243 18.32 -5.46 41.41
C ASN C 243 18.01 -5.76 39.94
N TRP C 244 17.90 -7.05 39.60
CA TRP C 244 17.72 -7.53 38.20
C TRP C 244 16.23 -7.84 37.97
N VAL C 245 15.64 -7.15 36.99
CA VAL C 245 14.19 -7.21 36.68
C VAL C 245 14.00 -7.61 35.22
N ARG C 246 13.01 -8.43 34.90
CA ARG C 246 12.75 -8.95 33.53
C ARG C 246 11.78 -8.02 32.77
N LEU C 247 12.14 -7.65 31.55
CA LEU C 247 11.25 -7.07 30.50
C LEU C 247 11.03 -8.15 29.45
N ASP C 248 9.79 -8.56 29.21
CA ASP C 248 9.49 -9.81 28.45
C ASP C 248 9.96 -9.66 27.00
N SER C 249 9.95 -8.43 26.46
CA SER C 249 10.44 -8.12 25.10
C SER C 249 10.75 -6.63 25.00
N SER C 250 11.56 -6.25 24.00
CA SER C 250 11.94 -4.84 23.77
C SER C 250 12.08 -4.60 22.27
N ILE C 251 11.01 -4.81 21.52
CA ILE C 251 11.03 -4.76 20.02
C ILE C 251 10.79 -3.31 19.59
N ARG C 252 11.77 -2.75 18.86
CA ARG C 252 11.77 -1.38 18.27
C ARG C 252 10.54 -1.21 17.36
N SER C 253 10.12 0.05 17.18
CA SER C 253 9.06 0.45 16.20
C SER C 253 9.38 -0.15 14.82
N THR C 254 8.41 -0.79 14.17
CA THR C 254 8.48 -1.31 12.78
C THR C 254 8.85 -0.16 11.81
N GLU C 255 9.83 -0.37 10.93
CA GLU C 255 10.39 0.67 10.01
C GLU C 255 9.37 0.97 8.90
N ILE C 256 9.10 0.00 8.02
CA ILE C 256 7.89 -0.09 7.13
C ILE C 256 6.89 -1.03 7.80
N SER C 257 5.62 -0.66 7.89
CA SER C 257 4.54 -1.50 8.47
C SER C 257 4.30 -2.71 7.55
N ASN C 258 4.26 -2.48 6.23
CA ASN C 258 4.10 -3.54 5.18
C ASN C 258 5.45 -3.89 4.56
N PHE C 259 5.68 -5.20 4.32
CA PHE C 259 6.88 -5.78 3.66
C PHE C 259 6.45 -6.45 2.34
N GLU C 260 6.89 -5.89 1.21
CA GLU C 260 6.51 -6.38 -0.14
C GLU C 260 7.40 -7.60 -0.45
N LEU C 261 6.78 -8.74 -0.78
CA LEU C 261 7.53 -9.97 -1.16
C LEU C 261 8.17 -9.78 -2.53
N PRO C 262 9.37 -10.36 -2.75
CA PRO C 262 10.04 -10.24 -4.05
C PRO C 262 9.35 -11.11 -5.13
N GLU C 263 9.31 -10.59 -6.36
CA GLU C 263 8.68 -11.25 -7.53
C GLU C 263 9.37 -12.58 -7.83
N LYS C 264 10.67 -12.70 -7.53
CA LYS C 264 11.42 -13.97 -7.77
C LYS C 264 10.77 -15.13 -7.03
N LEU C 265 10.12 -14.86 -5.88
CA LEU C 265 9.56 -15.91 -4.98
C LEU C 265 8.03 -16.01 -5.07
N LYS C 266 7.34 -15.08 -5.74
CA LYS C 266 5.88 -15.21 -6.06
C LYS C 266 5.67 -16.42 -6.97
N ASP C 267 4.58 -17.19 -6.77
CA ASP C 267 4.25 -18.40 -7.56
C ASP C 267 5.48 -19.32 -7.65
N LYS C 268 6.19 -19.52 -6.54
CA LYS C 268 7.10 -20.67 -6.33
C LYS C 268 6.49 -21.56 -5.25
N PRO C 269 6.79 -22.88 -5.27
CA PRO C 269 6.16 -23.81 -4.30
C PRO C 269 6.83 -23.73 -2.92
N GLY C 270 6.14 -24.27 -1.92
CA GLY C 270 6.67 -24.60 -0.58
C GLY C 270 6.37 -23.50 0.41
N LYS C 271 6.77 -23.72 1.67
CA LYS C 271 6.68 -22.68 2.72
C LYS C 271 7.72 -21.58 2.46
N LEU C 272 7.57 -20.48 3.18
CA LEU C 272 8.47 -19.29 3.18
C LEU C 272 9.29 -19.32 4.48
N ILE C 273 10.61 -19.34 4.32
CA ILE C 273 11.60 -19.57 5.42
C ILE C 273 12.58 -18.39 5.42
N TYR C 274 12.73 -17.73 6.57
CA TYR C 274 13.75 -16.68 6.80
C TYR C 274 15.05 -17.31 7.30
N VAL C 275 16.19 -16.94 6.70
CA VAL C 275 17.56 -17.37 7.08
C VAL C 275 18.37 -16.12 7.42
N SER C 276 18.84 -16.00 8.67
CA SER C 276 19.72 -14.90 9.13
C SER C 276 20.67 -15.44 10.21
N MET C 277 21.97 -15.23 10.04
CA MET C 277 22.97 -15.54 11.10
C MET C 277 23.27 -14.26 11.92
N GLY C 278 22.43 -13.23 11.86
CA GLY C 278 22.51 -12.08 12.80
C GLY C 278 23.21 -10.87 12.21
N SER C 279 23.76 -10.01 13.05
CA SER C 279 24.50 -8.77 12.67
C SER C 279 26.03 -9.00 12.68
N LEU C 280 26.51 -10.12 13.22
CA LEU C 280 27.97 -10.35 13.48
C LEU C 280 28.45 -11.58 12.69
N ALA C 281 27.91 -12.76 12.99
CA ALA C 281 28.31 -14.05 12.36
C ALA C 281 28.01 -14.02 10.85
N SER C 282 27.06 -13.19 10.42
CA SER C 282 26.61 -13.07 9.01
C SER C 282 27.76 -12.60 8.12
N ALA C 283 28.82 -12.03 8.72
CA ALA C 283 30.02 -11.56 8.00
C ALA C 283 30.77 -12.75 7.41
N VAL C 284 30.58 -13.94 7.96
CA VAL C 284 31.36 -15.15 7.57
C VAL C 284 30.68 -15.77 6.35
N THR C 285 31.20 -15.53 5.15
CA THR C 285 30.57 -16.01 3.88
C THR C 285 30.57 -17.55 3.88
N GLU C 286 31.59 -18.17 4.45
CA GLU C 286 31.71 -19.65 4.42
C GLU C 286 30.55 -20.28 5.19
N LEU C 287 30.04 -19.60 6.21
CA LEU C 287 28.92 -20.10 7.05
C LEU C 287 27.61 -20.08 6.24
N LEU C 288 27.23 -18.91 5.72
CA LEU C 288 26.04 -18.77 4.85
C LEU C 288 26.13 -19.73 3.66
N THR C 289 27.28 -19.82 2.99
CA THR C 289 27.49 -20.77 1.84
C THR C 289 27.21 -22.21 2.27
N MET C 290 27.63 -22.61 3.48
CA MET C 290 27.48 -24.02 3.93
C MET C 290 26.00 -24.30 4.22
N ILE C 291 25.28 -23.28 4.64
CA ILE C 291 23.82 -23.39 4.96
C ILE C 291 23.01 -23.35 3.67
N LEU C 292 23.34 -22.46 2.74
CA LEU C 292 22.48 -22.21 1.55
C LEU C 292 22.67 -23.28 0.49
N THR C 293 23.87 -23.84 0.34
CA THR C 293 24.18 -24.82 -0.75
C THR C 293 23.13 -25.94 -0.71
N PRO C 294 22.94 -26.67 0.41
CA PRO C 294 21.92 -27.73 0.46
C PRO C 294 20.45 -27.27 0.33
N LEU C 295 20.14 -26.02 0.68
CA LEU C 295 18.75 -25.48 0.62
C LEU C 295 18.35 -25.22 -0.83
N ALA C 296 19.30 -25.22 -1.75
CA ALA C 296 19.04 -25.16 -3.21
C ALA C 296 18.04 -26.25 -3.59
N ASN C 297 18.07 -27.40 -2.90
CA ASN C 297 17.24 -28.60 -3.16
C ASN C 297 16.15 -28.80 -2.09
N SER C 298 15.82 -27.77 -1.31
CA SER C 298 14.72 -27.84 -0.32
C SER C 298 13.48 -27.28 -1.00
N PRO C 299 12.37 -28.06 -1.11
CA PRO C 299 11.20 -27.62 -1.88
C PRO C 299 10.41 -26.48 -1.21
N HIS C 300 11.10 -25.39 -0.86
CA HIS C 300 10.53 -24.22 -0.15
C HIS C 300 11.17 -22.95 -0.69
N ARG C 301 10.69 -21.81 -0.21
CA ARG C 301 11.20 -20.46 -0.59
C ARG C 301 11.97 -19.88 0.60
N PHE C 302 13.14 -19.30 0.35
CA PHE C 302 14.02 -18.70 1.39
C PHE C 302 14.18 -17.19 1.15
N ILE C 303 13.95 -16.39 2.19
CA ILE C 303 14.42 -14.98 2.25
C ILE C 303 15.67 -14.96 3.15
N VAL C 304 16.76 -14.40 2.66
CA VAL C 304 18.10 -14.52 3.30
C VAL C 304 18.63 -13.13 3.60
N SER C 305 19.02 -12.91 4.84
CA SER C 305 19.91 -11.81 5.23
C SER C 305 21.34 -12.26 4.90
N THR C 306 22.00 -11.63 3.93
CA THR C 306 23.30 -12.10 3.38
C THR C 306 24.49 -11.48 4.12
N GLY C 307 24.25 -10.45 4.92
CA GLY C 307 25.28 -9.85 5.79
C GLY C 307 26.15 -8.85 5.05
N PRO C 308 27.12 -8.24 5.75
CA PRO C 308 27.97 -7.18 5.19
C PRO C 308 28.76 -7.61 3.95
N ASN C 309 29.09 -8.90 3.81
CA ASN C 309 29.79 -9.47 2.63
C ASN C 309 28.82 -10.31 1.78
N GLY C 310 27.54 -9.96 1.79
CA GLY C 310 26.47 -10.65 1.06
C GLY C 310 26.68 -10.64 -0.45
N ASP C 311 27.41 -9.68 -1.00
CA ASP C 311 27.60 -9.54 -2.46
C ASP C 311 28.31 -10.79 -3.00
N SER C 312 29.12 -11.46 -2.18
CA SER C 312 29.89 -12.65 -2.59
C SER C 312 29.20 -13.96 -2.14
N ILE C 313 27.89 -13.94 -1.89
CA ILE C 313 27.14 -15.17 -1.50
C ILE C 313 26.24 -15.54 -2.68
N LYS C 314 26.31 -16.77 -3.16
CA LYS C 314 25.47 -17.24 -4.29
C LYS C 314 24.06 -17.51 -3.75
N LEU C 315 23.03 -17.02 -4.42
CA LEU C 315 21.59 -17.35 -4.18
C LEU C 315 21.09 -18.23 -5.33
N TYR C 316 20.23 -19.18 -5.03
CA TYR C 316 19.65 -20.12 -6.02
C TYR C 316 18.23 -19.67 -6.33
N ASP C 317 17.56 -20.41 -7.22
CA ASP C 317 16.30 -20.01 -7.87
C ASP C 317 15.21 -19.83 -6.81
N ASN C 318 15.32 -20.55 -5.69
CA ASN C 318 14.28 -20.54 -4.62
C ASN C 318 14.67 -19.57 -3.50
N MET C 319 15.63 -18.66 -3.73
CA MET C 319 16.10 -17.72 -2.67
C MET C 319 16.10 -16.28 -3.18
N TRP C 320 15.68 -15.36 -2.32
CA TRP C 320 15.90 -13.90 -2.47
C TRP C 320 16.59 -13.40 -1.20
N GLY C 321 17.44 -12.37 -1.32
CA GLY C 321 18.19 -11.80 -0.19
C GLY C 321 18.78 -10.43 -0.48
N ASP C 322 19.11 -9.71 0.60
CA ASP C 322 19.95 -8.49 0.58
C ASP C 322 20.82 -8.51 1.84
N LYS C 323 21.81 -7.62 1.89
CA LYS C 323 22.78 -7.54 3.00
C LYS C 323 22.02 -7.31 4.31
N PHE C 324 21.03 -6.42 4.32
CA PHE C 324 20.20 -6.07 5.49
C PHE C 324 18.72 -6.15 5.11
N ILE C 325 17.90 -6.75 5.98
CA ILE C 325 16.47 -7.09 5.75
C ILE C 325 15.68 -6.36 6.83
N ASN C 326 14.48 -5.88 6.54
CA ASN C 326 13.58 -5.37 7.61
C ASN C 326 12.94 -6.61 8.25
N GLN C 327 13.65 -7.16 9.26
CA GLN C 327 13.38 -8.47 9.90
C GLN C 327 12.03 -8.41 10.63
N VAL C 328 11.72 -7.31 11.29
CA VAL C 328 10.48 -7.22 12.11
C VAL C 328 9.26 -7.22 11.19
N ALA C 329 9.32 -6.46 10.09
CA ALA C 329 8.24 -6.42 9.07
C ALA C 329 8.11 -7.78 8.40
N LEU C 330 9.22 -8.45 8.12
CA LEU C 330 9.24 -9.71 7.35
C LEU C 330 8.63 -10.86 8.17
N LEU C 331 8.94 -10.97 9.46
CA LEU C 331 8.75 -12.25 10.21
C LEU C 331 7.28 -12.70 10.17
N PRO C 332 6.28 -11.81 10.31
CA PRO C 332 4.87 -12.18 10.18
C PRO C 332 4.48 -12.98 8.91
N LYS C 333 5.18 -12.78 7.79
CA LYS C 333 4.86 -13.40 6.48
C LYS C 333 5.54 -14.77 6.31
N VAL C 334 6.47 -15.15 7.18
CA VAL C 334 7.22 -16.43 7.00
C VAL C 334 6.61 -17.48 7.92
N ASP C 335 7.05 -18.72 7.70
CA ASP C 335 6.50 -19.94 8.33
C ASP C 335 7.50 -20.50 9.33
N LEU C 336 8.77 -20.08 9.25
CA LEU C 336 9.91 -20.72 9.96
C LEU C 336 11.14 -19.82 9.83
N PHE C 337 11.91 -19.72 10.92
CA PHE C 337 13.10 -18.85 11.02
C PHE C 337 14.33 -19.73 11.31
N ILE C 338 15.28 -19.82 10.37
CA ILE C 338 16.60 -20.46 10.62
C ILE C 338 17.57 -19.40 11.17
N THR C 339 18.00 -19.57 12.42
CA THR C 339 18.63 -18.49 13.21
C THR C 339 19.99 -18.96 13.75
N HIS C 340 20.79 -18.01 14.27
CA HIS C 340 22.11 -18.29 14.89
C HIS C 340 21.92 -18.50 16.40
N GLY C 341 20.74 -18.14 16.91
CA GLY C 341 20.45 -18.26 18.35
C GLY C 341 20.54 -16.92 19.06
N GLY C 342 20.53 -15.83 18.29
CA GLY C 342 20.56 -14.48 18.87
C GLY C 342 19.31 -14.20 19.69
N SER C 343 19.43 -13.34 20.71
CA SER C 343 18.33 -13.10 21.66
C SER C 343 17.25 -12.26 20.96
N ASN C 344 17.63 -11.17 20.30
CA ASN C 344 16.64 -10.29 19.63
C ASN C 344 15.87 -11.10 18.57
N SER C 345 16.57 -11.93 17.81
CA SER C 345 15.95 -12.79 16.76
C SER C 345 15.00 -13.81 17.40
N LEU C 346 15.39 -14.39 18.53
CA LEU C 346 14.57 -15.35 19.30
C LEU C 346 13.26 -14.66 19.68
N ILE C 347 13.36 -13.51 20.30
CA ILE C 347 12.16 -12.79 20.83
C ILE C 347 11.31 -12.28 19.66
N GLU C 348 11.93 -11.72 18.62
CA GLU C 348 11.23 -11.21 17.41
C GLU C 348 10.46 -12.37 16.76
N GLY C 349 11.11 -13.52 16.60
CA GLY C 349 10.51 -14.72 16.02
C GLY C 349 9.32 -15.21 16.85
N LEU C 350 9.50 -15.36 18.17
CA LEU C 350 8.44 -15.98 19.00
C LEU C 350 7.27 -15.00 19.13
N THR C 351 7.54 -13.70 19.16
CA THR C 351 6.47 -12.67 19.15
C THR C 351 5.60 -12.88 17.90
N ALA C 352 6.22 -13.05 16.74
CA ALA C 352 5.52 -13.31 15.45
C ALA C 352 4.90 -14.72 15.43
N GLY C 353 5.28 -15.60 16.35
CA GLY C 353 4.68 -16.94 16.45
C GLY C 353 5.29 -17.92 15.47
N LYS C 354 6.59 -17.78 15.20
CA LYS C 354 7.32 -18.65 14.26
C LYS C 354 8.24 -19.59 15.02
N PRO C 355 8.28 -20.89 14.68
CA PRO C 355 9.25 -21.82 15.24
C PRO C 355 10.65 -21.58 14.65
N LEU C 356 11.69 -22.07 15.34
CA LEU C 356 13.11 -21.71 15.08
C LEU C 356 13.98 -22.95 14.87
N ILE C 357 14.88 -22.91 13.91
CA ILE C 357 16.03 -23.83 13.79
C ILE C 357 17.26 -23.00 14.10
N ALA C 358 17.87 -23.23 15.28
CA ALA C 358 19.01 -22.46 15.80
C ALA C 358 20.31 -23.19 15.46
N ILE C 359 21.22 -22.50 14.78
CA ILE C 359 22.58 -22.99 14.43
C ILE C 359 23.56 -22.06 15.15
N PRO C 360 23.86 -22.33 16.45
CA PRO C 360 24.59 -21.40 17.31
C PRO C 360 26.06 -21.28 16.89
N GLN C 361 26.62 -20.07 17.04
CA GLN C 361 27.97 -19.78 16.49
C GLN C 361 28.93 -19.47 17.64
N PHE C 362 28.54 -18.59 18.56
CA PHE C 362 29.44 -18.18 19.67
C PHE C 362 28.61 -17.62 20.84
N GLY C 363 28.97 -18.01 22.06
CA GLY C 363 28.56 -17.33 23.30
C GLY C 363 27.11 -17.59 23.67
N ASP C 364 26.37 -16.52 23.95
CA ASP C 364 24.96 -16.62 24.43
C ASP C 364 24.16 -17.45 23.43
N GLN C 365 24.59 -17.47 22.16
CA GLN C 365 23.83 -18.18 21.11
C GLN C 365 23.68 -19.67 21.47
N LEU C 366 24.69 -20.30 22.07
CA LEU C 366 24.63 -21.74 22.46
C LEU C 366 23.56 -21.89 23.55
N ASP C 367 23.47 -20.94 24.48
CA ASP C 367 22.51 -21.03 25.61
C ASP C 367 21.09 -20.93 25.03
N ASN C 368 20.88 -19.97 24.14
CA ASN C 368 19.56 -19.71 23.49
C ASN C 368 19.18 -20.92 22.62
N ALA C 369 20.09 -21.47 21.84
CA ALA C 369 19.80 -22.64 20.99
C ALA C 369 19.31 -23.78 21.86
N GLN C 370 19.98 -24.05 22.97
CA GLN C 370 19.65 -25.20 23.84
C GLN C 370 18.32 -24.93 24.53
N ARG C 371 18.02 -23.67 24.81
CA ARG C 371 16.72 -23.29 25.42
C ARG C 371 15.59 -23.54 24.41
N ILE C 372 15.82 -23.23 23.14
CA ILE C 372 14.82 -23.48 22.06
C ILE C 372 14.53 -24.97 22.03
N ALA C 373 15.57 -25.81 22.04
CA ALA C 373 15.47 -27.30 22.05
C ALA C 373 14.75 -27.77 23.31
N ASP C 374 15.20 -27.33 24.49
CA ASP C 374 14.76 -27.84 25.81
C ASP C 374 13.28 -27.51 26.04
N LEU C 375 12.78 -26.43 25.42
CA LEU C 375 11.41 -25.92 25.69
C LEU C 375 10.50 -26.20 24.49
N GLY C 376 10.99 -26.96 23.52
CA GLY C 376 10.19 -27.41 22.36
C GLY C 376 9.68 -26.27 21.51
N LEU C 377 10.53 -25.24 21.29
CA LEU C 377 10.14 -24.07 20.48
C LEU C 377 10.90 -24.13 19.15
N GLY C 378 11.49 -25.29 18.85
CA GLY C 378 12.31 -25.49 17.64
C GLY C 378 13.40 -26.51 17.87
N VAL C 379 14.47 -26.45 17.08
CA VAL C 379 15.57 -27.47 17.12
C VAL C 379 16.93 -26.78 17.13
N ARG C 380 17.93 -27.41 17.75
CA ARG C 380 19.33 -26.96 17.68
C ARG C 380 20.06 -27.84 16.68
N LEU C 381 20.80 -27.23 15.77
CA LEU C 381 21.65 -27.90 14.76
C LEU C 381 23.10 -27.45 14.96
N ASN C 382 24.00 -28.37 15.31
CA ASN C 382 25.41 -28.03 15.61
C ASN C 382 26.21 -28.07 14.31
N LEU C 383 27.21 -27.19 14.18
CA LEU C 383 27.99 -27.05 12.92
C LEU C 383 28.84 -28.31 12.69
N HIS C 384 29.30 -28.94 13.76
CA HIS C 384 30.25 -30.08 13.64
C HIS C 384 29.51 -31.31 13.12
N GLU C 385 28.21 -31.36 13.37
CA GLU C 385 27.34 -32.45 12.84
C GLU C 385 26.71 -32.01 11.53
N PHE C 386 26.95 -30.76 11.11
CA PHE C 386 26.11 -30.13 10.07
C PHE C 386 26.19 -30.95 8.77
N SER C 387 25.02 -31.18 8.16
CA SER C 387 24.92 -31.82 6.82
C SER C 387 23.72 -31.21 6.08
N GLY C 388 23.75 -31.22 4.75
CA GLY C 388 22.53 -30.95 3.98
C GLY C 388 21.36 -31.81 4.45
N GLU C 389 21.62 -33.09 4.63
CA GLU C 389 20.57 -34.08 5.00
C GLU C 389 19.89 -33.63 6.31
N LYS C 390 20.68 -33.28 7.33
CA LYS C 390 20.14 -33.03 8.69
C LYS C 390 19.39 -31.69 8.70
N LEU C 391 19.86 -30.70 7.94
CA LEU C 391 19.20 -29.38 7.85
C LEU C 391 17.84 -29.54 7.16
N LEU C 392 17.81 -30.24 6.02
CA LEU C 392 16.57 -30.44 5.22
C LEU C 392 15.55 -31.22 6.05
N LYS C 393 16.00 -32.18 6.85
CA LYS C 393 15.13 -32.97 7.76
C LYS C 393 14.63 -32.10 8.92
N ALA C 394 15.50 -31.32 9.55
CA ALA C 394 15.11 -30.35 10.60
C ALA C 394 13.97 -29.45 10.09
N ILE C 395 14.02 -29.01 8.83
CA ILE C 395 13.00 -28.12 8.23
C ILE C 395 11.67 -28.89 8.19
N GLU C 396 11.68 -30.11 7.65
CA GLU C 396 10.43 -30.92 7.49
C GLU C 396 9.88 -31.24 8.88
N ASP C 397 10.73 -31.69 9.80
CA ASP C 397 10.31 -32.08 11.17
C ASP C 397 9.61 -30.89 11.85
N VAL C 398 10.19 -29.68 11.80
CA VAL C 398 9.66 -28.51 12.57
C VAL C 398 8.42 -27.93 11.88
N LEU C 399 8.39 -27.87 10.54
CA LEU C 399 7.19 -27.46 9.76
C LEU C 399 5.96 -28.29 10.15
N ASN C 400 6.13 -29.60 10.42
CA ASN C 400 5.04 -30.59 10.59
C ASN C 400 4.78 -30.94 12.07
N ASP C 401 5.58 -30.43 13.02
CA ASP C 401 5.52 -30.85 14.45
C ASP C 401 4.46 -30.03 15.18
N GLU C 402 3.31 -30.63 15.49
CA GLU C 402 2.15 -29.93 16.12
C GLU C 402 2.51 -29.47 17.54
N LYS C 403 3.33 -30.24 18.26
CA LYS C 403 3.73 -29.94 19.66
C LYS C 403 4.55 -28.64 19.67
N ILE C 404 5.56 -28.54 18.79
CA ILE C 404 6.39 -27.32 18.64
C ILE C 404 5.50 -26.13 18.26
N ASN C 405 4.66 -26.30 17.24
CA ASN C 405 3.80 -25.19 16.71
C ASN C 405 2.82 -24.75 17.80
N ALA C 406 2.34 -25.66 18.65
CA ALA C 406 1.51 -25.33 19.84
C ALA C 406 2.29 -24.53 20.88
N ASN C 407 3.49 -24.98 21.25
CA ASN C 407 4.37 -24.32 22.26
C ASN C 407 4.66 -22.88 21.82
N VAL C 408 4.99 -22.69 20.54
CA VAL C 408 5.36 -21.35 20.00
C VAL C 408 4.16 -20.43 20.10
N ALA C 409 2.97 -20.91 19.71
CA ALA C 409 1.70 -20.15 19.74
C ALA C 409 1.41 -19.69 21.17
N ARG C 410 1.63 -20.58 22.14
CA ARG C 410 1.44 -20.34 23.59
C ARG C 410 2.34 -19.19 24.04
N VAL C 411 3.65 -19.27 23.74
CA VAL C 411 4.67 -18.24 24.10
C VAL C 411 4.32 -16.95 23.35
N SER C 412 3.97 -17.05 22.08
CA SER C 412 3.54 -15.89 21.27
C SER C 412 2.45 -15.13 22.03
N GLU C 413 1.46 -15.85 22.55
CA GLU C 413 0.28 -15.24 23.26
C GLU C 413 0.76 -14.59 24.56
N GLU C 414 1.65 -15.24 25.31
CA GLU C 414 2.15 -14.67 26.58
C GLU C 414 2.94 -13.39 26.30
N LEU C 415 3.69 -13.34 25.20
CA LEU C 415 4.48 -12.14 24.79
C LEU C 415 3.56 -10.99 24.40
N LYS C 416 2.52 -11.23 23.61
CA LYS C 416 1.52 -10.21 23.16
C LYS C 416 0.78 -9.62 24.37
N LYS C 417 0.39 -10.45 25.34
CA LYS C 417 -0.42 -10.06 26.51
C LYS C 417 0.45 -9.35 27.59
N SER C 418 1.76 -9.57 27.59
CA SER C 418 2.68 -9.12 28.68
C SER C 418 2.44 -7.65 29.07
N ASP C 419 2.52 -7.37 30.37
CA ASP C 419 2.46 -5.99 30.95
C ASP C 419 3.70 -5.77 31.82
N SER C 420 4.74 -6.59 31.63
CA SER C 420 6.08 -6.44 32.27
C SER C 420 6.59 -5.00 32.08
N LYS C 421 6.26 -4.36 30.96
CA LYS C 421 6.65 -2.97 30.61
C LYS C 421 6.29 -2.00 31.75
N ASP C 422 5.18 -2.25 32.43
CA ASP C 422 4.55 -1.26 33.34
C ASP C 422 5.45 -1.11 34.57
N LYS C 423 5.78 -2.23 35.21
CA LYS C 423 6.70 -2.29 36.38
C LYS C 423 8.05 -1.64 36.01
N VAL C 424 8.62 -2.05 34.88
CA VAL C 424 9.98 -1.64 34.44
C VAL C 424 10.02 -0.13 34.23
N ILE C 425 9.02 0.44 33.57
CA ILE C 425 8.97 1.92 33.37
C ILE C 425 8.92 2.63 34.73
N SER C 426 8.13 2.14 35.69
CA SER C 426 7.99 2.77 37.03
C SER C 426 9.34 2.85 37.71
N LEU C 427 10.05 1.70 37.74
CA LEU C 427 11.38 1.56 38.36
C LEU C 427 12.37 2.55 37.72
N ILE C 428 12.38 2.68 36.39
CA ILE C 428 13.34 3.61 35.71
C ILE C 428 13.05 5.04 36.17
N GLU C 429 11.77 5.41 36.20
CA GLU C 429 11.30 6.77 36.58
C GLU C 429 11.58 7.02 38.08
N LYS C 430 11.26 6.04 38.95
CA LYS C 430 11.53 6.13 40.42
C LYS C 430 13.04 6.37 40.61
N LEU C 431 13.89 5.55 39.96
CA LEU C 431 15.35 5.60 40.17
C LEU C 431 15.88 6.95 39.70
N ALA C 432 15.39 7.40 38.54
CA ALA C 432 15.79 8.68 37.93
C ALA C 432 15.41 9.83 38.87
N ARG C 433 14.24 9.77 39.51
CA ARG C 433 13.71 10.85 40.39
C ARG C 433 14.37 10.76 41.77
N ASP C 434 14.32 9.60 42.40
CA ASP C 434 14.70 9.44 43.84
C ASP C 434 16.21 9.23 43.99
N LYS C 435 16.89 8.70 42.96
CA LYS C 435 18.35 8.37 42.92
C LYS C 435 18.63 7.08 43.72
N LYS C 436 17.58 6.45 44.29
CA LYS C 436 17.64 5.15 45.03
C LYS C 436 16.28 4.45 44.81
N LEU C 437 16.21 3.12 45.03
CA LEU C 437 14.94 2.34 44.98
C LEU C 437 14.45 1.97 46.38
N LYS D 11 3.82 -13.93 -28.53
CA LYS D 11 5.23 -14.46 -28.44
C LYS D 11 5.99 -13.76 -27.29
N SER D 12 6.51 -14.56 -26.36
CA SER D 12 7.36 -14.12 -25.21
C SER D 12 8.83 -14.02 -25.64
N LEU D 13 9.48 -12.88 -25.35
CA LEU D 13 10.90 -12.59 -25.73
C LEU D 13 11.84 -12.79 -24.54
N LYS D 14 13.05 -13.29 -24.80
CA LYS D 14 14.20 -13.20 -23.86
C LYS D 14 14.88 -11.85 -24.09
N ILE D 15 14.85 -10.95 -23.09
CA ILE D 15 15.43 -9.59 -23.19
C ILE D 15 16.50 -9.42 -22.11
N LEU D 16 17.75 -9.17 -22.54
CA LEU D 16 18.90 -9.00 -21.64
C LEU D 16 19.23 -7.51 -21.52
N PHE D 17 19.22 -6.98 -20.29
CA PHE D 17 19.72 -5.62 -19.94
C PHE D 17 21.12 -5.72 -19.33
N THR D 18 21.91 -4.67 -19.52
CA THR D 18 23.13 -4.39 -18.75
C THR D 18 23.31 -2.88 -18.70
N ALA D 19 24.18 -2.41 -17.80
CA ALA D 19 24.46 -0.97 -17.60
C ALA D 19 25.81 -0.84 -16.90
N LEU D 20 26.40 0.35 -16.85
CA LEU D 20 27.62 0.45 -16.03
C LEU D 20 27.20 0.57 -14.57
N PHE D 21 28.18 0.53 -13.66
CA PHE D 21 27.92 0.16 -12.24
C PHE D 21 27.00 1.21 -11.60
N GLY D 22 26.92 2.38 -12.23
CA GLY D 22 26.20 3.53 -11.67
C GLY D 22 24.73 3.23 -11.47
N PRO D 23 24.17 3.52 -10.28
CA PRO D 23 22.72 3.41 -10.03
C PRO D 23 21.87 4.19 -11.05
N GLY D 24 22.31 5.38 -11.45
CA GLY D 24 21.61 6.15 -12.49
C GLY D 24 21.38 5.34 -13.76
N HIS D 25 22.39 4.60 -14.20
CA HIS D 25 22.31 3.78 -15.43
C HIS D 25 21.43 2.55 -15.18
N LEU D 26 21.62 1.89 -14.06
CA LEU D 26 20.79 0.73 -13.64
C LEU D 26 19.32 1.16 -13.52
N ASN D 27 19.06 2.31 -12.92
CA ASN D 27 17.68 2.69 -12.52
C ASN D 27 16.90 2.96 -13.79
N ALA D 28 17.49 3.67 -14.75
CA ALA D 28 16.89 3.96 -16.07
C ALA D 28 16.45 2.65 -16.72
N CYS D 29 17.30 1.63 -16.66
CA CYS D 29 17.03 0.31 -17.27
C CYS D 29 15.93 -0.44 -16.50
N LEU D 30 15.92 -0.35 -15.17
CA LEU D 30 14.91 -1.03 -14.32
C LEU D 30 13.51 -0.56 -14.74
N GLY D 31 13.37 0.75 -14.97
CA GLY D 31 12.14 1.37 -15.50
C GLY D 31 11.63 0.71 -16.78
N ILE D 32 12.50 0.54 -17.78
CA ILE D 32 12.12 -0.10 -19.08
C ILE D 32 11.84 -1.60 -18.85
N GLY D 33 12.65 -2.26 -18.05
CA GLY D 33 12.44 -3.67 -17.69
C GLY D 33 11.06 -3.93 -17.12
N SER D 34 10.53 -3.01 -16.29
CA SER D 34 9.17 -3.12 -15.70
C SER D 34 8.14 -3.19 -16.83
N LEU D 35 8.10 -2.16 -17.69
CA LEU D 35 7.15 -2.08 -18.83
C LEU D 35 7.17 -3.41 -19.60
N LEU D 36 8.34 -3.97 -19.86
CA LEU D 36 8.49 -5.13 -20.76
C LEU D 36 8.02 -6.41 -20.04
N ARG D 37 8.20 -6.48 -18.73
CA ARG D 37 7.80 -7.67 -17.91
C ARG D 37 6.26 -7.77 -17.89
N LYS D 38 5.60 -6.64 -17.71
CA LYS D 38 4.12 -6.50 -17.71
C LYS D 38 3.54 -7.00 -19.03
N ARG D 39 4.29 -6.98 -20.15
CA ARG D 39 3.83 -7.50 -21.48
C ARG D 39 4.19 -8.99 -21.62
N GLY D 40 4.77 -9.61 -20.60
CA GLY D 40 4.93 -11.09 -20.53
C GLY D 40 6.26 -11.59 -21.08
N HIS D 41 7.30 -10.75 -21.17
CA HIS D 41 8.66 -11.17 -21.63
C HIS D 41 9.53 -11.57 -20.44
N GLN D 42 10.49 -12.49 -20.64
CA GLN D 42 11.53 -12.86 -19.64
C GLN D 42 12.66 -11.82 -19.67
N ILE D 43 12.81 -11.05 -18.60
CA ILE D 43 13.87 -10.02 -18.45
C ILE D 43 15.08 -10.63 -17.72
N TYR D 44 16.25 -10.50 -18.35
CA TYR D 44 17.51 -10.90 -17.70
C TYR D 44 18.30 -9.59 -17.55
N PHE D 45 18.98 -9.41 -16.42
CA PHE D 45 19.80 -8.20 -16.17
C PHE D 45 21.20 -8.64 -15.80
N ALA D 46 22.18 -8.31 -16.64
CA ALA D 46 23.59 -8.60 -16.29
C ALA D 46 24.16 -7.38 -15.56
N HIS D 47 24.48 -7.54 -14.28
CA HIS D 47 24.94 -6.39 -13.46
C HIS D 47 25.80 -6.91 -12.31
N PHE D 48 25.96 -6.13 -11.24
CA PHE D 48 26.86 -6.47 -10.12
C PHE D 48 26.00 -6.95 -8.97
N PRO D 49 26.55 -7.85 -8.12
CA PRO D 49 25.85 -8.41 -6.96
C PRO D 49 25.25 -7.40 -5.98
N ARG D 50 25.76 -6.17 -5.96
CA ARG D 50 25.18 -5.10 -5.10
C ARG D 50 23.78 -4.75 -5.56
N HIS D 51 23.34 -5.28 -6.71
CA HIS D 51 22.02 -4.88 -7.27
C HIS D 51 21.11 -6.09 -7.49
N ARG D 52 21.59 -7.31 -7.19
CA ARG D 52 20.79 -8.56 -7.37
C ARG D 52 19.43 -8.43 -6.68
N ALA D 53 19.37 -7.70 -5.59
CA ALA D 53 18.13 -7.60 -4.78
C ALA D 53 17.04 -6.79 -5.51
N THR D 54 17.35 -5.57 -5.91
CA THR D 54 16.36 -4.72 -6.63
C THR D 54 16.04 -5.36 -7.99
N ILE D 55 16.96 -6.15 -8.52
CA ILE D 55 16.74 -6.82 -9.85
C ILE D 55 15.82 -8.03 -9.67
N GLU D 56 16.07 -8.86 -8.66
CA GLU D 56 15.26 -10.08 -8.44
C GLU D 56 13.93 -9.71 -7.79
N LYS D 57 13.84 -8.56 -7.11
CA LYS D 57 12.57 -8.08 -6.50
C LYS D 57 11.67 -7.54 -7.61
N HIS D 58 12.24 -6.88 -8.59
CA HIS D 58 11.45 -6.43 -9.79
C HIS D 58 11.10 -7.65 -10.65
N GLY D 59 11.68 -8.81 -10.36
CA GLY D 59 11.32 -10.10 -11.00
C GLY D 59 12.15 -10.38 -12.25
N PHE D 60 13.31 -9.77 -12.38
CA PHE D 60 14.24 -10.01 -13.50
C PHE D 60 15.18 -11.11 -13.03
N LEU D 61 15.69 -11.93 -13.95
CA LEU D 61 16.74 -12.94 -13.63
C LEU D 61 18.09 -12.21 -13.56
N PHE D 62 18.80 -12.39 -12.46
CA PHE D 62 20.08 -11.69 -12.20
C PHE D 62 21.22 -12.54 -12.73
N ILE D 63 22.11 -11.94 -13.52
CA ILE D 63 23.40 -12.53 -13.98
C ILE D 63 24.52 -11.64 -13.46
N SER D 64 25.50 -12.21 -12.76
CA SER D 64 26.69 -11.47 -12.26
C SER D 64 27.71 -11.33 -13.39
N LEU D 65 27.95 -10.09 -13.83
CA LEU D 65 29.11 -9.76 -14.70
C LEU D 65 30.36 -10.43 -14.14
N LEU D 66 30.52 -10.51 -12.80
CA LEU D 66 31.79 -10.99 -12.16
C LEU D 66 31.99 -12.50 -12.43
N ASP D 67 30.93 -13.26 -12.68
CA ASP D 67 31.00 -14.72 -12.94
C ASP D 67 31.45 -15.02 -14.37
N TYR D 68 31.56 -14.01 -15.24
CA TYR D 68 31.94 -14.19 -16.67
C TYR D 68 33.19 -13.37 -16.99
N ALA D 69 33.83 -12.82 -15.96
CA ALA D 69 35.06 -12.01 -16.12
C ALA D 69 36.14 -12.91 -16.67
N GLU D 70 36.99 -12.35 -17.53
CA GLU D 70 38.31 -12.91 -17.87
C GLU D 70 39.23 -12.51 -16.71
N PRO D 71 40.00 -13.44 -16.11
CA PRO D 71 40.85 -13.07 -14.96
C PRO D 71 41.84 -11.91 -15.24
N GLU D 72 42.37 -11.84 -16.47
CA GLU D 72 43.34 -10.81 -16.94
C GLU D 72 42.66 -9.46 -17.20
N PHE D 73 41.31 -9.41 -17.19
CA PHE D 73 40.49 -8.18 -17.32
C PHE D 73 39.39 -8.19 -16.26
N PRO D 74 39.76 -7.97 -14.97
CA PRO D 74 38.78 -7.93 -13.90
C PRO D 74 37.84 -6.74 -14.10
N ILE D 75 36.62 -6.88 -13.55
CA ILE D 75 35.57 -5.83 -13.64
C ILE D 75 35.41 -5.19 -12.26
N VAL D 76 35.50 -3.87 -12.18
CA VAL D 76 35.38 -3.17 -10.88
C VAL D 76 33.96 -3.41 -10.35
N ASP D 77 33.86 -3.88 -9.10
CA ASP D 77 32.54 -4.00 -8.43
C ASP D 77 32.25 -2.69 -7.71
N MET D 78 32.90 -1.61 -8.16
CA MET D 78 33.08 -0.37 -7.37
C MET D 78 32.83 0.85 -8.27
N LEU D 79 32.64 2.02 -7.65
CA LEU D 79 32.60 3.31 -8.38
C LEU D 79 34.04 3.79 -8.61
N GLY D 83 35.39 8.42 -5.29
CA GLY D 83 35.75 9.55 -4.41
C GLY D 83 37.06 10.22 -4.86
N ILE D 84 38.04 9.43 -5.32
CA ILE D 84 39.38 9.94 -5.73
C ILE D 84 39.21 10.86 -6.96
N ILE D 85 38.54 10.36 -8.00
CA ILE D 85 38.25 11.10 -9.27
C ILE D 85 37.43 12.36 -8.96
N ALA D 86 36.39 12.22 -8.12
CA ALA D 86 35.33 13.22 -7.88
C ALA D 86 35.88 14.33 -6.97
N LYS D 87 36.90 14.06 -6.15
CA LYS D 87 37.60 15.07 -5.30
C LYS D 87 38.35 16.08 -6.20
N PHE D 88 39.09 15.58 -7.21
CA PHE D 88 39.80 16.43 -8.19
C PHE D 88 38.77 17.32 -8.92
N ALA D 89 37.69 16.75 -9.46
CA ALA D 89 36.59 17.49 -10.15
C ALA D 89 36.04 18.62 -9.26
N PHE D 90 35.89 18.36 -7.95
CA PHE D 90 35.33 19.29 -6.93
C PHE D 90 36.29 20.47 -6.73
N GLU D 91 37.56 20.19 -6.43
CA GLU D 91 38.59 21.25 -6.19
C GLU D 91 38.66 22.16 -7.43
N ARG D 92 38.69 21.59 -8.64
CA ARG D 92 38.71 22.30 -9.93
C ARG D 92 37.45 23.19 -10.02
N MET D 93 36.24 22.60 -9.89
CA MET D 93 34.94 23.33 -10.06
C MET D 93 34.76 24.39 -8.96
N HIS D 94 35.37 24.21 -7.79
CA HIS D 94 35.33 25.17 -6.65
C HIS D 94 36.22 26.40 -6.93
N LYS D 95 37.31 26.25 -7.69
CA LYS D 95 38.28 27.34 -8.00
C LYS D 95 37.91 28.05 -9.32
N LEU D 96 37.43 27.32 -10.34
CA LEU D 96 37.37 27.79 -11.75
C LEU D 96 35.91 27.90 -12.24
N THR D 97 35.65 28.88 -13.13
CA THR D 97 34.37 29.03 -13.88
C THR D 97 34.29 27.91 -14.92
N PRO D 98 33.08 27.55 -15.43
CA PRO D 98 32.96 26.56 -16.51
C PRO D 98 33.84 26.81 -17.75
N LEU D 99 34.04 28.10 -18.10
CA LEU D 99 34.93 28.53 -19.22
C LEU D 99 36.40 28.25 -18.86
N GLU D 100 36.87 28.77 -17.71
CA GLU D 100 38.24 28.55 -17.16
C GLU D 100 38.56 27.05 -17.03
N LEU D 101 37.60 26.23 -16.61
CA LEU D 101 37.80 24.76 -16.42
C LEU D 101 38.09 24.08 -17.77
N PHE D 102 37.45 24.55 -18.84
CA PHE D 102 37.62 23.99 -20.21
C PHE D 102 38.98 24.42 -20.78
N HIS D 109 39.37 14.82 -22.29
CA HIS D 109 37.91 14.55 -22.30
C HIS D 109 37.46 14.04 -20.93
N THR D 110 36.21 14.36 -20.58
CA THR D 110 35.58 14.09 -19.25
C THR D 110 35.69 12.60 -18.87
N PHE D 111 35.42 11.65 -19.77
CA PHE D 111 35.33 10.21 -19.41
C PHE D 111 36.11 9.26 -20.33
N ALA D 112 37.03 9.77 -21.15
CA ALA D 112 37.94 8.95 -21.99
C ALA D 112 38.81 7.99 -21.14
N GLY D 113 39.18 8.35 -19.90
CA GLY D 113 40.00 7.49 -19.02
C GLY D 113 39.32 6.18 -18.60
N MET D 114 37.99 6.13 -18.61
CA MET D 114 37.20 4.91 -18.29
C MET D 114 37.25 3.90 -19.44
N VAL D 115 37.53 4.37 -20.67
CA VAL D 115 37.41 3.53 -21.89
C VAL D 115 38.33 2.31 -21.75
N ASN D 116 39.59 2.51 -21.38
CA ASN D 116 40.60 1.43 -21.30
C ASN D 116 40.11 0.36 -20.31
N GLY D 117 39.53 0.78 -19.18
CA GLY D 117 39.03 -0.11 -18.10
C GLY D 117 37.84 -0.97 -18.50
N SER D 118 37.15 -0.64 -19.61
CA SER D 118 35.91 -1.31 -20.11
C SER D 118 36.16 -2.70 -20.73
N LYS D 119 37.42 -3.07 -21.03
CA LYS D 119 37.69 -4.35 -21.73
C LYS D 119 37.00 -5.51 -20.98
N GLY D 120 37.02 -5.53 -19.64
CA GLY D 120 36.51 -6.65 -18.82
C GLY D 120 35.03 -6.91 -19.03
N GLU D 121 34.21 -5.87 -18.85
CA GLU D 121 32.74 -5.93 -19.05
C GLU D 121 32.49 -6.49 -20.45
N ASN D 122 33.34 -6.14 -21.41
CA ASN D 122 33.13 -6.46 -22.83
C ASN D 122 33.29 -7.97 -23.03
N TYR D 123 34.36 -8.53 -22.50
CA TYR D 123 34.58 -10.00 -22.48
C TYR D 123 33.36 -10.67 -21.85
N ALA D 124 32.93 -10.19 -20.69
CA ALA D 124 31.83 -10.79 -19.91
C ALA D 124 30.55 -10.82 -20.76
N MET D 125 30.20 -9.69 -21.37
CA MET D 125 28.94 -9.59 -22.15
C MET D 125 29.02 -10.49 -23.37
N MET D 126 30.18 -10.68 -24.01
CA MET D 126 30.28 -11.63 -25.15
C MET D 126 29.91 -13.03 -24.65
N LYS D 127 30.45 -13.47 -23.51
CA LYS D 127 30.15 -14.81 -22.95
C LYS D 127 28.67 -14.91 -22.54
N ILE D 128 28.13 -13.84 -21.96
CA ILE D 128 26.77 -13.85 -21.35
C ILE D 128 25.75 -13.95 -22.50
N VAL D 129 25.94 -13.17 -23.55
CA VAL D 129 25.00 -13.15 -24.71
C VAL D 129 25.07 -14.50 -25.46
N LYS D 130 26.25 -15.10 -25.59
CA LYS D 130 26.42 -16.44 -26.19
C LYS D 130 25.64 -17.48 -25.36
N GLU D 131 25.75 -17.48 -24.02
CA GLU D 131 25.14 -18.53 -23.15
C GLU D 131 23.61 -18.38 -23.11
N TYR D 132 23.09 -17.18 -22.87
CA TYR D 132 21.64 -16.94 -22.62
C TYR D 132 20.87 -16.74 -23.93
N LYS D 133 21.57 -16.53 -25.05
CA LYS D 133 20.99 -16.45 -26.41
C LYS D 133 19.70 -15.63 -26.37
N PRO D 134 19.75 -14.35 -25.91
CA PRO D 134 18.58 -13.49 -25.90
C PRO D 134 18.17 -13.02 -27.30
N ASP D 135 16.93 -12.54 -27.41
CA ASP D 135 16.29 -12.07 -28.67
C ASP D 135 16.70 -10.64 -28.94
N VAL D 136 16.97 -9.88 -27.88
CA VAL D 136 17.41 -8.47 -27.99
C VAL D 136 18.14 -8.11 -26.69
N CYS D 137 19.11 -7.20 -26.75
CA CYS D 137 19.83 -6.64 -25.57
C CYS D 137 19.59 -5.13 -25.48
N LEU D 138 19.54 -4.58 -24.27
CA LEU D 138 19.60 -3.11 -24.03
C LEU D 138 20.77 -2.83 -23.07
N ALA D 139 21.41 -1.69 -23.20
CA ALA D 139 22.66 -1.39 -22.49
C ALA D 139 22.76 0.11 -22.26
N ASP D 140 22.74 0.54 -20.99
CA ASP D 140 22.99 1.96 -20.61
C ASP D 140 24.47 2.13 -20.23
N TYR D 141 25.23 2.65 -21.18
CA TYR D 141 26.67 2.96 -21.08
C TYR D 141 26.87 4.45 -21.39
N LEU D 142 28.04 5.02 -21.09
CA LEU D 142 28.37 6.41 -21.52
C LEU D 142 28.83 6.41 -22.98
N PHE D 143 29.26 5.25 -23.50
CA PHE D 143 29.79 5.12 -24.88
C PHE D 143 29.59 3.69 -25.36
N ASN D 144 29.44 3.54 -26.68
CA ASN D 144 29.22 2.21 -27.27
C ASN D 144 30.44 1.33 -26.97
N MET D 145 30.23 0.03 -26.89
CA MET D 145 31.23 -0.99 -26.55
C MET D 145 31.26 -2.03 -27.64
N PRO D 146 32.43 -2.61 -27.98
CA PRO D 146 32.53 -3.58 -29.06
C PRO D 146 31.50 -4.70 -29.03
N TRP D 147 31.18 -5.29 -27.87
CA TRP D 147 30.30 -6.50 -27.84
C TRP D 147 28.96 -6.21 -28.50
N MET D 148 28.48 -4.97 -28.39
CA MET D 148 27.17 -4.53 -28.94
C MET D 148 27.12 -4.77 -30.47
N PHE D 149 28.27 -4.99 -31.12
CA PHE D 149 28.35 -5.13 -32.60
C PHE D 149 28.92 -6.48 -33.02
N THR D 150 29.21 -7.39 -32.10
CA THR D 150 29.76 -8.73 -32.42
C THR D 150 28.73 -9.82 -32.10
N VAL D 151 27.81 -9.57 -31.17
CA VAL D 151 26.84 -10.61 -30.70
C VAL D 151 25.78 -10.81 -31.80
N ASP D 152 25.09 -11.96 -31.80
CA ASP D 152 24.09 -12.33 -32.85
C ASP D 152 22.89 -11.37 -32.84
N CYS D 153 22.31 -11.10 -31.67
CA CYS D 153 21.05 -10.33 -31.55
C CYS D 153 21.28 -8.84 -31.79
N PRO D 154 20.22 -8.08 -32.10
CA PRO D 154 20.29 -6.62 -32.05
C PRO D 154 20.49 -6.09 -30.64
N VAL D 155 21.07 -4.90 -30.53
CA VAL D 155 21.42 -4.27 -29.23
C VAL D 155 21.02 -2.80 -29.27
N ILE D 156 20.20 -2.37 -28.31
CA ILE D 156 19.66 -1.00 -28.22
C ILE D 156 20.47 -0.25 -27.16
N PRO D 157 21.27 0.77 -27.54
CA PRO D 157 21.87 1.65 -26.55
C PRO D 157 20.74 2.40 -25.83
N VAL D 158 20.79 2.44 -24.50
CA VAL D 158 19.88 3.27 -23.66
C VAL D 158 20.70 4.41 -23.09
N LYS D 159 20.22 5.64 -23.17
CA LYS D 159 20.96 6.85 -22.73
C LYS D 159 20.10 7.54 -21.68
N SER D 160 20.68 7.77 -20.51
CA SER D 160 20.02 8.37 -19.32
C SER D 160 20.68 9.71 -19.00
N VAL D 161 21.85 9.99 -19.58
CA VAL D 161 22.48 11.34 -19.46
C VAL D 161 21.73 12.33 -20.36
N ASN D 162 22.01 13.62 -20.17
CA ASN D 162 21.48 14.75 -20.98
C ASN D 162 21.72 14.44 -22.45
N PRO D 163 20.67 14.46 -23.31
CA PRO D 163 20.82 14.07 -24.71
C PRO D 163 21.28 15.15 -25.71
N ILE D 164 21.77 16.32 -25.26
CA ILE D 164 22.20 17.39 -26.20
C ILE D 164 23.28 16.84 -27.16
N GLU D 165 24.09 15.90 -26.68
CA GLU D 165 25.11 15.18 -27.50
C GLU D 165 24.49 14.49 -28.72
N LEU D 166 23.19 14.17 -28.74
CA LEU D 166 22.53 13.53 -29.91
C LEU D 166 22.17 14.59 -30.98
N TYR D 167 22.37 15.86 -30.70
CA TYR D 167 21.94 16.99 -31.55
C TYR D 167 23.18 17.68 -32.12
N ASN D 168 22.99 18.39 -33.23
CA ASN D 168 23.97 19.33 -33.81
C ASN D 168 23.68 20.71 -33.24
N GLY D 169 24.33 21.06 -32.13
CA GLY D 169 24.07 22.29 -31.36
C GLY D 169 25.26 22.62 -30.47
N PRO D 170 25.03 23.21 -29.27
CA PRO D 170 26.11 23.39 -28.30
C PRO D 170 26.72 22.05 -27.93
N PRO D 171 28.02 22.02 -27.60
CA PRO D 171 28.68 20.78 -27.18
C PRO D 171 28.14 20.28 -25.84
N ALA D 172 28.37 18.99 -25.54
CA ALA D 172 27.91 18.38 -24.28
C ALA D 172 28.98 18.56 -23.19
N LEU D 173 28.58 18.33 -21.94
CA LEU D 173 29.50 18.44 -20.76
C LEU D 173 29.97 19.90 -20.63
N THR D 174 29.16 20.83 -21.14
CA THR D 174 29.54 22.27 -21.23
C THR D 174 28.55 23.12 -20.42
N GLY D 175 27.25 22.89 -20.62
CA GLY D 175 26.22 23.67 -19.90
C GLY D 175 25.97 25.03 -20.52
N CYS D 176 25.93 25.10 -21.86
CA CYS D 176 25.70 26.38 -22.57
C CYS D 176 24.23 26.79 -22.40
N SER D 177 23.97 28.11 -22.39
CA SER D 177 22.58 28.62 -22.31
C SER D 177 21.99 28.77 -23.72
N ILE D 178 20.67 28.71 -23.83
CA ILE D 178 19.94 29.15 -25.06
C ILE D 178 20.09 30.67 -25.23
N HIS D 179 20.41 31.39 -24.14
CA HIS D 179 20.62 32.87 -24.11
C HIS D 179 22.13 33.20 -24.25
N ASP D 180 22.98 32.24 -24.61
CA ASP D 180 24.44 32.45 -24.77
C ASP D 180 24.70 33.18 -26.09
N PRO D 181 25.47 34.30 -26.10
CA PRO D 181 25.81 34.99 -27.33
C PRO D 181 26.76 34.15 -28.20
N PRO D 182 26.84 34.40 -29.52
CA PRO D 182 27.75 33.65 -30.39
C PRO D 182 29.24 33.72 -29.98
N SER D 183 29.69 34.82 -29.36
CA SER D 183 31.13 35.07 -29.01
C SER D 183 31.61 34.04 -27.97
N VAL D 184 30.90 33.91 -26.84
CA VAL D 184 31.26 32.98 -25.71
C VAL D 184 31.21 31.54 -26.21
N ARG D 185 30.26 31.23 -27.12
CA ARG D 185 30.03 29.88 -27.72
C ARG D 185 31.12 29.52 -28.76
N GLU D 186 32.37 29.39 -28.29
CA GLU D 186 33.63 29.35 -29.10
C GLU D 186 34.84 29.59 -28.17
N GLU D 189 33.19 25.50 -28.59
CA GLU D 189 33.04 24.62 -29.77
C GLU D 189 34.41 24.07 -30.18
N GLN D 190 35.45 24.92 -30.22
CA GLN D 190 36.84 24.58 -30.61
C GLN D 190 37.46 23.61 -29.58
N LEU D 191 37.27 23.91 -28.29
CA LEU D 191 37.81 23.13 -27.14
C LEU D 191 37.19 21.72 -27.13
N ALA D 192 35.87 21.66 -27.35
CA ALA D 192 35.04 20.43 -27.33
C ALA D 192 35.46 19.50 -28.50
N ARG D 193 35.68 20.06 -29.69
CA ARG D 193 36.14 19.29 -30.88
C ARG D 193 37.47 18.62 -30.57
N LYS D 194 38.35 19.32 -29.83
CA LYS D 194 39.71 18.84 -29.46
C LYS D 194 39.57 17.60 -28.55
N SER D 195 38.69 17.67 -27.54
CA SER D 195 38.54 16.57 -26.53
C SER D 195 37.69 15.42 -27.09
N GLU D 196 36.71 15.71 -27.98
CA GLU D 196 35.90 14.66 -28.67
C GLU D 196 36.83 13.68 -29.41
N LEU D 197 37.99 14.14 -29.91
CA LEU D 197 38.93 13.28 -30.67
C LEU D 197 39.80 12.46 -29.70
N GLU D 198 40.02 12.95 -28.47
CA GLU D 198 40.68 12.12 -27.42
C GLU D 198 39.77 10.92 -27.11
N LEU D 199 38.44 11.14 -27.06
CA LEU D 199 37.46 10.05 -26.83
C LEU D 199 37.56 9.05 -27.99
N GLU D 200 37.56 9.55 -29.23
CA GLU D 200 37.56 8.72 -30.47
C GLU D 200 38.82 7.86 -30.46
N SER D 201 39.95 8.45 -30.07
CA SER D 201 41.27 7.74 -30.13
C SER D 201 41.26 6.63 -29.08
N GLU D 202 40.68 6.88 -27.91
CA GLU D 202 40.60 5.87 -26.82
C GLU D 202 39.62 4.76 -27.22
N LEU D 203 38.49 5.11 -27.81
CA LEU D 203 37.51 4.09 -28.26
C LEU D 203 38.13 3.24 -29.38
N GLU D 204 38.95 3.86 -30.24
CA GLU D 204 39.66 3.16 -31.35
C GLU D 204 40.47 2.02 -30.75
N LYS D 205 41.21 2.27 -29.66
CA LYS D 205 42.07 1.25 -28.99
C LYS D 205 41.21 0.12 -28.42
N LEU D 206 40.07 0.46 -27.82
CA LEU D 206 39.17 -0.54 -27.19
C LEU D 206 38.60 -1.43 -28.28
N PHE D 207 38.11 -0.82 -29.37
CA PHE D 207 37.52 -1.55 -30.52
C PHE D 207 38.60 -2.40 -31.20
N ALA D 208 39.77 -1.82 -31.48
CA ALA D 208 40.95 -2.50 -32.05
C ALA D 208 41.29 -3.75 -31.22
N HIS D 209 41.29 -3.64 -29.88
CA HIS D 209 41.58 -4.77 -28.97
C HIS D 209 40.71 -5.96 -29.35
N PHE D 210 39.44 -5.76 -29.71
CA PHE D 210 38.49 -6.87 -30.02
C PHE D 210 38.30 -7.06 -31.54
N ASN D 211 39.08 -6.40 -32.40
CA ASN D 211 39.01 -6.49 -33.89
C ASN D 211 37.62 -6.14 -34.39
N VAL D 212 37.04 -5.07 -33.87
CA VAL D 212 35.68 -4.61 -34.22
C VAL D 212 35.80 -3.21 -34.80
N PRO D 213 35.21 -2.95 -36.00
CA PRO D 213 35.31 -1.61 -36.57
C PRO D 213 34.64 -0.60 -35.64
N LEU D 214 35.37 0.47 -35.35
CA LEU D 214 34.92 1.59 -34.52
C LEU D 214 33.67 2.24 -35.11
N VAL D 215 32.65 2.40 -34.28
CA VAL D 215 31.44 3.23 -34.54
C VAL D 215 31.53 4.49 -33.68
N SER D 216 30.73 5.50 -33.99
CA SER D 216 30.58 6.72 -33.18
C SER D 216 30.16 6.29 -31.76
N TYR D 217 30.55 7.06 -30.74
CA TYR D 217 30.34 6.68 -29.32
C TYR D 217 28.84 6.63 -28.99
N ASN D 218 27.99 7.36 -29.73
CA ASN D 218 26.53 7.42 -29.48
C ASN D 218 25.73 7.04 -30.73
N TYR D 219 26.29 6.19 -31.58
CA TYR D 219 25.60 5.55 -32.72
C TYR D 219 24.56 4.56 -32.17
N ALA D 220 23.40 4.54 -32.80
CA ALA D 220 22.36 3.51 -32.61
C ALA D 220 22.18 2.79 -33.95
N GLN D 221 22.59 1.54 -34.05
CA GLN D 221 22.61 0.80 -35.34
C GLN D 221 21.18 0.75 -35.91
N GLN D 222 20.19 0.33 -35.12
CA GLN D 222 18.79 0.12 -35.56
C GLN D 222 17.82 0.92 -34.67
N LEU D 223 18.00 0.89 -33.36
CA LEU D 223 17.16 1.61 -32.37
C LEU D 223 18.01 2.05 -31.19
N GLY D 224 17.89 3.30 -30.79
CA GLY D 224 18.39 3.83 -29.51
C GLY D 224 17.28 4.52 -28.74
N ILE D 225 17.28 4.35 -27.42
CA ILE D 225 16.26 4.95 -26.51
C ILE D 225 16.98 5.94 -25.61
N TYR D 226 16.70 7.23 -25.75
CA TYR D 226 17.17 8.25 -24.78
C TYR D 226 16.01 8.65 -23.89
N ILE D 227 16.29 8.86 -22.61
CA ILE D 227 15.28 9.12 -21.55
C ILE D 227 15.49 10.55 -21.11
N TYR D 228 14.56 11.42 -21.48
CA TYR D 228 14.56 12.84 -21.10
C TYR D 228 13.12 13.33 -21.25
N PRO D 229 12.65 14.28 -20.43
CA PRO D 229 11.31 14.82 -20.59
C PRO D 229 11.11 15.56 -21.91
N GLY D 230 10.02 15.29 -22.64
CA GLY D 230 9.64 16.04 -23.84
C GLY D 230 9.79 17.55 -23.65
N PRO D 231 9.18 18.14 -22.61
CA PRO D 231 9.26 19.59 -22.42
C PRO D 231 10.69 20.15 -22.27
N LEU D 232 11.67 19.29 -21.95
CA LEU D 232 13.08 19.73 -21.73
C LEU D 232 13.94 19.33 -22.94
N ASP D 233 13.46 18.44 -23.81
CA ASP D 233 14.23 17.94 -24.98
C ASP D 233 14.53 19.12 -25.89
N TYR D 234 15.52 18.98 -26.78
CA TYR D 234 16.18 20.12 -27.48
C TYR D 234 15.50 20.35 -28.84
N LYS D 235 14.20 20.69 -28.82
CA LYS D 235 13.34 20.77 -30.03
C LYS D 235 13.78 21.97 -30.89
N GLU D 236 14.35 23.01 -30.26
CA GLU D 236 14.98 24.16 -30.95
C GLU D 236 16.24 23.77 -31.74
N LEU D 237 16.78 22.55 -31.62
CA LEU D 237 17.99 22.11 -32.40
C LEU D 237 17.59 21.12 -33.49
N GLY D 238 16.30 20.81 -33.64
CA GLY D 238 15.81 19.90 -34.68
C GLY D 238 15.55 18.50 -34.14
N SER D 239 16.21 17.52 -34.74
CA SER D 239 15.96 16.09 -34.42
C SER D 239 17.22 15.48 -33.83
N PRO D 240 17.11 14.48 -32.95
CA PRO D 240 18.27 13.71 -32.51
C PRO D 240 18.81 12.90 -33.70
N LYS D 241 19.91 12.17 -33.47
CA LYS D 241 20.56 11.36 -34.52
C LYS D 241 19.60 10.25 -34.97
N GLU D 242 20.05 9.46 -35.95
CA GLU D 242 19.22 8.39 -36.56
C GLU D 242 18.89 7.34 -35.50
N ASN D 243 17.68 6.78 -35.55
CA ASN D 243 17.30 5.54 -34.84
C ASN D 243 17.06 5.86 -33.35
N TRP D 244 17.21 7.13 -32.98
CA TRP D 244 17.15 7.60 -31.58
C TRP D 244 15.74 8.10 -31.25
N VAL D 245 15.11 7.46 -30.27
CA VAL D 245 13.69 7.68 -29.89
C VAL D 245 13.63 8.08 -28.41
N ARG D 246 12.76 9.01 -28.05
CA ARG D 246 12.64 9.54 -26.66
C ARG D 246 11.65 8.71 -25.84
N LEU D 247 12.05 8.31 -24.63
CA LEU D 247 11.19 7.83 -23.53
C LEU D 247 11.14 8.94 -22.47
N ASP D 248 9.96 9.50 -22.19
CA ASP D 248 9.84 10.79 -21.46
C ASP D 248 10.32 10.60 -20.02
N SER D 249 10.14 9.40 -19.46
CA SER D 249 10.65 9.02 -18.13
C SER D 249 10.77 7.50 -18.03
N SER D 250 11.58 7.02 -17.06
CA SER D 250 11.80 5.58 -16.87
C SER D 250 11.97 5.30 -15.38
N ILE D 251 10.95 5.61 -14.58
CA ILE D 251 11.04 5.55 -13.10
C ILE D 251 10.64 4.14 -12.65
N ARG D 252 11.59 3.50 -11.95
CA ARG D 252 11.45 2.15 -11.33
C ARG D 252 10.26 2.12 -10.36
N SER D 253 9.70 0.93 -10.14
CA SER D 253 8.70 0.62 -9.07
C SER D 253 9.22 1.17 -7.73
N THR D 254 8.37 1.91 -7.02
CA THR D 254 8.58 2.44 -5.64
C THR D 254 8.95 1.28 -4.69
N GLU D 255 10.00 1.47 -3.88
CA GLU D 255 10.58 0.46 -2.95
C GLU D 255 9.60 0.19 -1.79
N ILE D 256 9.37 1.18 -0.90
CA ILE D 256 8.20 1.29 0.02
C ILE D 256 7.20 2.25 -0.64
N SER D 257 5.91 1.89 -0.67
CA SER D 257 4.81 2.72 -1.22
C SER D 257 4.63 3.99 -0.37
N ASN D 258 4.63 3.84 0.96
CA ASN D 258 4.56 4.96 1.94
C ASN D 258 5.96 5.23 2.54
N PHE D 259 6.28 6.51 2.73
CA PHE D 259 7.55 7.02 3.33
C PHE D 259 7.24 7.77 4.64
N GLU D 260 7.64 7.19 5.77
CA GLU D 260 7.38 7.76 7.12
C GLU D 260 8.46 8.82 7.37
N LEU D 261 8.04 10.03 7.76
CA LEU D 261 8.94 11.12 8.21
C LEU D 261 9.66 10.74 9.50
N PRO D 262 10.93 11.16 9.66
CA PRO D 262 11.64 11.01 10.92
C PRO D 262 11.10 11.95 12.02
N GLU D 263 11.03 11.45 13.25
CA GLU D 263 10.49 12.15 14.44
C GLU D 263 11.32 13.41 14.73
N LYS D 264 12.62 13.38 14.43
CA LYS D 264 13.51 14.56 14.65
C LYS D 264 12.96 15.79 13.91
N LEU D 265 12.24 15.60 12.78
CA LEU D 265 11.79 16.72 11.91
C LEU D 265 10.29 16.99 12.07
N LYS D 266 9.51 16.15 12.76
CA LYS D 266 8.08 16.43 13.10
C LYS D 266 8.01 17.68 13.98
N ASP D 267 7.01 18.53 13.75
CA ASP D 267 6.76 19.77 14.53
C ASP D 267 8.05 20.58 14.66
N LYS D 268 8.78 20.73 13.55
CA LYS D 268 9.83 21.78 13.37
C LYS D 268 9.33 22.76 12.31
N PRO D 269 9.80 24.03 12.30
CA PRO D 269 9.27 25.04 11.38
C PRO D 269 9.78 24.88 9.95
N GLY D 270 9.06 25.49 9.00
CA GLY D 270 9.49 25.72 7.62
C GLY D 270 9.05 24.62 6.67
N LYS D 271 9.40 24.79 5.40
CA LYS D 271 9.14 23.78 4.34
C LYS D 271 10.09 22.58 4.52
N LEU D 272 9.78 21.52 3.77
CA LEU D 272 10.57 20.26 3.70
C LEU D 272 11.37 20.24 2.39
N ILE D 273 12.69 20.14 2.51
CA ILE D 273 13.67 20.23 1.39
C ILE D 273 14.52 18.95 1.35
N TYR D 274 14.58 18.27 0.20
CA TYR D 274 15.47 17.12 -0.05
C TYR D 274 16.82 17.66 -0.61
N VAL D 275 17.93 17.17 -0.07
CA VAL D 275 19.32 17.47 -0.50
C VAL D 275 20.02 16.17 -0.89
N SER D 276 20.44 16.04 -2.16
CA SER D 276 21.26 14.89 -2.67
C SER D 276 22.23 15.37 -3.74
N MET D 277 23.51 15.07 -3.60
CA MET D 277 24.51 15.30 -4.68
C MET D 277 24.72 14.01 -5.49
N GLY D 278 23.82 13.03 -5.40
CA GLY D 278 23.79 11.87 -6.31
C GLY D 278 24.45 10.62 -5.76
N SER D 279 24.90 9.69 -6.62
CA SER D 279 25.60 8.44 -6.20
C SER D 279 27.13 8.59 -6.26
N LEU D 280 27.66 9.64 -6.90
CA LEU D 280 29.11 9.75 -7.20
C LEU D 280 29.74 10.95 -6.50
N ALA D 281 29.27 12.18 -6.76
CA ALA D 281 29.83 13.43 -6.19
C ALA D 281 29.75 13.45 -4.65
N SER D 282 28.70 12.81 -4.15
CA SER D 282 28.33 12.72 -2.71
C SER D 282 29.46 12.06 -1.91
N ALA D 283 30.35 11.33 -2.57
CA ALA D 283 31.50 10.63 -1.93
C ALA D 283 32.48 11.67 -1.37
N VAL D 284 32.48 12.87 -1.92
CA VAL D 284 33.39 13.97 -1.49
C VAL D 284 32.74 14.66 -0.30
N THR D 285 33.21 14.38 0.92
CA THR D 285 32.58 14.88 2.17
C THR D 285 32.69 16.41 2.21
N GLU D 286 33.76 16.97 1.66
CA GLU D 286 34.05 18.44 1.59
C GLU D 286 32.88 19.15 0.90
N LEU D 287 32.27 18.52 -0.12
CA LEU D 287 31.15 19.10 -0.91
C LEU D 287 29.89 19.20 -0.05
N LEU D 288 29.43 18.07 0.49
CA LEU D 288 28.23 18.04 1.36
C LEU D 288 28.43 18.95 2.58
N THR D 289 29.62 18.92 3.21
CA THR D 289 29.93 19.81 4.37
C THR D 289 29.75 21.28 3.98
N MET D 290 30.21 21.65 2.80
CA MET D 290 30.17 23.05 2.30
C MET D 290 28.71 23.49 2.17
N ILE D 291 27.86 22.59 1.69
CA ILE D 291 26.43 22.85 1.40
C ILE D 291 25.63 22.84 2.71
N LEU D 292 25.87 21.87 3.60
CA LEU D 292 25.00 21.67 4.80
C LEU D 292 25.32 22.72 5.88
N THR D 293 26.57 23.15 6.04
CA THR D 293 26.98 24.04 7.16
C THR D 293 26.08 25.29 7.17
N PRO D 294 25.95 26.06 6.06
CA PRO D 294 25.04 27.21 6.04
C PRO D 294 23.54 26.91 6.19
N LEU D 295 23.08 25.70 5.83
CA LEU D 295 21.65 25.31 5.91
C LEU D 295 21.26 25.08 7.37
N ALA D 296 22.23 24.91 8.27
CA ALA D 296 21.93 24.75 9.71
C ALA D 296 21.09 25.96 10.15
N ASN D 297 21.14 27.02 9.36
CA ASN D 297 20.49 28.31 9.72
C ASN D 297 19.46 28.68 8.65
N SER D 298 18.97 27.69 7.90
CA SER D 298 17.82 27.90 6.98
C SER D 298 16.50 27.58 7.70
N PRO D 299 15.51 28.49 7.69
CA PRO D 299 14.28 28.33 8.46
C PRO D 299 13.36 27.24 7.89
N HIS D 300 13.93 26.06 7.60
CA HIS D 300 13.20 24.97 6.92
C HIS D 300 13.76 23.63 7.40
N ARG D 301 13.17 22.53 6.93
CA ARG D 301 13.61 21.17 7.34
C ARG D 301 14.27 20.47 6.15
N PHE D 302 15.36 19.74 6.39
CA PHE D 302 16.13 19.07 5.31
C PHE D 302 16.18 17.55 5.54
N ILE D 303 15.85 16.79 4.51
CA ILE D 303 16.19 15.34 4.43
C ILE D 303 17.39 15.20 3.48
N VAL D 304 18.45 14.54 3.93
CA VAL D 304 19.78 14.55 3.26
C VAL D 304 20.19 13.12 2.90
N SER D 305 20.50 12.89 1.65
CA SER D 305 21.28 11.73 1.18
C SER D 305 22.74 12.08 1.44
N THR D 306 23.41 11.37 2.35
CA THR D 306 24.76 11.73 2.84
C THR D 306 25.84 10.99 2.05
N GLY D 307 25.46 10.00 1.23
CA GLY D 307 26.43 9.34 0.34
C GLY D 307 27.21 8.22 1.04
N PRO D 308 28.06 7.51 0.28
CA PRO D 308 28.84 6.39 0.79
C PRO D 308 29.70 6.69 2.02
N ASN D 309 30.18 7.93 2.17
CA ASN D 309 30.98 8.42 3.33
C ASN D 309 30.15 9.30 4.26
N GLY D 310 28.83 9.12 4.25
CA GLY D 310 27.88 9.96 5.01
C GLY D 310 28.08 9.93 6.50
N ASP D 311 28.61 8.85 7.05
CA ASP D 311 28.71 8.66 8.51
C ASP D 311 29.64 9.75 9.09
N SER D 312 30.59 10.26 8.30
CA SER D 312 31.53 11.32 8.75
C SER D 312 31.08 12.75 8.34
N ILE D 313 29.79 12.96 8.06
CA ILE D 313 29.23 14.28 7.71
C ILE D 313 28.35 14.73 8.87
N LYS D 314 28.58 15.94 9.39
CA LYS D 314 27.80 16.51 10.51
C LYS D 314 26.42 16.92 9.97
N LEU D 315 25.37 16.53 10.67
CA LEU D 315 23.96 16.97 10.46
C LEU D 315 23.55 17.86 11.63
N TYR D 316 22.75 18.87 11.37
CA TYR D 316 22.28 19.85 12.37
C TYR D 316 20.83 19.53 12.76
N ASP D 317 20.29 20.35 13.65
CA ASP D 317 19.05 20.04 14.42
C ASP D 317 17.88 20.01 13.45
N ASN D 318 17.98 20.70 12.32
CA ASN D 318 16.89 20.80 11.31
C ASN D 318 17.12 19.79 10.17
N MET D 319 17.99 18.79 10.34
CA MET D 319 18.33 17.83 9.27
C MET D 319 18.18 16.40 9.79
N TRP D 320 17.64 15.52 8.95
CA TRP D 320 17.73 14.04 9.09
C TRP D 320 18.32 13.49 7.80
N GLY D 321 19.07 12.39 7.87
CA GLY D 321 19.71 11.80 6.67
C GLY D 321 20.31 10.42 6.89
N ASP D 322 20.46 9.68 5.79
CA ASP D 322 21.20 8.40 5.74
C ASP D 322 22.01 8.34 4.45
N LYS D 323 22.90 7.34 4.34
CA LYS D 323 23.81 7.17 3.18
C LYS D 323 22.97 7.06 1.90
N PHE D 324 21.90 6.29 1.93
CA PHE D 324 20.96 6.06 0.80
C PHE D 324 19.53 6.28 1.30
N ILE D 325 18.71 6.94 0.49
CA ILE D 325 17.31 7.39 0.83
C ILE D 325 16.40 6.73 -0.21
N ASN D 326 15.16 6.37 0.14
CA ASN D 326 14.14 5.99 -0.88
C ASN D 326 13.64 7.29 -1.53
N GLN D 327 14.38 7.76 -2.54
CA GLN D 327 14.23 9.08 -3.21
C GLN D 327 12.86 9.16 -3.90
N VAL D 328 12.41 8.09 -4.54
CA VAL D 328 11.12 8.09 -5.28
C VAL D 328 9.96 8.21 -4.31
N ALA D 329 9.99 7.49 -3.20
CA ALA D 329 8.96 7.55 -2.15
C ALA D 329 8.99 8.92 -1.47
N LEU D 330 10.17 9.49 -1.28
CA LEU D 330 10.33 10.74 -0.52
C LEU D 330 9.79 11.93 -1.32
N LEU D 331 10.06 12.00 -2.63
CA LEU D 331 10.01 13.31 -3.37
C LEU D 331 8.60 13.90 -3.31
N PRO D 332 7.50 13.12 -3.44
CA PRO D 332 6.14 13.64 -3.28
C PRO D 332 5.86 14.47 -2.01
N LYS D 333 6.57 14.20 -0.90
CA LYS D 333 6.31 14.81 0.43
C LYS D 333 7.11 16.09 0.60
N VAL D 334 8.06 16.41 -0.28
CA VAL D 334 8.93 17.62 -0.10
C VAL D 334 8.38 18.77 -0.96
N ASP D 335 8.94 19.95 -0.74
CA ASP D 335 8.52 21.24 -1.35
C ASP D 335 9.61 21.71 -2.35
N LEU D 336 10.80 21.12 -2.30
CA LEU D 336 12.00 21.63 -3.02
C LEU D 336 13.10 20.56 -2.99
N PHE D 337 13.82 20.40 -4.10
CA PHE D 337 14.92 19.43 -4.26
C PHE D 337 16.20 20.19 -4.56
N ILE D 338 17.18 20.20 -3.65
CA ILE D 338 18.56 20.69 -3.94
C ILE D 338 19.34 19.49 -4.47
N THR D 339 19.68 19.54 -5.76
CA THR D 339 20.21 18.40 -6.54
C THR D 339 21.54 18.83 -7.14
N HIS D 340 22.29 17.86 -7.66
CA HIS D 340 23.57 18.07 -8.37
C HIS D 340 23.30 18.22 -9.87
N GLY D 341 22.10 17.88 -10.35
CA GLY D 341 21.73 18.01 -11.78
C GLY D 341 21.75 16.68 -12.50
N GLY D 342 21.84 15.58 -11.75
CA GLY D 342 21.78 14.23 -12.37
C GLY D 342 20.48 14.07 -13.13
N SER D 343 20.47 13.28 -14.20
CA SER D 343 19.30 13.15 -15.11
C SER D 343 18.15 12.43 -14.41
N ASN D 344 18.43 11.30 -13.77
CA ASN D 344 17.36 10.54 -13.07
C ASN D 344 16.74 11.40 -11.98
N SER D 345 17.55 12.15 -11.24
CA SER D 345 17.06 13.07 -10.16
C SER D 345 16.20 14.18 -10.76
N LEU D 346 16.60 14.73 -11.88
CA LEU D 346 15.86 15.80 -12.62
C LEU D 346 14.48 15.25 -12.95
N ILE D 347 14.43 14.07 -13.57
CA ILE D 347 13.16 13.49 -14.08
C ILE D 347 12.30 13.07 -12.89
N GLU D 348 12.89 12.43 -11.88
CA GLU D 348 12.20 12.01 -10.63
C GLU D 348 11.57 13.24 -9.94
N GLY D 349 12.34 14.31 -9.82
CA GLY D 349 11.90 15.58 -9.22
C GLY D 349 10.77 16.21 -9.99
N LEU D 350 10.89 16.33 -11.31
CA LEU D 350 9.87 17.05 -12.12
C LEU D 350 8.61 16.21 -12.20
N THR D 351 8.74 14.89 -12.25
CA THR D 351 7.57 13.98 -12.21
C THR D 351 6.80 14.24 -10.90
N ALA D 352 7.50 14.36 -9.77
CA ALA D 352 6.90 14.68 -8.46
C ALA D 352 6.38 16.13 -8.40
N GLY D 353 6.78 16.96 -9.35
CA GLY D 353 6.28 18.35 -9.42
C GLY D 353 7.01 19.27 -8.49
N LYS D 354 8.29 19.01 -8.23
CA LYS D 354 9.12 19.82 -7.27
C LYS D 354 10.10 20.68 -8.05
N PRO D 355 10.23 21.97 -7.70
CA PRO D 355 11.25 22.82 -8.29
C PRO D 355 12.65 22.47 -7.76
N LEU D 356 13.70 22.85 -8.49
CA LEU D 356 15.09 22.36 -8.30
C LEU D 356 16.07 23.49 -8.10
N ILE D 357 16.97 23.36 -7.14
CA ILE D 357 18.24 24.15 -7.09
C ILE D 357 19.35 23.18 -7.46
N ALA D 358 19.92 23.37 -8.67
CA ALA D 358 20.98 22.52 -9.24
C ALA D 358 22.36 23.13 -8.89
N ILE D 359 23.22 22.34 -8.26
CA ILE D 359 24.65 22.64 -8.00
C ILE D 359 25.49 21.65 -8.79
N PRO D 360 25.69 21.88 -10.11
CA PRO D 360 26.28 20.88 -11.00
C PRO D 360 27.75 20.60 -10.63
N GLN D 361 28.15 19.34 -10.74
CA GLN D 361 29.51 18.93 -10.31
C GLN D 361 30.36 18.62 -11.55
N PHE D 362 29.83 17.79 -12.45
CA PHE D 362 30.59 17.31 -13.63
C PHE D 362 29.63 16.80 -14.71
N GLY D 363 30.02 16.97 -15.97
CA GLY D 363 29.40 16.25 -17.10
C GLY D 363 28.00 16.73 -17.43
N ASP D 364 27.10 15.79 -17.71
CA ASP D 364 25.72 16.07 -18.13
C ASP D 364 25.08 17.00 -17.10
N GLN D 365 25.58 16.95 -15.86
CA GLN D 365 24.99 17.77 -14.77
C GLN D 365 24.98 19.26 -15.15
N LEU D 366 26.03 19.77 -15.80
CA LEU D 366 26.10 21.20 -16.22
C LEU D 366 25.02 21.45 -17.28
N ASP D 367 24.77 20.50 -18.19
CA ASP D 367 23.78 20.69 -19.28
C ASP D 367 22.38 20.74 -18.66
N ASN D 368 22.11 19.82 -17.73
CA ASN D 368 20.82 19.70 -17.01
C ASN D 368 20.62 20.96 -16.15
N ALA D 369 21.63 21.44 -15.44
CA ALA D 369 21.50 22.64 -14.57
C ALA D 369 21.09 23.82 -15.44
N GLN D 370 21.73 23.99 -16.59
CA GLN D 370 21.46 25.15 -17.47
C GLN D 370 20.05 25.01 -18.06
N ARG D 371 19.63 23.78 -18.32
CA ARG D 371 18.26 23.53 -18.84
C ARG D 371 17.21 23.90 -17.78
N ILE D 372 17.46 23.59 -16.53
CA ILE D 372 16.58 23.94 -15.39
C ILE D 372 16.44 25.47 -15.36
N ALA D 373 17.56 26.20 -15.44
CA ALA D 373 17.61 27.69 -15.45
C ALA D 373 16.87 28.22 -16.68
N ASP D 374 17.20 27.73 -17.87
CA ASP D 374 16.73 28.25 -19.18
C ASP D 374 15.21 28.11 -19.28
N LEU D 375 14.63 27.11 -18.62
CA LEU D 375 13.21 26.73 -18.82
C LEU D 375 12.38 27.02 -17.55
N GLY D 376 12.95 27.74 -16.59
CA GLY D 376 12.21 28.24 -15.41
C GLY D 376 11.74 27.14 -14.47
N LEU D 377 12.57 26.12 -14.27
CA LEU D 377 12.24 24.95 -13.41
C LEU D 377 13.02 25.04 -12.09
N GLY D 378 13.68 26.19 -11.86
CA GLY D 378 14.53 26.40 -10.68
C GLY D 378 15.75 27.25 -11.00
N VAL D 379 16.80 27.12 -10.17
CA VAL D 379 18.03 27.96 -10.28
C VAL D 379 19.26 27.06 -10.43
N ARG D 380 20.30 27.55 -11.13
CA ARG D 380 21.65 26.94 -11.14
C ARG D 380 22.53 27.78 -10.20
N LEU D 381 23.25 27.12 -9.30
CA LEU D 381 24.30 27.71 -8.44
C LEU D 381 25.61 27.00 -8.76
N ASN D 382 26.61 27.74 -9.22
CA ASN D 382 27.94 27.23 -9.55
C ASN D 382 28.77 27.19 -8.25
N LEU D 383 29.65 26.20 -8.13
CA LEU D 383 30.35 25.91 -6.85
C LEU D 383 31.38 27.02 -6.58
N HIS D 384 31.93 27.61 -7.64
CA HIS D 384 32.96 28.68 -7.47
C HIS D 384 32.30 29.91 -6.86
N GLU D 385 31.10 30.23 -7.35
CA GLU D 385 30.34 31.41 -6.86
C GLU D 385 29.63 31.05 -5.56
N PHE D 386 29.73 29.79 -5.13
CA PHE D 386 28.89 29.25 -4.04
C PHE D 386 29.11 30.09 -2.78
N SER D 387 28.01 30.37 -2.08
CA SER D 387 28.04 30.89 -0.69
C SER D 387 26.77 30.43 0.04
N GLY D 388 26.83 30.34 1.35
CA GLY D 388 25.62 30.20 2.18
C GLY D 388 24.62 31.30 1.89
N GLU D 389 25.09 32.56 1.80
CA GLU D 389 24.15 33.67 1.55
C GLU D 389 23.35 33.35 0.28
N LYS D 390 24.03 32.95 -0.80
CA LYS D 390 23.38 32.77 -2.13
C LYS D 390 22.47 31.53 -2.10
N LEU D 391 22.88 30.47 -1.40
CA LEU D 391 22.09 29.22 -1.28
C LEU D 391 20.82 29.52 -0.50
N LEU D 392 20.92 30.19 0.64
CA LEU D 392 19.75 30.51 1.51
C LEU D 392 18.75 31.41 0.77
N LYS D 393 19.25 32.34 -0.05
CA LYS D 393 18.41 33.24 -0.88
C LYS D 393 17.75 32.44 -2.02
N ALA D 394 18.53 31.58 -2.70
CA ALA D 394 17.99 30.69 -3.76
C ALA D 394 16.80 29.89 -3.23
N ILE D 395 16.89 29.41 -1.99
CA ILE D 395 15.83 28.59 -1.35
C ILE D 395 14.58 29.45 -1.22
N GLU D 396 14.69 30.67 -0.64
CA GLU D 396 13.54 31.57 -0.38
C GLU D 396 12.93 31.95 -1.72
N ASP D 397 13.76 32.36 -2.68
CA ASP D 397 13.29 32.83 -4.02
C ASP D 397 12.49 31.72 -4.69
N VAL D 398 12.97 30.48 -4.71
CA VAL D 398 12.33 29.38 -5.48
C VAL D 398 11.08 28.85 -4.75
N LEU D 399 11.11 28.77 -3.42
CA LEU D 399 9.92 28.40 -2.60
C LEU D 399 8.73 29.32 -2.90
N ASN D 400 8.99 30.62 -3.13
CA ASN D 400 7.96 31.69 -3.21
C ASN D 400 7.65 32.08 -4.67
N ASP D 401 8.36 31.56 -5.67
CA ASP D 401 8.25 31.96 -7.10
C ASP D 401 7.09 31.17 -7.74
N GLU D 402 5.96 31.83 -7.98
CA GLU D 402 4.72 31.22 -8.50
C GLU D 402 4.95 30.80 -9.96
N LYS D 403 5.76 31.56 -10.71
CA LYS D 403 6.04 31.30 -12.15
C LYS D 403 6.78 29.97 -12.26
N ILE D 404 7.84 29.78 -11.47
CA ILE D 404 8.62 28.50 -11.45
C ILE D 404 7.69 27.36 -11.02
N ASN D 405 6.94 27.52 -9.92
CA ASN D 405 6.05 26.46 -9.39
C ASN D 405 4.97 26.10 -10.42
N ALA D 406 4.51 27.05 -11.23
CA ALA D 406 3.57 26.82 -12.37
C ALA D 406 4.26 26.03 -13.50
N ASN D 407 5.46 26.45 -13.93
CA ASN D 407 6.23 25.77 -15.00
C ASN D 407 6.47 24.30 -14.62
N VAL D 408 6.86 24.05 -13.38
CA VAL D 408 7.18 22.68 -12.87
C VAL D 408 5.92 21.83 -12.95
N ALA D 409 4.79 22.35 -12.46
CA ALA D 409 3.47 21.65 -12.47
C ALA D 409 3.10 21.27 -13.90
N ARG D 410 3.31 22.17 -14.86
CA ARG D 410 3.06 21.99 -16.32
C ARG D 410 3.85 20.79 -16.82
N VAL D 411 5.18 20.80 -16.57
CA VAL D 411 6.12 19.73 -17.02
C VAL D 411 5.76 18.44 -16.28
N SER D 412 5.47 18.55 -14.99
CA SER D 412 5.03 17.41 -14.16
C SER D 412 3.87 16.71 -14.88
N GLU D 413 2.89 17.48 -15.35
CA GLU D 413 1.67 16.93 -15.99
C GLU D 413 2.05 16.28 -17.31
N GLU D 414 2.94 16.90 -18.11
CA GLU D 414 3.38 16.35 -19.42
C GLU D 414 4.04 14.98 -19.19
N LEU D 415 4.82 14.87 -18.12
CA LEU D 415 5.55 13.63 -17.76
C LEU D 415 4.58 12.52 -17.32
N LYS D 416 3.63 12.84 -16.43
CA LYS D 416 2.63 11.87 -15.89
C LYS D 416 1.70 11.38 -17.00
N LYS D 417 1.31 12.24 -17.94
CA LYS D 417 0.32 11.86 -18.99
C LYS D 417 1.00 11.17 -20.18
N SER D 418 2.30 11.30 -20.29
CA SER D 418 3.09 10.75 -21.44
C SER D 418 2.70 9.31 -21.77
N ASP D 419 2.64 9.00 -23.06
CA ASP D 419 2.41 7.64 -23.63
C ASP D 419 3.55 7.30 -24.59
N SER D 420 4.69 8.00 -24.46
CA SER D 420 5.95 7.73 -25.19
C SER D 420 6.31 6.25 -25.05
N LYS D 421 6.01 5.63 -23.92
CA LYS D 421 6.36 4.21 -23.66
C LYS D 421 5.73 3.30 -24.71
N ASP D 422 4.58 3.67 -25.31
CA ASP D 422 3.78 2.75 -26.17
C ASP D 422 4.56 2.49 -27.46
N LYS D 423 4.98 3.58 -28.14
CA LYS D 423 5.80 3.54 -29.38
C LYS D 423 7.10 2.77 -29.10
N VAL D 424 7.79 3.12 -28.01
CA VAL D 424 9.12 2.56 -27.65
C VAL D 424 8.98 1.05 -27.46
N ILE D 425 7.99 0.59 -26.73
CA ILE D 425 7.81 -0.87 -26.51
C ILE D 425 7.58 -1.57 -27.86
N SER D 426 6.78 -0.99 -28.77
CA SER D 426 6.49 -1.60 -30.11
C SER D 426 7.80 -1.80 -30.89
N LEU D 427 8.61 -0.74 -30.96
CA LEU D 427 9.94 -0.76 -31.63
C LEU D 427 10.85 -1.85 -31.01
N ILE D 428 10.91 -1.99 -29.69
CA ILE D 428 11.78 -3.02 -29.06
C ILE D 428 11.30 -4.41 -29.51
N GLU D 429 9.98 -4.63 -29.48
CA GLU D 429 9.35 -5.91 -29.84
C GLU D 429 9.54 -6.18 -31.34
N LYS D 430 9.31 -5.17 -32.20
CA LYS D 430 9.50 -5.28 -33.68
C LYS D 430 10.95 -5.69 -33.95
N LEU D 431 11.91 -4.98 -33.33
CA LEU D 431 13.35 -5.22 -33.58
C LEU D 431 13.73 -6.63 -33.13
N ALA D 432 13.23 -7.03 -31.97
CA ALA D 432 13.47 -8.35 -31.37
C ALA D 432 12.94 -9.44 -32.30
N ARG D 433 11.75 -9.24 -32.88
CA ARG D 433 11.08 -10.23 -33.77
C ARG D 433 11.70 -10.21 -35.17
N ASP D 434 11.78 -9.03 -35.81
CA ASP D 434 12.13 -8.90 -37.24
C ASP D 434 13.66 -8.87 -37.45
N LYS D 435 14.43 -8.45 -36.44
CA LYS D 435 15.92 -8.25 -36.46
C LYS D 435 16.28 -6.97 -37.24
N LYS D 436 15.29 -6.22 -37.73
CA LYS D 436 15.46 -4.95 -38.49
C LYS D 436 14.25 -4.05 -38.22
N LEU D 437 14.41 -2.73 -38.34
CA LEU D 437 13.30 -1.74 -38.31
C LEU D 437 13.07 -1.18 -39.73
N1 UDP E . -18.86 11.08 -7.73
C2 UDP E . -18.09 10.09 -7.14
N3 UDP E . -18.03 8.91 -7.84
C4 UDP E . -18.65 8.64 -9.05
C5 UDP E . -19.41 9.71 -9.59
C6 UDP E . -19.49 10.87 -8.93
O2 UDP E . -17.52 10.24 -6.08
O4 UDP E . -18.49 7.52 -9.56
C1' UDP E . -18.96 12.36 -7.01
C2' UDP E . -17.91 13.37 -7.47
O2' UDP E . -16.71 13.15 -6.75
C3' UDP E . -18.59 14.70 -7.11
C4' UDP E . -20.09 14.40 -7.29
O4' UDP E . -20.20 12.94 -7.30
O3' UDP E . -18.32 15.09 -5.77
C5' UDP E . -20.71 14.96 -8.54
O5' UDP E . -20.88 16.39 -8.37
PA UDP E . -21.06 17.30 -9.68
O1A UDP E . -19.83 17.19 -10.53
O2A UDP E . -21.52 18.66 -9.29
O3A UDP E . -22.26 16.53 -10.43
PB UDP E . -23.86 16.50 -10.25
O1B UDP E . -24.34 15.31 -11.02
O2B UDP E . -24.36 17.81 -10.81
O3B UDP E . -24.11 16.37 -8.77
C1 KMP F . -36.55 17.95 -10.47
C2 KMP F . -35.96 18.87 -11.31
C3 KMP F . -34.60 19.21 -11.16
C4 KMP F . -33.89 18.58 -10.13
C5 KMP F . -34.45 17.66 -9.27
C6 KMP F . -35.79 17.35 -9.46
C9 KMP F . -33.92 20.18 -12.01
C10 KMP F . -32.53 20.41 -11.72
C11 KMP F . -31.89 19.76 -10.70
C14 KMP F . -30.48 19.94 -10.32
C15 KMP F . -29.68 20.91 -10.93
C16 KMP F . -28.37 21.09 -10.56
C17 KMP F . -27.82 20.28 -9.57
C18 KMP F . -28.60 19.32 -8.95
C19 KMP F . -29.91 19.16 -9.32
O12 KMP F . -32.57 18.87 -9.93
O13 KMP F . -34.48 20.78 -12.95
O24 KMP F . -26.51 20.46 -9.19
O27 KMP F . -31.88 21.32 -12.52
O29 KMP F . -36.39 16.43 -8.63
O30 KMP F . -36.67 19.47 -12.31
S SO4 G . -21.49 9.02 -35.35
O1 SO4 G . -20.11 9.40 -35.33
O2 SO4 G . -21.58 7.60 -35.52
O3 SO4 G . -22.16 9.68 -36.44
O4 SO4 G . -22.11 9.41 -34.11
O UNL H . -27.44 6.83 -7.50
O UNL I . -26.63 6.42 -5.28
O UNL J . -25.61 8.51 -7.37
O UNL K . -29.37 5.61 -7.12
O UNL L . -25.28 3.73 -8.27
O UNL M . -24.90 2.77 -5.92
O UNL N . -29.78 -1.91 -6.59
O UNL O . -25.45 -1.34 -5.34
C1 KMP P . -35.56 -21.00 -4.40
C2 KMP P . -35.13 -21.84 -3.40
C3 KMP P . -33.83 -21.71 -2.85
C4 KMP P . -33.02 -20.69 -3.36
C5 KMP P . -33.43 -19.83 -4.36
C6 KMP P . -34.70 -20.00 -4.87
C9 KMP P . -33.33 -22.57 -1.79
C10 KMP P . -31.99 -22.30 -1.35
C11 KMP P . -31.24 -21.28 -1.88
C14 KMP P . -29.86 -20.95 -1.49
C15 KMP P . -29.15 -19.96 -2.16
C16 KMP P . -27.86 -19.65 -1.81
C17 KMP P . -27.23 -20.34 -0.78
C18 KMP P . -27.92 -21.34 -0.11
C19 KMP P . -29.22 -21.64 -0.47
O12 KMP P . -31.76 -20.50 -2.88
O13 KMP P . -34.00 -23.49 -1.29
O24 KMP P . -25.94 -20.04 -0.42
O27 KMP P . -31.47 -23.08 -0.34
O29 KMP P . -35.14 -19.17 -5.87
O30 KMP P . -35.93 -22.84 -2.90
N1 UDP Q . -18.64 -9.77 2.36
C2 UDP Q . -17.92 -8.60 2.18
N3 UDP Q . -18.46 -7.49 2.77
C4 UDP Q . -19.63 -7.43 3.51
C5 UDP Q . -20.32 -8.68 3.65
C6 UDP Q . -19.81 -9.78 3.09
O2 UDP Q . -16.88 -8.55 1.54
O4 UDP Q . -19.99 -6.34 3.98
C1' UDP Q . -18.11 -10.99 1.75
C2' UDP Q . -17.22 -11.79 2.70
O2' UDP Q . -15.91 -11.29 2.63
C3' UDP Q . -17.36 -13.21 2.13
C4' UDP Q . -18.78 -13.23 1.54
O4' UDP Q . -19.18 -11.84 1.42
O3' UDP Q . -16.38 -13.47 1.13
C5' UDP Q . -19.81 -13.98 2.33
O5' UDP Q . -19.64 -15.41 2.09
PA UDP Q . -19.84 -16.43 3.31
O1A UDP Q . -19.52 -17.82 2.84
O2A UDP Q . -19.12 -15.91 4.50
O3A UDP Q . -21.41 -16.33 3.57
PB UDP Q . -22.72 -16.32 2.62
O1B UDP Q . -22.42 -17.28 1.49
O2B UDP Q . -23.85 -16.79 3.49
O3B UDP Q . -22.88 -14.90 2.15
S SO4 R . -34.94 -10.52 25.24
O1 SO4 R . -35.15 -11.16 23.97
O2 SO4 R . -34.91 -11.51 26.27
O3 SO4 R . -33.69 -9.81 25.22
O4 SO4 R . -36.01 -9.59 25.50
O UNL S . -25.25 1.63 -3.33
O UNL T . -27.23 -0.07 -4.76
O UNL U . -29.91 0.25 -4.50
O UNL V . -24.95 -2.89 -3.32
O UNL W . -26.02 -3.92 -1.13
C1 KMP X . 38.42 -8.75 19.69
C2 KMP X . 37.97 -9.93 20.22
C3 KMP X . 36.58 -10.15 20.39
C4 KMP X . 35.71 -9.14 20.00
C5 KMP X . 36.14 -7.94 19.44
C6 KMP X . 37.51 -7.76 19.30
C9 KMP X . 36.03 -11.37 20.95
C10 KMP X . 34.60 -11.45 21.05
C11 KMP X . 33.81 -10.42 20.63
C14 KMP X . 32.33 -10.38 20.71
C15 KMP X . 31.61 -11.46 21.23
C16 KMP X . 30.24 -11.41 21.32
C17 KMP X . 29.55 -10.28 20.89
C18 KMP X . 30.25 -9.21 20.37
C19 KMP X . 31.63 -9.26 20.30
O12 KMP X . 34.37 -9.28 20.12
O13 KMP X . 36.75 -12.33 21.34
O24 KMP X . 28.18 -10.25 20.97
O27 KMP X . 34.04 -12.58 21.57
O29 KMP X . 37.97 -6.58 18.77
O30 KMP X . 38.84 -10.91 20.62
N1 UDP Y . 18.56 -7.72 11.87
C2 UDP Y . 17.82 -6.98 10.98
N3 UDP Y . 17.96 -7.36 9.66
C4 UDP Y . 18.73 -8.39 9.18
C5 UDP Y . 19.48 -9.11 10.18
C6 UDP Y . 19.36 -8.75 11.46
O2 UDP Y . 17.10 -6.05 11.31
O4 UDP Y . 18.75 -8.61 7.97
C1' UDP Y . 18.45 -7.35 13.30
C2' UDP Y . 17.41 -8.16 14.05
O2' UDP Y . 16.14 -7.58 13.89
C3' UDP Y . 17.93 -8.07 15.49
C4' UDP Y . 19.46 -7.97 15.32
O4' UDP Y . 19.69 -7.61 13.92
O3' UDP Y . 17.42 -6.94 16.18
C5' UDP Y . 20.25 -9.21 15.66
O5' UDP Y . 20.35 -9.33 17.09
PA UDP Y . 20.40 -10.79 17.75
O1A UDP Y . 19.34 -11.64 17.14
O2A UDP Y . 20.41 -10.65 19.24
O3A UDP Y . 21.82 -11.33 17.26
PB UDP Y . 23.29 -10.69 17.09
O1B UDP Y . 24.25 -11.85 17.20
O2B UDP Y . 23.45 -9.70 18.21
O3B UDP Y . 23.30 -10.05 15.74
N1 UDP Z . 19.31 7.71 -5.48
C2 UDP Z . 18.47 7.20 -4.50
N3 UDP Z . 18.78 7.57 -3.22
C4 UDP Z . 19.82 8.38 -2.82
C5 UDP Z . 20.64 8.88 -3.89
C6 UDP Z . 20.37 8.53 -5.15
O2 UDP Z . 17.53 6.47 -4.77
O4 UDP Z . 19.96 8.62 -1.62
C1' UDP Z . 19.02 7.34 -6.87
C2' UDP Z . 18.14 8.36 -7.59
O2' UDP Z . 16.79 8.10 -7.32
C3' UDP Z . 18.52 8.10 -9.05
C4' UDP Z . 20.01 7.73 -8.96
O4' UDP Z . 20.23 7.29 -7.59
O3' UDP Z . 17.76 7.04 -9.61
C5' UDP Z . 20.98 8.84 -9.29
O5' UDP Z . 20.89 9.14 -10.70
PA UDP Z . 21.22 10.63 -11.20
O1A UDP Z . 21.38 10.64 -12.68
O2A UDP Z . 20.24 11.58 -10.59
O3A UDP Z . 22.66 10.89 -10.51
PB UDP Z . 24.14 10.29 -10.76
O1B UDP Z . 24.02 8.80 -10.64
O2B UDP Z . 24.54 10.74 -12.14
O3B UDP Z . 25.00 10.90 -9.68
#